data_6K9Y
#
_entry.id   6K9Y
#
_cell.length_a   67.155
_cell.length_b   131.720
_cell.length_c   174.027
_cell.angle_alpha   90.000
_cell.angle_beta   90.000
_cell.angle_gamma   90.000
#
_symmetry.space_group_name_H-M   'P 21 21 21'
#
loop_
_entity.id
_entity.type
_entity.pdbx_description
1 polymer 'Synaptic vesicle membrane protein VAT-1 homolog'
2 non-polymer 'NITRATE ION'
3 water water
#
_entity_poly.entity_id   1
_entity_poly.type   'polypeptide(L)'
_entity_poly.pdbx_seq_one_letter_code
;GPHMAAASPPLLRCLVLTGFGGYDKVKLQSRPAAPPAPGPGQLTLRLRACGLNFADLMARQGLYDRLPPLPVTPGMEGAG
VVIAVGEGVSDRKAGDRVMVLNRSGMWQEEVTVPSVQTFLIPEAMTFEEAAALLVNYITAYMVLFDFGNLQPGHSVLVHM
AAGGVGMAAVQLCRTVENVTVFGTASASKHEALKENGVTHPIDYHTTDYVDEIKKISPKGVDIVMDPLGGSDTAKGYNLL
KPMGKVVTYGMANLLTGPKRNLMALARTWWNQFSVTALQLLQANRAVCGFHLGYLDGEVELVSGVVARLLALYNQGHIKP
HIDSVWPFEKVADAMKQMQEKKNVGKVLLVPGPEKEN
;
_entity_poly.pdbx_strand_id   A,B,C,D
#
loop_
_chem_comp.id
_chem_comp.type
_chem_comp.name
_chem_comp.formula
NO3 non-polymer 'NITRATE ION' 'N O3 -1'
#
# COMPACT_ATOMS: atom_id res chain seq x y z
N PRO A 10 -55.45 4.77 4.05
CA PRO A 10 -54.66 3.51 4.22
C PRO A 10 -53.21 3.78 4.62
N LEU A 11 -52.42 2.71 4.71
CA LEU A 11 -51.01 2.82 5.10
C LEU A 11 -50.07 2.16 4.08
N LEU A 12 -48.93 2.82 3.85
CA LEU A 12 -47.93 2.31 2.92
C LEU A 12 -46.79 1.72 3.74
N ARG A 13 -46.33 0.53 3.37
CA ARG A 13 -45.25 -0.10 4.12
C ARG A 13 -43.85 0.11 3.54
N CYS A 14 -42.85 -0.08 4.38
CA CYS A 14 -41.46 0.10 3.99
C CYS A 14 -40.47 -0.48 5.01
N LEU A 15 -39.30 -0.84 4.52
CA LEU A 15 -38.26 -1.38 5.38
C LEU A 15 -37.28 -0.26 5.74
N VAL A 16 -36.85 -0.24 6.99
CA VAL A 16 -35.96 0.80 7.48
C VAL A 16 -34.73 0.27 8.19
N LEU A 17 -33.56 0.72 7.74
CA LEU A 17 -32.31 0.33 8.39
C LEU A 17 -32.16 1.41 9.47
N THR A 18 -32.12 0.98 10.73
CA THR A 18 -32.04 1.91 11.86
C THR A 18 -30.69 1.95 12.54
N GLY A 19 -29.81 1.02 12.14
CA GLY A 19 -28.48 0.96 12.69
C GLY A 19 -27.66 -0.08 11.96
N PHE A 20 -26.38 -0.16 12.26
CA PHE A 20 -25.52 -1.14 11.61
C PHE A 20 -25.33 -2.37 12.49
N GLY A 21 -25.41 -3.56 11.89
CA GLY A 21 -25.25 -4.78 12.66
C GLY A 21 -25.86 -6.01 12.01
N GLY A 22 -26.56 -6.81 12.81
CA GLY A 22 -27.17 -8.02 12.28
C GLY A 22 -28.43 -7.79 11.45
N TYR A 23 -29.08 -8.90 11.10
CA TYR A 23 -30.30 -8.88 10.29
C TYR A 23 -31.46 -8.15 10.96
N ASP A 24 -31.46 -8.16 12.29
CA ASP A 24 -32.50 -7.51 13.09
C ASP A 24 -32.50 -5.98 13.01
N LYS A 25 -31.51 -5.42 12.32
CA LYS A 25 -31.40 -3.97 12.18
C LYS A 25 -32.31 -3.38 11.13
N VAL A 26 -32.90 -4.23 10.32
CA VAL A 26 -33.84 -3.80 9.27
C VAL A 26 -35.22 -3.97 9.89
N LYS A 27 -35.95 -2.87 10.04
CA LYS A 27 -37.28 -2.91 10.64
C LYS A 27 -38.40 -2.59 9.65
N LEU A 28 -39.54 -3.25 9.80
CA LEU A 28 -40.68 -2.97 8.94
C LEU A 28 -41.47 -1.84 9.60
N GLN A 29 -41.69 -0.75 8.87
CA GLN A 29 -42.43 0.38 9.41
C GLN A 29 -43.55 0.77 8.45
N SER A 30 -44.49 1.57 8.93
CA SER A 30 -45.62 2.00 8.12
C SER A 30 -45.64 3.52 7.97
N ARG A 31 -46.60 4.01 7.20
CA ARG A 31 -46.73 5.44 6.96
C ARG A 31 -48.05 5.69 6.23
N PRO A 32 -48.71 6.82 6.53
CA PRO A 32 -49.99 7.13 5.87
C PRO A 32 -49.85 7.42 4.37
N ALA A 33 -50.65 6.72 3.57
CA ALA A 33 -50.62 6.90 2.13
C ALA A 33 -51.21 8.26 1.74
N ALA A 34 -50.34 9.20 1.37
CA ALA A 34 -50.80 10.52 0.98
C ALA A 34 -50.93 10.59 -0.54
N PRO A 35 -51.80 11.48 -1.05
CA PRO A 35 -51.98 11.61 -2.49
C PRO A 35 -50.68 11.97 -3.22
N PRO A 36 -50.41 11.30 -4.35
CA PRO A 36 -49.22 11.52 -5.17
C PRO A 36 -49.07 12.95 -5.73
N ALA A 37 -47.91 13.55 -5.51
CA ALA A 37 -47.64 14.90 -6.00
C ALA A 37 -46.17 15.07 -6.36
N PRO A 38 -45.67 14.27 -7.32
CA PRO A 38 -44.27 14.33 -7.76
C PRO A 38 -43.94 15.65 -8.44
N GLY A 39 -42.78 16.21 -8.11
CA GLY A 39 -42.39 17.47 -8.72
C GLY A 39 -42.09 17.33 -10.21
N PRO A 40 -41.43 18.32 -10.81
CA PRO A 40 -41.08 18.28 -12.24
C PRO A 40 -40.00 17.24 -12.57
N GLY A 41 -40.26 16.44 -13.61
CA GLY A 41 -39.31 15.43 -14.04
C GLY A 41 -39.24 14.22 -13.10
N GLN A 42 -40.17 14.17 -12.15
CA GLN A 42 -40.20 13.09 -11.18
C GLN A 42 -41.40 12.18 -11.41
N LEU A 43 -41.26 10.94 -10.98
CA LEU A 43 -42.31 9.93 -11.10
C LEU A 43 -42.61 9.31 -9.74
N THR A 44 -43.85 8.92 -9.53
CA THR A 44 -44.24 8.26 -8.30
C THR A 44 -44.79 6.93 -8.75
N LEU A 45 -44.37 5.86 -8.10
CA LEU A 45 -44.84 4.56 -8.50
C LEU A 45 -45.04 3.61 -7.32
N ARG A 46 -45.81 2.56 -7.56
CA ARG A 46 -46.06 1.54 -6.54
C ARG A 46 -45.25 0.31 -6.93
N LEU A 47 -44.41 -0.16 -6.02
CA LEU A 47 -43.57 -1.31 -6.32
C LEU A 47 -44.25 -2.66 -6.10
N ARG A 48 -43.89 -3.63 -6.95
CA ARG A 48 -44.44 -4.97 -6.88
C ARG A 48 -43.33 -5.94 -6.46
N ALA A 49 -42.08 -5.57 -6.75
CA ALA A 49 -40.94 -6.40 -6.41
C ALA A 49 -39.69 -5.56 -6.19
N CYS A 50 -38.87 -5.98 -5.24
CA CYS A 50 -37.65 -5.25 -4.90
C CYS A 50 -36.48 -6.22 -4.91
N GLY A 51 -35.34 -5.77 -5.42
CA GLY A 51 -34.18 -6.63 -5.49
C GLY A 51 -33.24 -6.58 -4.29
N LEU A 52 -32.66 -7.72 -3.98
CA LEU A 52 -31.71 -7.82 -2.90
C LEU A 52 -30.33 -8.00 -3.54
N ASN A 53 -29.38 -7.16 -3.15
CA ASN A 53 -28.02 -7.21 -3.69
C ASN A 53 -26.97 -7.32 -2.59
N PHE A 54 -25.80 -7.82 -2.95
CA PHE A 54 -24.74 -7.95 -1.96
C PHE A 54 -24.37 -6.59 -1.37
N ALA A 55 -24.55 -5.54 -2.16
CA ALA A 55 -24.25 -4.19 -1.72
C ALA A 55 -25.17 -3.81 -0.55
N ASP A 56 -26.31 -4.48 -0.47
CA ASP A 56 -27.26 -4.20 0.62
C ASP A 56 -26.75 -4.78 1.92
N LEU A 57 -26.11 -5.95 1.84
CA LEU A 57 -25.54 -6.55 3.03
C LEU A 57 -24.37 -5.70 3.49
N MET A 58 -23.64 -5.15 2.52
CA MET A 58 -22.50 -4.30 2.80
C MET A 58 -22.98 -3.02 3.47
N ALA A 59 -24.11 -2.51 3.00
CA ALA A 59 -24.66 -1.28 3.55
C ALA A 59 -25.05 -1.51 4.99
N ARG A 60 -25.73 -2.63 5.24
CA ARG A 60 -26.21 -2.98 6.57
C ARG A 60 -25.14 -3.13 7.65
N GLN A 61 -23.88 -3.33 7.26
CA GLN A 61 -22.81 -3.46 8.25
C GLN A 61 -21.93 -2.21 8.31
N GLY A 62 -22.39 -1.14 7.67
CA GLY A 62 -21.64 0.11 7.68
C GLY A 62 -20.36 0.15 6.86
N LEU A 63 -20.30 -0.61 5.77
CA LEU A 63 -19.13 -0.64 4.91
C LEU A 63 -19.32 0.19 3.62
N TYR A 64 -20.53 0.70 3.42
CA TYR A 64 -20.83 1.51 2.24
C TYR A 64 -20.58 3.00 2.46
N ASP A 65 -19.52 3.49 1.84
CA ASP A 65 -19.10 4.88 1.93
C ASP A 65 -20.16 5.91 1.55
N ARG A 66 -21.24 5.49 0.91
CA ARG A 66 -22.22 6.49 0.49
C ARG A 66 -23.69 6.17 0.71
N LEU A 67 -23.97 5.55 1.84
CA LEU A 67 -25.34 5.23 2.22
C LEU A 67 -25.81 6.49 2.96
N PRO A 68 -26.97 7.06 2.57
CA PRO A 68 -27.45 8.28 3.24
C PRO A 68 -27.57 8.14 4.76
N PRO A 69 -27.72 9.27 5.47
CA PRO A 69 -27.84 9.24 6.94
C PRO A 69 -28.94 8.36 7.52
N LEU A 70 -28.56 7.51 8.46
CA LEU A 70 -29.48 6.61 9.13
C LEU A 70 -30.44 7.41 10.02
N PRO A 71 -31.68 6.94 10.20
CA PRO A 71 -32.21 5.70 9.62
C PRO A 71 -32.68 5.95 8.18
N VAL A 72 -32.57 4.92 7.33
CA VAL A 72 -32.95 5.05 5.92
C VAL A 72 -33.49 3.73 5.33
N THR A 73 -34.31 3.85 4.29
CA THR A 73 -34.86 2.68 3.60
C THR A 73 -33.81 2.29 2.56
N PRO A 74 -33.32 1.03 2.62
CA PRO A 74 -32.31 0.54 1.68
C PRO A 74 -32.93 0.05 0.36
N GLY A 75 -32.13 -0.64 -0.45
CA GLY A 75 -32.59 -1.15 -1.74
C GLY A 75 -32.22 -0.29 -2.95
N MET A 76 -31.60 -0.89 -3.95
CA MET A 76 -31.17 -0.18 -5.17
C MET A 76 -32.05 -0.40 -6.40
N GLU A 77 -32.87 -1.45 -6.40
CA GLU A 77 -33.72 -1.75 -7.55
C GLU A 77 -35.10 -2.29 -7.22
N GLY A 78 -36.05 -1.98 -8.09
CA GLY A 78 -37.41 -2.45 -7.93
C GLY A 78 -38.13 -2.36 -9.26
N ALA A 79 -39.34 -2.91 -9.32
CA ALA A 79 -40.14 -2.88 -10.53
C ALA A 79 -41.58 -2.65 -10.12
N GLY A 80 -42.30 -1.81 -10.86
CA GLY A 80 -43.67 -1.56 -10.49
C GLY A 80 -44.45 -0.75 -11.50
N VAL A 81 -45.49 -0.08 -11.00
CA VAL A 81 -46.36 0.70 -11.86
C VAL A 81 -46.32 2.17 -11.50
N VAL A 82 -46.46 3.00 -12.52
CA VAL A 82 -46.45 4.44 -12.34
C VAL A 82 -47.86 4.89 -11.98
N ILE A 83 -48.00 5.68 -10.91
CA ILE A 83 -49.31 6.18 -10.53
C ILE A 83 -49.39 7.69 -10.72
N ALA A 84 -48.23 8.33 -10.87
CA ALA A 84 -48.19 9.78 -11.06
C ALA A 84 -46.91 10.25 -11.73
N VAL A 85 -47.05 11.22 -12.64
CA VAL A 85 -45.92 11.79 -13.36
C VAL A 85 -45.87 13.31 -13.16
N GLY A 86 -44.67 13.83 -12.89
CA GLY A 86 -44.52 15.26 -12.69
C GLY A 86 -44.50 16.03 -13.99
N GLU A 87 -44.34 17.35 -13.89
CA GLU A 87 -44.31 18.22 -15.06
C GLU A 87 -43.04 18.01 -15.88
N GLY A 88 -43.17 18.09 -17.20
CA GLY A 88 -42.01 17.92 -18.06
C GLY A 88 -41.90 16.55 -18.68
N VAL A 89 -41.84 15.51 -17.85
CA VAL A 89 -41.73 14.14 -18.33
C VAL A 89 -42.83 13.86 -19.34
N SER A 90 -42.41 13.44 -20.54
CA SER A 90 -43.35 13.15 -21.62
C SER A 90 -43.27 11.73 -22.18
N ASP A 91 -42.41 10.89 -21.61
CA ASP A 91 -42.28 9.52 -22.10
C ASP A 91 -42.80 8.47 -21.10
N ARG A 92 -43.47 8.93 -20.05
CA ARG A 92 -44.03 8.04 -19.04
C ARG A 92 -45.46 8.49 -18.74
N LYS A 93 -46.34 7.52 -18.49
CA LYS A 93 -47.73 7.83 -18.19
C LYS A 93 -48.22 6.91 -17.06
N ALA A 94 -49.25 7.35 -16.34
CA ALA A 94 -49.81 6.55 -15.26
C ALA A 94 -50.19 5.20 -15.84
N GLY A 95 -49.87 4.12 -15.13
CA GLY A 95 -50.19 2.80 -15.63
C GLY A 95 -49.03 2.11 -16.31
N ASP A 96 -47.95 2.83 -16.60
CA ASP A 96 -46.80 2.21 -17.25
C ASP A 96 -46.05 1.32 -16.28
N ARG A 97 -45.64 0.15 -16.76
CA ARG A 97 -44.87 -0.79 -15.95
C ARG A 97 -43.42 -0.40 -16.16
N VAL A 98 -42.71 -0.14 -15.07
CA VAL A 98 -41.32 0.28 -15.19
C VAL A 98 -40.42 -0.35 -14.14
N MET A 99 -39.13 -0.48 -14.46
CA MET A 99 -38.20 -0.99 -13.48
C MET A 99 -37.38 0.24 -13.11
N VAL A 100 -36.78 0.25 -11.93
CA VAL A 100 -36.08 1.44 -11.48
C VAL A 100 -34.79 1.17 -10.71
N LEU A 101 -33.84 2.08 -10.87
CA LEU A 101 -32.52 1.99 -10.23
C LEU A 101 -32.26 3.26 -9.40
N ASN A 102 -31.81 3.09 -8.17
CA ASN A 102 -31.53 4.24 -7.31
C ASN A 102 -30.47 3.86 -6.28
N ARG A 103 -29.88 4.86 -5.62
CA ARG A 103 -28.84 4.61 -4.62
C ARG A 103 -29.38 3.89 -3.37
N SER A 104 -30.62 4.20 -3.02
CA SER A 104 -31.26 3.61 -1.86
C SER A 104 -32.76 3.86 -1.92
N GLY A 105 -33.49 3.41 -0.90
CA GLY A 105 -34.92 3.61 -0.82
C GLY A 105 -35.87 2.74 -1.62
N MET A 106 -35.38 1.67 -2.27
CA MET A 106 -36.27 0.84 -3.06
C MET A 106 -37.06 -0.24 -2.30
N TRP A 107 -36.68 -0.52 -1.06
CA TRP A 107 -37.40 -1.51 -0.27
C TRP A 107 -38.65 -0.95 0.40
N GLN A 108 -39.58 -0.42 -0.38
CA GLN A 108 -40.84 0.11 0.16
C GLN A 108 -41.94 0.06 -0.90
N GLU A 109 -43.20 0.22 -0.48
CA GLU A 109 -44.34 0.14 -1.41
C GLU A 109 -44.48 1.27 -2.42
N GLU A 110 -44.15 2.48 -2.00
CA GLU A 110 -44.28 3.61 -2.90
C GLU A 110 -43.02 4.46 -2.92
N VAL A 111 -42.52 4.73 -4.13
CA VAL A 111 -41.31 5.49 -4.30
C VAL A 111 -41.51 6.63 -5.30
N THR A 112 -40.77 7.72 -5.09
CA THR A 112 -40.81 8.89 -5.96
C THR A 112 -39.36 9.05 -6.44
N VAL A 113 -39.16 9.08 -7.77
CA VAL A 113 -37.82 9.17 -8.31
C VAL A 113 -37.77 9.94 -9.63
N PRO A 114 -36.55 10.29 -10.09
CA PRO A 114 -36.36 11.02 -11.34
C PRO A 114 -36.74 10.05 -12.46
N SER A 115 -37.51 10.53 -13.43
CA SER A 115 -37.96 9.69 -14.53
C SER A 115 -36.80 9.00 -15.27
N VAL A 116 -35.67 9.69 -15.41
CA VAL A 116 -34.52 9.13 -16.12
C VAL A 116 -33.92 7.90 -15.45
N GLN A 117 -34.31 7.62 -14.21
CA GLN A 117 -33.80 6.45 -13.50
C GLN A 117 -34.75 5.26 -13.61
N THR A 118 -35.75 5.37 -14.50
CA THR A 118 -36.72 4.30 -14.71
C THR A 118 -36.69 3.84 -16.16
N PHE A 119 -37.07 2.58 -16.38
CA PHE A 119 -37.07 2.01 -17.73
C PHE A 119 -38.34 1.16 -17.98
N LEU A 120 -38.85 1.21 -19.20
CA LEU A 120 -40.06 0.46 -19.56
C LEU A 120 -39.85 -1.05 -19.58
N ILE A 121 -40.75 -1.77 -18.91
CA ILE A 121 -40.67 -3.22 -18.85
C ILE A 121 -41.34 -3.83 -20.10
N PRO A 122 -40.67 -4.77 -20.77
CA PRO A 122 -41.28 -5.36 -21.96
C PRO A 122 -42.59 -6.04 -21.51
N GLU A 123 -43.58 -6.07 -22.40
CA GLU A 123 -44.86 -6.68 -22.09
C GLU A 123 -44.72 -8.10 -21.57
N ALA A 124 -43.87 -8.90 -22.21
CA ALA A 124 -43.69 -10.29 -21.80
C ALA A 124 -42.85 -10.52 -20.55
N MET A 125 -42.28 -9.47 -19.98
CA MET A 125 -41.47 -9.62 -18.78
C MET A 125 -42.31 -9.40 -17.53
N THR A 126 -42.14 -10.26 -16.52
CA THR A 126 -42.88 -10.13 -15.27
C THR A 126 -42.20 -9.16 -14.32
N PHE A 127 -42.95 -8.67 -13.33
CA PHE A 127 -42.39 -7.73 -12.36
C PHE A 127 -41.19 -8.35 -11.65
N GLU A 128 -41.29 -9.66 -11.35
CA GLU A 128 -40.20 -10.36 -10.67
C GLU A 128 -38.93 -10.32 -11.53
N GLU A 129 -39.05 -10.68 -12.80
CA GLU A 129 -37.90 -10.68 -13.70
C GLU A 129 -37.30 -9.28 -13.82
N ALA A 130 -38.18 -8.29 -13.91
CA ALA A 130 -37.75 -6.90 -14.04
C ALA A 130 -36.94 -6.45 -12.81
N ALA A 131 -37.41 -6.83 -11.62
CA ALA A 131 -36.74 -6.48 -10.36
C ALA A 131 -35.43 -7.24 -10.20
N ALA A 132 -35.26 -8.33 -10.94
CA ALA A 132 -34.05 -9.13 -10.84
C ALA A 132 -33.02 -8.78 -11.90
N LEU A 133 -33.41 -7.94 -12.84
CA LEU A 133 -32.55 -7.57 -13.97
C LEU A 133 -31.44 -6.53 -13.87
N LEU A 134 -31.82 -5.29 -13.58
CA LEU A 134 -30.90 -4.15 -13.55
C LEU A 134 -29.53 -4.26 -12.90
N VAL A 135 -29.48 -4.32 -11.59
CA VAL A 135 -28.18 -4.37 -10.93
C VAL A 135 -27.28 -5.52 -11.38
N ASN A 136 -27.79 -6.75 -11.35
CA ASN A 136 -26.99 -7.92 -11.73
C ASN A 136 -26.49 -7.92 -13.18
N TYR A 137 -27.39 -7.67 -14.13
CA TYR A 137 -27.01 -7.69 -15.53
C TYR A 137 -26.24 -6.44 -16.00
N ILE A 138 -26.51 -5.28 -15.42
CA ILE A 138 -25.76 -4.09 -15.79
C ILE A 138 -24.33 -4.32 -15.32
N THR A 139 -24.19 -4.81 -14.09
CA THR A 139 -22.86 -5.07 -13.55
C THR A 139 -22.13 -6.12 -14.40
N ALA A 140 -22.77 -7.25 -14.64
CA ALA A 140 -22.14 -8.30 -15.44
C ALA A 140 -21.75 -7.77 -16.82
N TYR A 141 -22.64 -7.01 -17.43
CA TYR A 141 -22.39 -6.49 -18.77
C TYR A 141 -21.18 -5.54 -18.81
N MET A 142 -21.15 -4.57 -17.90
CA MET A 142 -20.06 -3.62 -17.88
C MET A 142 -18.73 -4.25 -17.46
N VAL A 143 -18.79 -5.28 -16.62
CA VAL A 143 -17.58 -5.96 -16.18
C VAL A 143 -17.00 -6.78 -17.33
N LEU A 144 -17.86 -7.52 -18.05
CA LEU A 144 -17.39 -8.34 -19.17
C LEU A 144 -17.05 -7.57 -20.44
N PHE A 145 -17.86 -6.56 -20.79
CA PHE A 145 -17.63 -5.80 -22.02
C PHE A 145 -16.88 -4.46 -21.90
N ASP A 146 -17.33 -3.57 -21.03
CA ASP A 146 -16.67 -2.26 -20.87
C ASP A 146 -15.24 -2.37 -20.32
N PHE A 147 -15.00 -3.34 -19.44
CA PHE A 147 -13.67 -3.54 -18.89
C PHE A 147 -12.99 -4.76 -19.50
N GLY A 148 -13.69 -5.90 -19.46
CA GLY A 148 -13.13 -7.13 -19.98
C GLY A 148 -12.95 -7.23 -21.48
N ASN A 149 -13.72 -6.47 -22.24
CA ASN A 149 -13.64 -6.50 -23.71
C ASN A 149 -13.72 -7.96 -24.19
N LEU A 150 -14.67 -8.69 -23.62
CA LEU A 150 -14.89 -10.10 -23.94
C LEU A 150 -14.89 -10.30 -25.45
N GLN A 151 -14.11 -11.28 -25.90
CA GLN A 151 -13.96 -11.58 -27.31
C GLN A 151 -14.23 -13.05 -27.60
N PRO A 152 -14.51 -13.41 -28.86
CA PRO A 152 -14.76 -14.82 -29.17
C PRO A 152 -13.52 -15.66 -28.91
N GLY A 153 -13.71 -16.88 -28.40
CA GLY A 153 -12.58 -17.74 -28.13
C GLY A 153 -11.93 -17.51 -26.79
N HIS A 154 -12.46 -16.56 -26.01
CA HIS A 154 -11.93 -16.24 -24.70
C HIS A 154 -12.37 -17.25 -23.64
N SER A 155 -11.71 -17.22 -22.48
CA SER A 155 -12.10 -18.08 -21.37
C SER A 155 -12.33 -17.14 -20.18
N VAL A 156 -13.39 -17.39 -19.41
CA VAL A 156 -13.69 -16.53 -18.28
C VAL A 156 -13.88 -17.29 -16.98
N LEU A 157 -13.42 -16.71 -15.88
CA LEU A 157 -13.64 -17.32 -14.57
C LEU A 157 -14.72 -16.48 -13.89
N VAL A 158 -15.87 -17.09 -13.64
CA VAL A 158 -16.97 -16.41 -12.97
C VAL A 158 -17.12 -16.97 -11.55
N HIS A 159 -16.70 -16.20 -10.55
CA HIS A 159 -16.82 -16.62 -9.16
C HIS A 159 -18.27 -16.52 -8.69
N MET A 160 -18.67 -17.39 -7.76
CA MET A 160 -20.05 -17.36 -7.27
C MET A 160 -20.98 -17.40 -8.48
N ALA A 161 -20.73 -18.35 -9.37
CA ALA A 161 -21.50 -18.51 -10.60
C ALA A 161 -22.98 -18.81 -10.45
N ALA A 162 -23.41 -19.18 -9.24
CA ALA A 162 -24.83 -19.46 -8.98
C ALA A 162 -25.54 -18.23 -8.41
N GLY A 163 -24.78 -17.18 -8.08
CA GLY A 163 -25.37 -15.97 -7.54
C GLY A 163 -26.05 -15.16 -8.63
N GLY A 164 -26.66 -14.03 -8.27
CA GLY A 164 -27.35 -13.21 -9.24
C GLY A 164 -26.46 -12.67 -10.35
N VAL A 165 -25.36 -12.02 -9.97
CA VAL A 165 -24.42 -11.46 -10.95
C VAL A 165 -23.78 -12.60 -11.73
N GLY A 166 -23.32 -13.62 -11.01
CA GLY A 166 -22.68 -14.77 -11.63
C GLY A 166 -23.54 -15.41 -12.72
N MET A 167 -24.80 -15.68 -12.41
CA MET A 167 -25.68 -16.29 -13.41
C MET A 167 -25.91 -15.37 -14.59
N ALA A 168 -25.96 -14.06 -14.31
CA ALA A 168 -26.14 -13.10 -15.37
C ALA A 168 -24.89 -13.11 -16.28
N ALA A 169 -23.72 -13.26 -15.66
CA ALA A 169 -22.44 -13.28 -16.37
C ALA A 169 -22.31 -14.51 -17.27
N VAL A 170 -22.73 -15.66 -16.75
CA VAL A 170 -22.66 -16.89 -17.51
C VAL A 170 -23.53 -16.77 -18.76
N GLN A 171 -24.75 -16.25 -18.59
CA GLN A 171 -25.67 -16.06 -19.70
C GLN A 171 -25.13 -15.10 -20.76
N LEU A 172 -24.46 -14.04 -20.30
CA LEU A 172 -23.90 -13.05 -21.22
C LEU A 172 -22.71 -13.64 -21.98
N CYS A 173 -21.94 -14.50 -21.32
CA CYS A 173 -20.79 -15.13 -21.98
C CYS A 173 -21.24 -16.00 -23.14
N ARG A 174 -22.48 -16.47 -23.09
CA ARG A 174 -22.98 -17.33 -24.16
C ARG A 174 -23.43 -16.53 -25.37
N THR A 175 -23.54 -15.21 -25.22
CA THR A 175 -23.96 -14.39 -26.35
C THR A 175 -22.78 -14.10 -27.27
N VAL A 176 -21.60 -14.56 -26.86
CA VAL A 176 -20.38 -14.39 -27.64
C VAL A 176 -19.92 -15.81 -28.02
N GLU A 177 -19.45 -15.99 -29.24
CA GLU A 177 -19.03 -17.32 -29.71
C GLU A 177 -17.85 -17.96 -29.00
N ASN A 178 -17.93 -19.28 -28.84
CA ASN A 178 -16.88 -20.10 -28.24
C ASN A 178 -16.18 -19.57 -27.00
N VAL A 179 -16.93 -19.15 -26.00
CA VAL A 179 -16.32 -18.67 -24.78
C VAL A 179 -16.38 -19.77 -23.73
N THR A 180 -15.21 -20.14 -23.20
CA THR A 180 -15.14 -21.18 -22.20
C THR A 180 -15.33 -20.54 -20.82
N VAL A 181 -16.33 -21.04 -20.09
CA VAL A 181 -16.65 -20.49 -18.78
C VAL A 181 -16.36 -21.38 -17.58
N PHE A 182 -15.46 -20.92 -16.73
CA PHE A 182 -15.13 -21.63 -15.49
C PHE A 182 -15.97 -20.95 -14.40
N GLY A 183 -16.69 -21.74 -13.61
CA GLY A 183 -17.53 -21.14 -12.57
C GLY A 183 -17.41 -21.81 -11.22
N THR A 184 -17.23 -21.00 -10.18
CA THR A 184 -17.12 -21.52 -8.81
C THR A 184 -18.44 -21.42 -8.04
N ALA A 185 -18.72 -22.48 -7.29
CA ALA A 185 -19.93 -22.61 -6.46
C ALA A 185 -19.93 -23.99 -5.82
N SER A 186 -20.76 -24.18 -4.79
CA SER A 186 -20.85 -25.47 -4.10
C SER A 186 -21.27 -26.55 -5.08
N ALA A 187 -20.66 -27.73 -4.92
CA ALA A 187 -20.96 -28.88 -5.77
C ALA A 187 -22.46 -29.09 -5.90
N SER A 188 -23.20 -28.80 -4.84
CA SER A 188 -24.65 -28.98 -4.86
C SER A 188 -25.33 -28.16 -5.94
N LYS A 189 -24.65 -27.14 -6.45
CA LYS A 189 -25.23 -26.26 -7.46
C LYS A 189 -24.66 -26.47 -8.87
N HIS A 190 -23.68 -27.35 -9.00
CA HIS A 190 -23.05 -27.60 -10.29
C HIS A 190 -24.00 -27.95 -11.43
N GLU A 191 -25.04 -28.72 -11.15
CA GLU A 191 -25.99 -29.06 -12.20
C GLU A 191 -26.68 -27.80 -12.72
N ALA A 192 -27.07 -26.91 -11.82
CA ALA A 192 -27.72 -25.67 -12.23
C ALA A 192 -26.68 -24.82 -12.96
N LEU A 193 -25.42 -24.94 -12.56
CA LEU A 193 -24.35 -24.17 -13.18
C LEU A 193 -24.18 -24.59 -14.64
N LYS A 194 -24.16 -25.90 -14.87
CA LYS A 194 -24.00 -26.41 -16.23
C LYS A 194 -25.21 -26.12 -17.10
N GLU A 195 -26.40 -26.13 -16.50
CA GLU A 195 -27.62 -25.84 -17.24
C GLU A 195 -27.70 -24.37 -17.65
N ASN A 196 -27.07 -23.49 -16.86
CA ASN A 196 -27.10 -22.05 -17.14
C ASN A 196 -26.02 -21.69 -18.16
N GLY A 197 -25.05 -22.59 -18.35
CA GLY A 197 -24.01 -22.34 -19.33
C GLY A 197 -22.57 -22.44 -18.88
N VAL A 198 -22.31 -22.96 -17.68
CA VAL A 198 -20.94 -23.09 -17.21
C VAL A 198 -20.30 -24.31 -17.88
N THR A 199 -19.05 -24.16 -18.30
CA THR A 199 -18.30 -25.24 -18.97
C THR A 199 -17.58 -26.12 -17.95
N HIS A 200 -16.91 -25.48 -16.99
CA HIS A 200 -16.18 -26.21 -15.95
C HIS A 200 -16.57 -25.70 -14.56
N PRO A 201 -17.48 -26.41 -13.88
CA PRO A 201 -17.91 -26.01 -12.53
C PRO A 201 -16.83 -26.45 -11.55
N ILE A 202 -16.53 -25.61 -10.57
CA ILE A 202 -15.50 -25.91 -9.59
C ILE A 202 -15.96 -25.60 -8.16
N ASP A 203 -15.76 -26.56 -7.25
CA ASP A 203 -16.15 -26.36 -5.85
C ASP A 203 -14.92 -25.85 -5.13
N TYR A 204 -14.88 -24.55 -4.87
CA TYR A 204 -13.75 -23.95 -4.19
C TYR A 204 -13.63 -24.35 -2.72
N HIS A 205 -14.57 -25.17 -2.24
CA HIS A 205 -14.57 -25.63 -0.85
C HIS A 205 -13.89 -26.99 -0.68
N THR A 206 -13.95 -27.81 -1.72
CA THR A 206 -13.36 -29.14 -1.66
C THR A 206 -12.12 -29.30 -2.54
N THR A 207 -11.78 -28.25 -3.29
CA THR A 207 -10.61 -28.28 -4.16
C THR A 207 -9.94 -26.90 -4.18
N ASP A 208 -8.78 -26.83 -4.85
CA ASP A 208 -8.04 -25.57 -5.00
C ASP A 208 -8.42 -25.13 -6.41
N TYR A 209 -9.24 -24.08 -6.52
CA TYR A 209 -9.69 -23.63 -7.84
C TYR A 209 -8.60 -23.18 -8.79
N VAL A 210 -7.51 -22.62 -8.27
CA VAL A 210 -6.43 -22.21 -9.13
C VAL A 210 -5.86 -23.45 -9.81
N ASP A 211 -5.56 -24.49 -9.04
CA ASP A 211 -5.01 -25.71 -9.63
C ASP A 211 -6.01 -26.37 -10.57
N GLU A 212 -7.28 -26.41 -10.16
CA GLU A 212 -8.32 -27.03 -10.96
C GLU A 212 -8.50 -26.39 -12.33
N ILE A 213 -8.27 -25.08 -12.41
CA ILE A 213 -8.40 -24.35 -13.67
C ILE A 213 -7.17 -24.57 -14.56
N LYS A 214 -5.99 -24.58 -13.95
CA LYS A 214 -4.75 -24.77 -14.71
C LYS A 214 -4.55 -26.17 -15.28
N LYS A 215 -5.21 -27.16 -14.70
CA LYS A 215 -5.11 -28.52 -15.18
C LYS A 215 -5.76 -28.57 -16.55
N ILE A 216 -6.82 -27.78 -16.70
CA ILE A 216 -7.60 -27.69 -17.94
C ILE A 216 -7.05 -26.63 -18.89
N SER A 217 -6.60 -25.52 -18.33
CA SER A 217 -6.05 -24.44 -19.14
C SER A 217 -4.81 -23.91 -18.43
N PRO A 218 -3.67 -24.58 -18.65
CA PRO A 218 -2.37 -24.24 -18.06
C PRO A 218 -1.99 -22.77 -18.11
N LYS A 219 -2.34 -22.10 -19.21
CA LYS A 219 -2.02 -20.69 -19.40
C LYS A 219 -2.84 -19.73 -18.54
N GLY A 220 -4.02 -20.18 -18.11
CA GLY A 220 -4.88 -19.32 -17.30
C GLY A 220 -6.13 -18.94 -18.06
N VAL A 221 -6.71 -17.80 -17.72
CA VAL A 221 -7.91 -17.34 -18.39
C VAL A 221 -7.73 -15.91 -18.88
N ASP A 222 -8.67 -15.44 -19.68
CA ASP A 222 -8.61 -14.09 -20.22
C ASP A 222 -9.29 -13.06 -19.32
N ILE A 223 -10.31 -13.48 -18.57
CA ILE A 223 -11.02 -12.58 -17.68
C ILE A 223 -11.37 -13.22 -16.35
N VAL A 224 -11.13 -12.52 -15.25
CA VAL A 224 -11.50 -13.04 -13.95
C VAL A 224 -12.48 -12.06 -13.34
N MET A 225 -13.66 -12.56 -12.97
CA MET A 225 -14.67 -11.72 -12.34
C MET A 225 -14.50 -12.01 -10.86
N ASP A 226 -14.14 -10.97 -10.11
CA ASP A 226 -13.88 -11.10 -8.68
C ASP A 226 -14.82 -10.33 -7.77
N PRO A 227 -15.83 -11.01 -7.21
CA PRO A 227 -16.81 -10.41 -6.31
C PRO A 227 -16.39 -10.68 -4.85
N LEU A 228 -15.30 -11.42 -4.72
CA LEU A 228 -14.78 -11.82 -3.42
C LEU A 228 -13.84 -10.82 -2.78
N GLY A 229 -12.83 -10.37 -3.53
CA GLY A 229 -11.87 -9.44 -2.99
C GLY A 229 -10.87 -10.15 -2.10
N GLY A 230 -10.13 -9.39 -1.30
CA GLY A 230 -9.17 -9.98 -0.41
C GLY A 230 -8.07 -10.77 -1.11
N SER A 231 -7.70 -11.90 -0.52
CA SER A 231 -6.65 -12.75 -1.08
C SER A 231 -7.05 -13.42 -2.40
N ASP A 232 -8.33 -13.36 -2.76
CA ASP A 232 -8.78 -13.98 -4.01
C ASP A 232 -8.44 -13.10 -5.20
N THR A 233 -8.31 -11.80 -4.96
CA THR A 233 -7.96 -10.88 -6.03
C THR A 233 -6.57 -11.23 -6.54
N ALA A 234 -5.65 -11.54 -5.62
CA ALA A 234 -4.29 -11.89 -5.99
C ALA A 234 -4.26 -13.19 -6.79
N LYS A 235 -5.13 -14.13 -6.42
CA LYS A 235 -5.18 -15.39 -7.16
C LYS A 235 -5.80 -15.17 -8.54
N GLY A 236 -6.71 -14.20 -8.65
CA GLY A 236 -7.32 -13.90 -9.93
C GLY A 236 -6.29 -13.30 -10.85
N TYR A 237 -5.60 -12.27 -10.36
CA TYR A 237 -4.57 -11.59 -11.10
C TYR A 237 -3.54 -12.56 -11.69
N ASN A 238 -3.08 -13.51 -10.88
CA ASN A 238 -2.08 -14.47 -11.33
C ASN A 238 -2.63 -15.61 -12.18
N LEU A 239 -3.93 -15.61 -12.39
CA LEU A 239 -4.56 -16.63 -13.20
C LEU A 239 -4.72 -16.10 -14.64
N LEU A 240 -4.34 -14.84 -14.85
CA LEU A 240 -4.47 -14.18 -16.15
C LEU A 240 -3.50 -14.53 -17.27
N LYS A 241 -4.05 -14.72 -18.46
CA LYS A 241 -3.26 -15.01 -19.65
C LYS A 241 -2.77 -13.65 -20.17
N PRO A 242 -1.82 -13.66 -21.12
CA PRO A 242 -1.37 -12.35 -21.62
C PRO A 242 -2.58 -11.55 -22.10
N MET A 243 -2.58 -10.24 -21.83
CA MET A 243 -3.68 -9.34 -22.21
C MET A 243 -4.96 -9.49 -21.35
N GLY A 244 -4.89 -10.31 -20.31
CA GLY A 244 -6.06 -10.53 -19.47
C GLY A 244 -6.32 -9.46 -18.41
N LYS A 245 -7.53 -9.47 -17.86
CA LYS A 245 -7.89 -8.52 -16.83
C LYS A 245 -8.75 -9.13 -15.73
N VAL A 246 -8.48 -8.71 -14.50
CA VAL A 246 -9.23 -9.15 -13.34
C VAL A 246 -10.07 -7.93 -12.96
N VAL A 247 -11.36 -8.14 -12.74
CA VAL A 247 -12.25 -7.05 -12.40
C VAL A 247 -12.89 -7.29 -11.05
N THR A 248 -12.57 -6.43 -10.09
CA THR A 248 -13.13 -6.55 -8.76
C THR A 248 -14.38 -5.67 -8.64
N TYR A 249 -15.50 -6.29 -8.30
CA TYR A 249 -16.76 -5.54 -8.16
C TYR A 249 -17.47 -5.85 -6.86
N GLY A 250 -16.79 -6.53 -5.94
CA GLY A 250 -17.40 -6.86 -4.67
C GLY A 250 -16.42 -7.32 -3.62
N MET A 251 -16.86 -7.37 -2.36
CA MET A 251 -16.01 -7.78 -1.24
C MET A 251 -16.65 -8.91 -0.40
N ALA A 252 -17.24 -9.90 -1.06
CA ALA A 252 -17.89 -11.00 -0.36
C ALA A 252 -17.08 -11.59 0.80
N ASN A 253 -15.75 -11.64 0.66
CA ASN A 253 -14.92 -12.20 1.72
C ASN A 253 -15.03 -11.48 3.07
N LEU A 254 -15.94 -10.52 3.15
CA LEU A 254 -16.18 -9.74 4.36
C LEU A 254 -17.68 -9.68 4.69
N LEU A 255 -18.42 -8.97 3.83
CA LEU A 255 -19.86 -8.76 3.96
C LEU A 255 -20.63 -10.06 4.19
N THR A 256 -19.99 -11.20 3.93
CA THR A 256 -20.61 -12.51 4.12
C THR A 256 -19.93 -13.18 5.30
N GLY A 257 -20.64 -14.09 5.96
CA GLY A 257 -20.07 -14.77 7.11
C GLY A 257 -20.55 -14.09 8.38
N PRO A 258 -19.85 -13.04 8.85
CA PRO A 258 -20.23 -12.32 10.07
C PRO A 258 -21.60 -11.63 9.99
N LYS A 259 -22.37 -11.76 11.06
CA LYS A 259 -23.68 -11.14 11.13
C LYS A 259 -23.52 -9.70 11.57
N ARG A 260 -22.39 -9.42 12.22
CA ARG A 260 -22.03 -8.09 12.70
C ARG A 260 -20.56 -7.83 12.36
N ASN A 261 -20.26 -6.63 11.87
CA ASN A 261 -18.89 -6.29 11.50
C ASN A 261 -17.95 -6.13 12.69
N LEU A 262 -16.76 -6.69 12.55
CA LEU A 262 -15.73 -6.63 13.59
C LEU A 262 -14.75 -5.51 13.24
N MET A 263 -14.38 -4.71 14.22
CA MET A 263 -13.43 -3.62 14.00
C MET A 263 -12.01 -4.16 13.78
N ALA A 264 -11.82 -5.43 14.12
CA ALA A 264 -10.54 -6.09 13.93
C ALA A 264 -10.58 -6.56 12.48
N LEU A 265 -11.03 -5.66 11.60
CA LEU A 265 -11.11 -5.91 10.17
C LEU A 265 -9.99 -5.09 9.57
N ALA A 266 -9.21 -4.45 10.46
CA ALA A 266 -8.07 -3.65 10.06
C ALA A 266 -6.98 -4.67 9.75
N ARG A 267 -7.16 -5.86 10.30
CA ARG A 267 -6.25 -6.97 10.10
C ARG A 267 -6.41 -7.39 8.64
N THR A 268 -7.62 -7.18 8.12
CA THR A 268 -7.97 -7.48 6.74
C THR A 268 -6.96 -6.85 5.79
N TRP A 269 -6.30 -5.81 6.27
CA TRP A 269 -5.32 -5.11 5.47
C TRP A 269 -4.24 -6.06 4.95
N TRP A 270 -3.82 -7.01 5.79
CA TRP A 270 -2.79 -7.99 5.42
C TRP A 270 -3.02 -8.59 4.05
N ASN A 271 -4.30 -8.81 3.71
CA ASN A 271 -4.66 -9.44 2.45
C ASN A 271 -5.06 -8.56 1.27
N GLN A 272 -5.02 -7.24 1.44
CA GLN A 272 -5.40 -6.36 0.34
C GLN A 272 -4.42 -6.46 -0.82
N PHE A 273 -4.96 -6.62 -2.03
CA PHE A 273 -4.16 -6.72 -3.24
C PHE A 273 -3.67 -5.35 -3.71
N SER A 274 -2.39 -5.27 -4.11
CA SER A 274 -1.78 -4.05 -4.60
C SER A 274 -0.91 -4.33 -5.82
N VAL A 275 -0.81 -3.34 -6.71
CA VAL A 275 -0.01 -3.49 -7.93
C VAL A 275 0.71 -2.22 -8.33
N THR A 276 1.86 -2.41 -8.97
CA THR A 276 2.67 -1.30 -9.47
C THR A 276 2.65 -1.41 -10.99
N ALA A 277 2.77 -0.27 -11.67
CA ALA A 277 2.75 -0.26 -13.13
C ALA A 277 3.82 -1.17 -13.72
N LEU A 278 4.96 -1.27 -13.03
CA LEU A 278 6.04 -2.12 -13.52
C LEU A 278 5.61 -3.58 -13.58
N GLN A 279 4.80 -4.01 -12.62
CA GLN A 279 4.32 -5.41 -12.60
C GLN A 279 3.34 -5.66 -13.74
N LEU A 280 2.46 -4.69 -13.97
CA LEU A 280 1.47 -4.79 -15.02
C LEU A 280 2.19 -4.78 -16.36
N LEU A 281 3.19 -3.91 -16.47
CA LEU A 281 3.95 -3.76 -17.69
C LEU A 281 4.58 -5.08 -18.12
N GLN A 282 5.33 -5.68 -17.21
CA GLN A 282 6.02 -6.94 -17.50
C GLN A 282 5.12 -8.16 -17.74
N ALA A 283 3.88 -8.11 -17.27
CA ALA A 283 2.98 -9.23 -17.45
C ALA A 283 1.88 -9.02 -18.47
N ASN A 284 1.77 -7.81 -19.01
CA ASN A 284 0.72 -7.51 -19.99
C ASN A 284 -0.65 -7.88 -19.38
N ARG A 285 -0.96 -7.30 -18.23
CA ARG A 285 -2.22 -7.56 -17.55
C ARG A 285 -2.85 -6.24 -17.11
N ALA A 286 -4.11 -6.31 -16.71
CA ALA A 286 -4.84 -5.13 -16.23
C ALA A 286 -5.71 -5.50 -15.02
N VAL A 287 -5.75 -4.61 -14.05
CA VAL A 287 -6.58 -4.83 -12.87
C VAL A 287 -7.60 -3.70 -12.91
N CYS A 288 -8.88 -4.05 -12.78
CA CYS A 288 -9.96 -3.07 -12.85
C CYS A 288 -10.91 -3.14 -11.67
N GLY A 289 -11.61 -2.05 -11.43
CA GLY A 289 -12.57 -1.99 -10.34
C GLY A 289 -13.90 -1.44 -10.81
N PHE A 290 -15.00 -1.98 -10.29
CA PHE A 290 -16.32 -1.53 -10.69
C PHE A 290 -17.40 -1.69 -9.61
N HIS A 291 -18.31 -0.71 -9.56
CA HIS A 291 -19.42 -0.76 -8.62
C HIS A 291 -20.47 0.23 -9.08
N LEU A 292 -21.62 -0.30 -9.46
CA LEU A 292 -22.73 0.52 -9.93
C LEU A 292 -23.09 1.52 -8.83
N GLY A 293 -23.02 1.08 -7.58
CA GLY A 293 -23.33 1.95 -6.45
C GLY A 293 -22.37 3.11 -6.26
N TYR A 294 -21.22 3.08 -6.94
CA TYR A 294 -20.21 4.14 -6.85
C TYR A 294 -20.02 4.86 -8.20
N LEU A 295 -20.84 4.51 -9.18
CA LEU A 295 -20.76 5.11 -10.51
C LEU A 295 -21.42 6.48 -10.48
N ASP A 296 -20.65 7.52 -10.78
CA ASP A 296 -21.17 8.89 -10.75
C ASP A 296 -21.88 9.42 -12.00
N GLY A 297 -23.16 9.74 -11.81
CA GLY A 297 -24.04 10.29 -12.84
C GLY A 297 -23.81 10.05 -14.32
N GLU A 298 -23.71 8.79 -14.73
CA GLU A 298 -23.52 8.47 -16.14
C GLU A 298 -24.80 7.82 -16.68
N VAL A 299 -25.92 8.55 -16.57
CA VAL A 299 -27.22 8.08 -17.01
C VAL A 299 -27.24 7.63 -18.46
N GLU A 300 -26.49 8.32 -19.31
CA GLU A 300 -26.46 7.98 -20.73
C GLU A 300 -25.70 6.69 -20.95
N LEU A 301 -24.71 6.45 -20.11
CA LEU A 301 -23.91 5.24 -20.21
C LEU A 301 -24.71 4.04 -19.69
N VAL A 302 -25.39 4.22 -18.56
CA VAL A 302 -26.20 3.16 -17.97
C VAL A 302 -27.39 2.84 -18.87
N SER A 303 -28.03 3.88 -19.39
CA SER A 303 -29.20 3.73 -20.27
C SER A 303 -28.89 2.97 -21.54
N GLY A 304 -27.68 3.16 -22.06
CA GLY A 304 -27.31 2.44 -23.26
C GLY A 304 -27.14 0.96 -22.98
N VAL A 305 -26.67 0.65 -21.78
CA VAL A 305 -26.46 -0.73 -21.36
C VAL A 305 -27.81 -1.41 -21.12
N VAL A 306 -28.75 -0.70 -20.49
CA VAL A 306 -30.06 -1.27 -20.25
C VAL A 306 -30.71 -1.62 -21.59
N ALA A 307 -30.64 -0.71 -22.55
CA ALA A 307 -31.23 -0.94 -23.87
C ALA A 307 -30.69 -2.22 -24.50
N ARG A 308 -29.38 -2.42 -24.38
CA ARG A 308 -28.72 -3.60 -24.92
C ARG A 308 -29.33 -4.84 -24.26
N LEU A 309 -29.42 -4.81 -22.93
CA LEU A 309 -29.97 -5.92 -22.18
C LEU A 309 -31.42 -6.23 -22.56
N LEU A 310 -32.25 -5.20 -22.72
CA LEU A 310 -33.65 -5.43 -23.10
C LEU A 310 -33.76 -6.10 -24.47
N ALA A 311 -32.86 -5.73 -25.39
CA ALA A 311 -32.85 -6.31 -26.73
C ALA A 311 -32.45 -7.78 -26.63
N LEU A 312 -31.48 -8.08 -25.77
CA LEU A 312 -31.03 -9.45 -25.58
C LEU A 312 -32.17 -10.26 -24.97
N TYR A 313 -32.96 -9.61 -24.12
CA TYR A 313 -34.07 -10.28 -23.49
C TYR A 313 -35.14 -10.63 -24.51
N ASN A 314 -35.56 -9.63 -25.29
CA ASN A 314 -36.59 -9.83 -26.29
C ASN A 314 -36.22 -10.85 -27.38
N GLN A 315 -34.93 -11.17 -27.49
CA GLN A 315 -34.48 -12.16 -28.46
C GLN A 315 -34.25 -13.53 -27.84
N GLY A 316 -34.57 -13.65 -26.56
CA GLY A 316 -34.43 -14.91 -25.85
C GLY A 316 -33.03 -15.32 -25.43
N HIS A 317 -32.12 -14.36 -25.31
CA HIS A 317 -30.74 -14.70 -24.93
C HIS A 317 -30.36 -14.52 -23.45
N ILE A 318 -31.22 -13.86 -22.67
CA ILE A 318 -30.99 -13.71 -21.23
C ILE A 318 -32.35 -13.85 -20.57
N LYS A 319 -32.35 -14.41 -19.36
CA LYS A 319 -33.58 -14.64 -18.61
C LYS A 319 -33.19 -14.64 -17.12
N PRO A 320 -33.59 -13.60 -16.38
CA PRO A 320 -33.25 -13.56 -14.95
C PRO A 320 -33.87 -14.71 -14.19
N HIS A 321 -33.03 -15.51 -13.54
CA HIS A 321 -33.52 -16.63 -12.77
C HIS A 321 -33.83 -16.17 -11.35
N ILE A 322 -35.00 -16.59 -10.84
CA ILE A 322 -35.45 -16.23 -9.50
C ILE A 322 -35.22 -17.35 -8.49
N ASP A 323 -34.54 -17.04 -7.40
CA ASP A 323 -34.28 -18.05 -6.36
C ASP A 323 -35.46 -18.15 -5.40
N SER A 324 -35.87 -17.01 -4.84
CA SER A 324 -36.97 -16.99 -3.89
C SER A 324 -37.55 -15.59 -3.74
N VAL A 325 -38.82 -15.55 -3.33
CA VAL A 325 -39.53 -14.30 -3.12
C VAL A 325 -39.97 -14.22 -1.65
N TRP A 326 -39.70 -13.09 -0.99
CA TRP A 326 -40.06 -12.93 0.41
C TRP A 326 -40.81 -11.63 0.72
N PRO A 327 -41.81 -11.70 1.61
CA PRO A 327 -42.59 -10.51 1.97
C PRO A 327 -41.75 -9.63 2.90
N PHE A 328 -42.05 -8.34 2.99
CA PHE A 328 -41.27 -7.45 3.85
C PHE A 328 -41.10 -7.99 5.27
N GLU A 329 -42.09 -8.74 5.74
CA GLU A 329 -42.06 -9.32 7.08
C GLU A 329 -40.89 -10.29 7.30
N LYS A 330 -40.48 -11.01 6.26
CA LYS A 330 -39.40 -11.98 6.39
C LYS A 330 -38.08 -11.54 5.75
N VAL A 331 -37.83 -10.24 5.80
CA VAL A 331 -36.61 -9.68 5.22
C VAL A 331 -35.38 -10.33 5.84
N ALA A 332 -35.48 -10.67 7.12
CA ALA A 332 -34.37 -11.28 7.84
C ALA A 332 -33.90 -12.57 7.20
N ASP A 333 -34.84 -13.42 6.80
CA ASP A 333 -34.49 -14.69 6.17
C ASP A 333 -34.00 -14.45 4.75
N ALA A 334 -34.63 -13.51 4.05
CA ALA A 334 -34.22 -13.18 2.70
C ALA A 334 -32.74 -12.78 2.70
N MET A 335 -32.34 -11.93 3.63
CA MET A 335 -30.95 -11.51 3.71
C MET A 335 -30.05 -12.68 4.10
N LYS A 336 -30.61 -13.62 4.86
CA LYS A 336 -29.85 -14.77 5.29
C LYS A 336 -29.62 -15.74 4.12
N GLN A 337 -30.65 -15.91 3.28
CA GLN A 337 -30.57 -16.77 2.09
C GLN A 337 -29.32 -16.42 1.29
N MET A 338 -29.12 -15.12 1.13
CA MET A 338 -28.00 -14.61 0.37
C MET A 338 -26.67 -14.66 1.11
N GLN A 339 -26.65 -14.14 2.34
CA GLN A 339 -25.41 -14.11 3.12
C GLN A 339 -24.84 -15.50 3.42
N GLU A 340 -25.72 -16.50 3.46
CA GLU A 340 -25.29 -17.88 3.72
C GLU A 340 -25.05 -18.63 2.40
N LYS A 341 -25.15 -17.90 1.29
CA LYS A 341 -24.93 -18.45 -0.05
C LYS A 341 -25.75 -19.71 -0.29
N LYS A 342 -27.06 -19.58 -0.14
CA LYS A 342 -27.98 -20.68 -0.36
C LYS A 342 -28.82 -20.45 -1.60
N ASN A 343 -28.73 -19.25 -2.15
CA ASN A 343 -29.53 -18.93 -3.33
C ASN A 343 -28.92 -19.34 -4.65
N VAL A 344 -29.80 -19.62 -5.61
CA VAL A 344 -29.43 -19.95 -6.97
C VAL A 344 -30.33 -18.99 -7.74
N GLY A 345 -29.81 -17.81 -8.04
CA GLY A 345 -30.61 -16.82 -8.73
C GLY A 345 -30.89 -15.63 -7.85
N LYS A 346 -31.80 -14.78 -8.31
CA LYS A 346 -32.15 -13.56 -7.60
C LYS A 346 -33.04 -13.77 -6.39
N VAL A 347 -32.75 -13.02 -5.33
CA VAL A 347 -33.53 -13.05 -4.11
C VAL A 347 -34.34 -11.73 -4.13
N LEU A 348 -35.66 -11.84 -4.13
CA LEU A 348 -36.51 -10.66 -4.18
C LEU A 348 -37.38 -10.46 -2.95
N LEU A 349 -37.85 -9.24 -2.78
CA LEU A 349 -38.73 -8.88 -1.68
C LEU A 349 -40.01 -8.31 -2.32
N VAL A 350 -41.15 -8.59 -1.69
CA VAL A 350 -42.43 -8.10 -2.18
C VAL A 350 -43.16 -7.38 -1.03
N PRO A 351 -43.87 -6.28 -1.32
CA PRO A 351 -44.58 -5.56 -0.26
C PRO A 351 -45.59 -6.45 0.48
N LEU B 11 31.65 -9.67 -45.67
CA LEU B 11 30.68 -9.06 -46.63
C LEU B 11 29.40 -8.55 -45.95
N LEU B 12 28.77 -9.39 -45.13
CA LEU B 12 27.55 -9.02 -44.42
C LEU B 12 27.81 -8.37 -43.07
N ARG B 13 27.14 -7.26 -42.82
CA ARG B 13 27.31 -6.54 -41.56
C ARG B 13 26.19 -6.81 -40.56
N CYS B 14 26.50 -6.59 -39.29
CA CYS B 14 25.53 -6.78 -38.23
C CYS B 14 26.04 -6.05 -36.99
N LEU B 15 25.11 -5.46 -36.26
CA LEU B 15 25.46 -4.73 -35.05
C LEU B 15 25.37 -5.69 -33.85
N VAL B 16 26.29 -5.53 -32.91
CA VAL B 16 26.30 -6.42 -31.75
C VAL B 16 26.42 -5.67 -30.44
N LEU B 17 25.58 -6.06 -29.47
CA LEU B 17 25.60 -5.48 -28.14
C LEU B 17 26.57 -6.37 -27.36
N THR B 18 27.74 -5.82 -27.01
CA THR B 18 28.74 -6.60 -26.29
C THR B 18 28.78 -6.33 -24.78
N GLY B 19 27.88 -5.46 -24.32
CA GLY B 19 27.83 -5.14 -22.90
C GLY B 19 26.72 -4.15 -22.62
N PHE B 20 26.33 -4.02 -21.35
CA PHE B 20 25.29 -3.06 -20.98
C PHE B 20 25.90 -1.73 -20.62
N GLY B 21 25.46 -0.68 -21.29
CA GLY B 21 26.00 0.64 -21.03
C GLY B 21 25.37 1.71 -21.89
N GLY B 22 26.20 2.63 -22.39
CA GLY B 22 25.69 3.71 -23.23
C GLY B 22 25.71 3.37 -24.70
N TYR B 23 25.87 4.39 -25.53
CA TYR B 23 25.89 4.21 -26.97
C TYR B 23 27.09 3.38 -27.48
N ASP B 24 28.24 3.54 -26.84
CA ASP B 24 29.45 2.83 -27.25
C ASP B 24 29.37 1.29 -27.15
N LYS B 25 28.37 0.80 -26.43
CA LYS B 25 28.21 -0.64 -26.25
C LYS B 25 27.87 -1.41 -27.52
N VAL B 26 27.36 -0.71 -28.54
CA VAL B 26 27.01 -1.35 -29.80
C VAL B 26 28.18 -1.35 -30.77
N LYS B 27 28.59 -2.55 -31.17
CA LYS B 27 29.71 -2.72 -32.09
C LYS B 27 29.23 -3.16 -33.45
N LEU B 28 30.00 -2.82 -34.48
CA LEU B 28 29.65 -3.19 -35.85
C LEU B 28 30.63 -4.26 -36.32
N GLN B 29 30.13 -5.47 -36.54
CA GLN B 29 30.99 -6.56 -36.99
C GLN B 29 30.65 -6.92 -38.42
N SER B 30 31.43 -7.82 -38.99
CA SER B 30 31.22 -8.27 -40.35
C SER B 30 31.65 -9.73 -40.48
N ARG B 31 30.77 -10.56 -41.00
CA ARG B 31 31.05 -11.97 -41.19
C ARG B 31 30.86 -12.30 -42.67
N PRO B 32 31.39 -13.45 -43.11
CA PRO B 32 31.24 -13.82 -44.53
C PRO B 32 29.86 -14.41 -44.81
N ALA B 33 29.33 -14.11 -46.00
CA ALA B 33 28.02 -14.60 -46.40
C ALA B 33 28.02 -16.12 -46.60
N ALA B 34 27.22 -16.82 -45.82
CA ALA B 34 27.13 -18.27 -45.91
C ALA B 34 25.89 -18.71 -46.68
N PRO B 35 25.84 -19.97 -47.14
CA PRO B 35 24.69 -20.47 -47.89
C PRO B 35 23.46 -20.55 -47.00
N PRO B 36 22.36 -19.88 -47.40
CA PRO B 36 21.14 -19.91 -46.59
C PRO B 36 20.68 -21.34 -46.32
N ALA B 37 20.35 -21.65 -45.07
CA ALA B 37 19.92 -23.00 -44.71
C ALA B 37 18.79 -23.00 -43.70
N PRO B 38 17.66 -22.33 -44.02
CA PRO B 38 16.51 -22.27 -43.11
C PRO B 38 15.92 -23.63 -42.77
N GLY B 39 15.75 -23.88 -41.47
CA GLY B 39 15.17 -25.13 -41.04
C GLY B 39 13.69 -25.18 -41.38
N PRO B 40 12.94 -26.15 -40.81
CA PRO B 40 11.50 -26.28 -41.06
C PRO B 40 10.66 -25.12 -40.51
N GLY B 41 9.80 -24.57 -41.38
CA GLY B 41 8.93 -23.47 -40.98
C GLY B 41 9.58 -22.10 -40.90
N GLN B 42 10.89 -22.06 -41.10
CA GLN B 42 11.62 -20.80 -41.03
C GLN B 42 12.06 -20.29 -42.41
N LEU B 43 12.47 -19.04 -42.47
CA LEU B 43 12.92 -18.46 -43.73
C LEU B 43 14.10 -17.53 -43.50
N THR B 44 14.82 -17.24 -44.57
CA THR B 44 15.97 -16.37 -44.50
C THR B 44 15.67 -15.11 -45.32
N LEU B 45 16.12 -13.96 -44.83
CA LEU B 45 15.85 -12.71 -45.51
C LEU B 45 16.97 -11.69 -45.38
N ARG B 46 17.05 -10.79 -46.37
CA ARG B 46 18.03 -9.73 -46.36
C ARG B 46 17.28 -8.45 -46.01
N LEU B 47 17.71 -7.79 -44.94
CA LEU B 47 17.05 -6.56 -44.49
C LEU B 47 17.46 -5.32 -45.29
N ARG B 48 16.50 -4.42 -45.46
CA ARG B 48 16.73 -3.16 -46.18
C ARG B 48 16.59 -2.01 -45.19
N ALA B 49 15.83 -2.24 -44.12
CA ALA B 49 15.63 -1.22 -43.09
C ALA B 49 15.27 -1.90 -41.78
N CYS B 50 15.77 -1.33 -40.68
CA CYS B 50 15.51 -1.86 -39.35
C CYS B 50 15.01 -0.73 -38.48
N GLY B 51 13.96 -1.00 -37.71
CA GLY B 51 13.40 0.04 -36.85
C GLY B 51 14.07 0.22 -35.50
N LEU B 52 14.10 1.45 -35.04
CA LEU B 52 14.68 1.77 -33.74
C LEU B 52 13.55 2.09 -32.76
N ASN B 53 13.57 1.45 -31.59
CA ASN B 53 12.55 1.63 -30.57
C ASN B 53 13.14 1.97 -29.20
N PHE B 54 12.29 2.48 -28.30
CA PHE B 54 12.76 2.82 -26.97
C PHE B 54 13.21 1.55 -26.26
N ALA B 55 12.47 0.47 -26.50
CA ALA B 55 12.76 -0.83 -25.93
C ALA B 55 14.21 -1.23 -26.16
N ASP B 56 14.77 -0.80 -27.29
CA ASP B 56 16.16 -1.13 -27.62
C ASP B 56 17.10 -0.38 -26.70
N LEU B 57 16.75 0.85 -26.35
CA LEU B 57 17.59 1.64 -25.46
C LEU B 57 17.57 1.01 -24.06
N MET B 58 16.42 0.47 -23.68
CA MET B 58 16.27 -0.17 -22.37
C MET B 58 17.09 -1.45 -22.39
N ALA B 59 16.96 -2.21 -23.47
CA ALA B 59 17.69 -3.46 -23.62
C ALA B 59 19.18 -3.22 -23.53
N ARG B 60 19.62 -2.14 -24.16
CA ARG B 60 21.04 -1.79 -24.16
C ARG B 60 21.48 -1.28 -22.79
N GLN B 61 20.50 -0.98 -21.92
CA GLN B 61 20.77 -0.49 -20.57
C GLN B 61 20.61 -1.61 -19.55
N GLY B 62 20.49 -2.84 -20.04
CA GLY B 62 20.30 -3.97 -19.14
C GLY B 62 19.02 -3.88 -18.35
N LEU B 63 17.90 -3.81 -19.05
CA LEU B 63 16.58 -3.71 -18.40
C LEU B 63 15.55 -4.62 -19.05
N TYR B 64 16.00 -5.47 -19.98
CA TYR B 64 15.09 -6.39 -20.68
C TYR B 64 15.37 -7.83 -20.25
N ASP B 65 14.42 -8.40 -19.50
CA ASP B 65 14.55 -9.75 -18.98
C ASP B 65 14.37 -10.91 -19.94
N ARG B 66 13.90 -10.64 -21.16
CA ARG B 66 13.73 -11.71 -22.15
C ARG B 66 14.83 -11.59 -23.18
N LEU B 67 15.75 -10.67 -22.94
CA LEU B 67 16.88 -10.41 -23.84
C LEU B 67 17.92 -11.52 -23.71
N PRO B 68 18.24 -12.19 -24.83
CA PRO B 68 19.22 -13.28 -24.83
C PRO B 68 20.51 -12.90 -24.12
N PRO B 69 21.40 -13.88 -23.91
CA PRO B 69 22.67 -13.62 -23.23
C PRO B 69 23.63 -12.87 -24.14
N LEU B 70 24.33 -11.89 -23.60
CA LEU B 70 25.30 -11.13 -24.38
C LEU B 70 26.42 -12.08 -24.80
N PRO B 71 27.05 -11.84 -25.96
CA PRO B 71 26.79 -10.74 -26.89
C PRO B 71 25.61 -11.09 -27.81
N VAL B 72 24.80 -10.10 -28.15
CA VAL B 72 23.67 -10.37 -29.02
C VAL B 72 23.37 -9.21 -29.95
N THR B 73 22.72 -9.50 -31.06
CA THR B 73 22.34 -8.48 -32.01
C THR B 73 21.01 -7.94 -31.52
N PRO B 74 20.90 -6.63 -31.23
CA PRO B 74 19.61 -6.12 -30.78
C PRO B 74 18.69 -5.87 -31.97
N GLY B 75 17.47 -5.38 -31.70
CA GLY B 75 16.53 -5.08 -32.78
C GLY B 75 15.30 -5.96 -32.86
N MET B 76 14.12 -5.32 -32.84
CA MET B 76 12.85 -6.05 -32.89
C MET B 76 12.13 -6.10 -34.23
N GLU B 77 12.42 -5.16 -35.12
CA GLU B 77 11.74 -5.12 -36.42
C GLU B 77 12.61 -4.73 -37.60
N GLY B 78 12.22 -5.25 -38.76
CA GLY B 78 12.94 -4.96 -39.98
C GLY B 78 12.04 -5.24 -41.15
N ALA B 79 12.48 -4.85 -42.34
CA ALA B 79 11.73 -5.07 -43.57
C ALA B 79 12.74 -5.47 -44.63
N GLY B 80 12.42 -6.49 -45.42
CA GLY B 80 13.36 -6.92 -46.44
C GLY B 80 12.84 -7.94 -47.43
N VAL B 81 13.77 -8.61 -48.11
CA VAL B 81 13.41 -9.59 -49.11
C VAL B 81 13.75 -11.02 -48.73
N VAL B 82 12.80 -11.92 -48.99
CA VAL B 82 12.98 -13.34 -48.70
C VAL B 82 13.95 -13.95 -49.71
N ILE B 83 14.99 -14.63 -49.23
CA ILE B 83 15.95 -15.23 -50.13
C ILE B 83 15.92 -16.75 -50.07
N ALA B 84 15.31 -17.30 -49.03
CA ALA B 84 15.25 -18.75 -48.89
C ALA B 84 14.14 -19.20 -47.92
N VAL B 85 13.42 -20.25 -48.28
CA VAL B 85 12.36 -20.78 -47.44
C VAL B 85 12.64 -22.24 -47.06
N GLY B 86 12.12 -22.68 -45.91
CA GLY B 86 12.33 -24.04 -45.46
C GLY B 86 11.13 -24.92 -45.76
N GLU B 87 11.14 -26.14 -45.24
CA GLU B 87 10.04 -27.07 -45.46
C GLU B 87 8.82 -26.64 -44.66
N GLY B 88 7.64 -26.98 -45.16
CA GLY B 88 6.42 -26.62 -44.45
C GLY B 88 5.87 -25.25 -44.84
N VAL B 89 6.74 -24.25 -44.93
CA VAL B 89 6.31 -22.90 -45.28
C VAL B 89 5.87 -22.85 -46.74
N SER B 90 4.57 -22.70 -46.93
CA SER B 90 4.01 -22.65 -48.29
C SER B 90 3.45 -21.29 -48.67
N ASP B 91 3.60 -20.30 -47.79
CA ASP B 91 3.09 -18.95 -48.04
C ASP B 91 4.16 -17.96 -48.47
N ARG B 92 5.40 -18.42 -48.57
CA ARG B 92 6.50 -17.55 -48.94
C ARG B 92 7.39 -18.15 -50.01
N LYS B 93 8.05 -17.28 -50.78
CA LYS B 93 8.94 -17.70 -51.86
C LYS B 93 10.04 -16.66 -51.96
N ALA B 94 11.18 -17.07 -52.53
CA ALA B 94 12.29 -16.14 -52.68
C ALA B 94 11.82 -14.93 -53.47
N GLY B 95 12.19 -13.73 -53.01
CA GLY B 95 11.79 -12.52 -53.70
C GLY B 95 10.63 -11.77 -53.06
N ASP B 96 9.92 -12.40 -52.12
CA ASP B 96 8.80 -11.74 -51.46
C ASP B 96 9.30 -10.64 -50.55
N ARG B 97 8.58 -9.52 -50.52
CA ARG B 97 8.94 -8.38 -49.67
C ARG B 97 8.19 -8.52 -48.34
N VAL B 98 8.93 -8.60 -47.24
CA VAL B 98 8.30 -8.79 -45.94
C VAL B 98 8.84 -7.92 -44.82
N MET B 99 8.02 -7.76 -43.79
CA MET B 99 8.39 -7.03 -42.59
C MET B 99 8.40 -8.15 -41.54
N VAL B 100 9.24 -8.01 -40.51
CA VAL B 100 9.33 -9.07 -39.51
C VAL B 100 9.44 -8.58 -38.07
N LEU B 101 8.86 -9.36 -37.15
CA LEU B 101 8.87 -9.04 -35.73
C LEU B 101 9.63 -10.14 -34.97
N ASN B 102 10.54 -9.76 -34.07
CA ASN B 102 11.30 -10.75 -33.30
C ASN B 102 11.76 -10.21 -31.95
N ARG B 103 12.21 -11.10 -31.08
CA ARG B 103 12.69 -10.68 -29.76
C ARG B 103 13.95 -9.84 -29.91
N SER B 104 14.78 -10.23 -30.88
CA SER B 104 16.03 -9.53 -31.12
C SER B 104 16.61 -10.01 -32.44
N GLY B 105 17.85 -9.63 -32.70
CA GLY B 105 18.54 -10.04 -33.92
C GLY B 105 18.22 -9.34 -35.23
N MET B 106 17.40 -8.29 -35.20
CA MET B 106 17.04 -7.59 -36.42
C MET B 106 18.03 -6.54 -36.93
N TRP B 107 18.95 -6.10 -36.09
CA TRP B 107 19.91 -5.09 -36.53
C TRP B 107 21.09 -5.66 -37.31
N GLN B 108 20.79 -6.34 -38.42
CA GLN B 108 21.84 -6.90 -39.26
C GLN B 108 21.35 -7.11 -40.68
N GLU B 109 22.28 -7.38 -41.60
CA GLU B 109 21.91 -7.55 -43.01
C GLU B 109 21.13 -8.78 -43.36
N GLU B 110 21.46 -9.90 -42.74
CA GLU B 110 20.74 -11.14 -43.00
C GLU B 110 20.25 -11.72 -41.70
N VAL B 111 19.09 -12.37 -41.74
CA VAL B 111 18.54 -12.97 -40.54
C VAL B 111 17.61 -14.14 -40.91
N THR B 112 17.51 -15.11 -40.01
CA THR B 112 16.68 -16.29 -40.24
C THR B 112 15.67 -16.29 -39.09
N VAL B 113 14.38 -16.41 -39.43
CA VAL B 113 13.30 -16.37 -38.43
C VAL B 113 12.13 -17.27 -38.78
N PRO B 114 11.24 -17.52 -37.82
CA PRO B 114 10.07 -18.38 -38.09
C PRO B 114 9.17 -17.65 -39.10
N SER B 115 8.74 -18.36 -40.13
CA SER B 115 7.90 -17.77 -41.17
C SER B 115 6.63 -17.09 -40.65
N VAL B 116 6.03 -17.63 -39.60
CA VAL B 116 4.81 -17.04 -39.03
C VAL B 116 5.06 -15.71 -38.32
N GLN B 117 6.31 -15.25 -38.30
CA GLN B 117 6.64 -13.98 -37.68
C GLN B 117 6.89 -12.90 -38.73
N THR B 118 6.64 -13.24 -39.99
CA THR B 118 6.82 -12.30 -41.09
C THR B 118 5.46 -12.02 -41.73
N PHE B 119 5.34 -10.87 -42.39
CA PHE B 119 4.09 -10.48 -43.03
C PHE B 119 4.40 -9.84 -44.37
N LEU B 120 3.55 -10.09 -45.36
CA LEU B 120 3.78 -9.53 -46.68
C LEU B 120 3.52 -8.02 -46.73
N ILE B 121 4.46 -7.30 -47.31
CA ILE B 121 4.36 -5.85 -47.44
C ILE B 121 3.55 -5.47 -48.68
N PRO B 122 2.52 -4.62 -48.51
CA PRO B 122 1.70 -4.19 -49.65
C PRO B 122 2.58 -3.60 -50.76
N GLU B 123 2.18 -3.79 -52.02
CA GLU B 123 2.94 -3.27 -53.15
C GLU B 123 3.32 -1.78 -53.05
N ALA B 124 2.37 -0.96 -52.60
CA ALA B 124 2.59 0.48 -52.48
C ALA B 124 3.48 0.94 -51.34
N MET B 125 3.58 0.15 -50.28
CA MET B 125 4.39 0.50 -49.12
C MET B 125 5.88 0.23 -49.35
N THR B 126 6.73 1.15 -48.87
CA THR B 126 8.18 0.98 -49.02
C THR B 126 8.78 0.20 -47.84
N PHE B 127 10.01 -0.27 -48.00
CA PHE B 127 10.71 -1.01 -46.94
C PHE B 127 10.84 -0.10 -45.71
N GLU B 128 11.12 1.17 -45.97
CA GLU B 128 11.26 2.14 -44.90
C GLU B 128 9.99 2.23 -44.10
N GLU B 129 8.85 2.32 -44.79
CA GLU B 129 7.56 2.42 -44.11
C GLU B 129 7.23 1.12 -43.38
N ALA B 130 7.50 -0.01 -44.04
CA ALA B 130 7.25 -1.32 -43.45
C ALA B 130 8.07 -1.48 -42.16
N ALA B 131 9.33 -1.04 -42.19
CA ALA B 131 10.21 -1.13 -41.03
C ALA B 131 9.71 -0.22 -39.90
N ALA B 132 8.87 0.74 -40.24
CA ALA B 132 8.36 1.67 -39.23
C ALA B 132 6.96 1.30 -38.74
N LEU B 133 6.35 0.29 -39.36
CA LEU B 133 4.99 -0.11 -39.02
C LEU B 133 4.72 -1.01 -37.80
N LEU B 134 5.25 -2.22 -37.81
CA LEU B 134 4.99 -3.20 -36.75
C LEU B 134 5.03 -2.82 -35.29
N VAL B 135 6.20 -2.57 -34.72
CA VAL B 135 6.26 -2.24 -33.31
C VAL B 135 5.37 -1.08 -32.88
N ASN B 136 5.51 0.08 -33.52
CA ASN B 136 4.72 1.25 -33.15
C ASN B 136 3.19 1.10 -33.32
N TYR B 137 2.75 0.61 -34.48
CA TYR B 137 1.31 0.48 -34.71
C TYR B 137 0.64 -0.71 -33.98
N ILE B 138 1.39 -1.77 -33.73
CA ILE B 138 0.83 -2.91 -32.98
C ILE B 138 0.63 -2.44 -31.55
N THR B 139 1.60 -1.70 -31.02
CA THR B 139 1.52 -1.19 -29.66
C THR B 139 0.33 -0.22 -29.49
N ALA B 140 0.25 0.78 -30.36
CA ALA B 140 -0.83 1.75 -30.33
C ALA B 140 -2.19 1.07 -30.47
N TYR B 141 -2.27 0.06 -31.34
CA TYR B 141 -3.53 -0.63 -31.57
C TYR B 141 -3.97 -1.46 -30.39
N MET B 142 -3.05 -2.21 -29.80
CA MET B 142 -3.40 -3.03 -28.67
C MET B 142 -3.61 -2.23 -27.39
N VAL B 143 -2.99 -1.05 -27.32
CA VAL B 143 -3.16 -0.21 -26.14
C VAL B 143 -4.51 0.51 -26.18
N LEU B 144 -4.86 1.00 -27.37
CA LEU B 144 -6.10 1.74 -27.56
C LEU B 144 -7.36 0.88 -27.61
N PHE B 145 -7.27 -0.27 -28.26
CA PHE B 145 -8.40 -1.18 -28.41
C PHE B 145 -8.43 -2.35 -27.41
N ASP B 146 -7.44 -3.24 -27.43
CA ASP B 146 -7.43 -4.36 -26.48
C ASP B 146 -7.65 -3.90 -25.04
N PHE B 147 -6.73 -3.10 -24.50
CA PHE B 147 -6.89 -2.62 -23.14
C PHE B 147 -7.82 -1.41 -23.05
N GLY B 148 -7.58 -0.39 -23.88
CA GLY B 148 -8.41 0.80 -23.81
C GLY B 148 -9.87 0.67 -24.26
N ASN B 149 -10.14 -0.24 -25.17
CA ASN B 149 -11.50 -0.46 -25.70
C ASN B 149 -12.06 0.88 -26.21
N LEU B 150 -11.26 1.57 -27.03
CA LEU B 150 -11.63 2.85 -27.60
C LEU B 150 -13.03 2.78 -28.21
N GLN B 151 -13.84 3.78 -27.91
CA GLN B 151 -15.22 3.84 -28.38
C GLN B 151 -15.50 5.24 -28.95
N PRO B 152 -16.48 5.37 -29.87
CA PRO B 152 -16.80 6.68 -30.45
C PRO B 152 -17.19 7.68 -29.35
N GLY B 153 -16.79 8.93 -29.50
CA GLY B 153 -17.13 9.94 -28.52
C GLY B 153 -16.19 9.97 -27.32
N HIS B 154 -15.20 9.08 -27.32
CA HIS B 154 -14.23 9.04 -26.23
C HIS B 154 -13.16 10.13 -26.34
N SER B 155 -12.46 10.39 -25.23
CA SER B 155 -11.38 11.37 -25.23
C SER B 155 -10.13 10.61 -24.79
N VAL B 156 -9.02 10.84 -25.47
CA VAL B 156 -7.76 10.15 -25.18
C VAL B 156 -6.58 11.11 -24.97
N LEU B 157 -5.70 10.76 -24.03
CA LEU B 157 -4.49 11.52 -23.76
C LEU B 157 -3.32 10.70 -24.32
N VAL B 158 -2.68 11.22 -25.36
CA VAL B 158 -1.54 10.54 -25.97
C VAL B 158 -0.25 11.29 -25.61
N HIS B 159 0.54 10.72 -24.70
CA HIS B 159 1.81 11.35 -24.31
C HIS B 159 2.85 11.15 -25.42
N MET B 160 3.74 12.13 -25.59
CA MET B 160 4.79 12.06 -26.62
C MET B 160 4.09 11.87 -27.97
N ALA B 161 3.12 12.72 -28.26
CA ALA B 161 2.34 12.60 -29.49
C ALA B 161 3.12 12.66 -30.79
N ALA B 162 4.34 13.18 -30.77
CA ALA B 162 5.12 13.27 -32.00
C ALA B 162 6.11 12.11 -32.18
N GLY B 163 6.06 11.15 -31.25
CA GLY B 163 6.94 10.00 -31.32
C GLY B 163 6.37 8.93 -32.24
N GLY B 164 7.07 7.82 -32.40
CA GLY B 164 6.60 6.75 -33.26
C GLY B 164 5.25 6.18 -32.85
N VAL B 165 5.13 5.78 -31.58
CA VAL B 165 3.89 5.22 -31.04
C VAL B 165 2.82 6.31 -30.92
N GLY B 166 3.25 7.50 -30.53
CA GLY B 166 2.33 8.62 -30.37
C GLY B 166 1.60 8.94 -31.66
N MET B 167 2.34 9.02 -32.76
CA MET B 167 1.76 9.32 -34.06
C MET B 167 0.87 8.19 -34.55
N ALA B 168 1.29 6.96 -34.32
CA ALA B 168 0.49 5.81 -34.73
C ALA B 168 -0.85 5.85 -33.97
N ALA B 169 -0.80 6.32 -32.74
CA ALA B 169 -1.98 6.38 -31.89
C ALA B 169 -2.94 7.43 -32.38
N VAL B 170 -2.43 8.63 -32.63
CA VAL B 170 -3.27 9.73 -33.10
C VAL B 170 -3.98 9.31 -34.37
N GLN B 171 -3.26 8.65 -35.27
CA GLN B 171 -3.83 8.19 -36.54
C GLN B 171 -4.89 7.14 -36.32
N LEU B 172 -4.64 6.25 -35.35
CA LEU B 172 -5.60 5.19 -35.05
C LEU B 172 -6.87 5.75 -34.39
N CYS B 173 -6.73 6.82 -33.59
CA CYS B 173 -7.91 7.43 -32.95
C CYS B 173 -8.83 8.03 -34.02
N ARG B 174 -8.23 8.51 -35.11
CA ARG B 174 -8.98 9.11 -36.21
C ARG B 174 -9.76 8.10 -37.04
N THR B 175 -9.61 6.81 -36.75
CA THR B 175 -10.36 5.79 -37.48
C THR B 175 -11.64 5.50 -36.72
N VAL B 176 -11.74 6.03 -35.52
CA VAL B 176 -12.93 5.86 -34.71
C VAL B 176 -13.61 7.23 -34.64
N GLU B 177 -14.92 7.22 -34.88
CA GLU B 177 -15.72 8.46 -34.88
C GLU B 177 -15.66 9.30 -33.62
N ASN B 178 -15.61 10.60 -33.83
CA ASN B 178 -15.63 11.59 -32.76
C ASN B 178 -14.73 11.35 -31.57
N VAL B 179 -13.45 11.06 -31.81
CA VAL B 179 -12.54 10.85 -30.67
C VAL B 179 -11.77 12.14 -30.42
N THR B 180 -11.81 12.63 -29.19
CA THR B 180 -11.10 13.84 -28.81
C THR B 180 -9.71 13.41 -28.34
N VAL B 181 -8.66 13.96 -28.97
CA VAL B 181 -7.29 13.60 -28.63
C VAL B 181 -6.44 14.71 -28.03
N PHE B 182 -5.96 14.49 -26.81
CA PHE B 182 -5.08 15.46 -26.15
C PHE B 182 -3.67 14.88 -26.32
N GLY B 183 -2.77 15.65 -26.92
CA GLY B 183 -1.41 15.17 -27.11
C GLY B 183 -0.37 16.12 -26.56
N THR B 184 0.62 15.57 -25.86
CA THR B 184 1.69 16.38 -25.30
C THR B 184 2.98 16.25 -26.11
N ALA B 185 3.70 17.37 -26.20
CA ALA B 185 4.96 17.45 -26.94
C ALA B 185 5.51 18.88 -26.88
N SER B 186 6.75 19.07 -27.34
CA SER B 186 7.40 20.38 -27.36
C SER B 186 6.53 21.34 -28.16
N ALA B 187 6.44 22.59 -27.72
CA ALA B 187 5.61 23.57 -28.42
C ALA B 187 6.06 23.74 -29.87
N SER B 188 7.30 23.37 -30.17
CA SER B 188 7.86 23.48 -31.52
C SER B 188 7.42 22.31 -32.40
N LYS B 189 6.68 21.37 -31.82
CA LYS B 189 6.19 20.22 -32.57
C LYS B 189 4.68 20.26 -32.62
N HIS B 190 4.09 21.31 -32.04
CA HIS B 190 2.64 21.45 -32.01
C HIS B 190 1.93 21.56 -33.35
N GLU B 191 2.61 22.13 -34.33
CA GLU B 191 2.01 22.29 -35.65
C GLU B 191 1.94 20.95 -36.37
N ALA B 192 2.94 20.10 -36.17
CA ALA B 192 2.96 18.78 -36.80
C ALA B 192 1.93 17.88 -36.09
N LEU B 193 1.64 18.24 -34.84
CA LEU B 193 0.67 17.49 -34.04
C LEU B 193 -0.72 17.77 -34.62
N LYS B 194 -1.04 19.05 -34.80
CA LYS B 194 -2.33 19.46 -35.36
C LYS B 194 -2.54 18.79 -36.70
N GLU B 195 -1.47 18.72 -37.48
CA GLU B 195 -1.52 18.13 -38.81
C GLU B 195 -1.82 16.62 -38.77
N ASN B 196 -1.24 15.91 -37.81
CA ASN B 196 -1.43 14.48 -37.71
C ASN B 196 -2.78 14.08 -37.10
N GLY B 197 -3.50 15.07 -36.55
CA GLY B 197 -4.80 14.78 -35.97
C GLY B 197 -5.04 15.07 -34.49
N VAL B 198 -4.16 15.83 -33.83
CA VAL B 198 -4.34 16.12 -32.41
C VAL B 198 -5.30 17.29 -32.18
N THR B 199 -6.32 17.05 -31.36
CA THR B 199 -7.32 18.05 -31.06
C THR B 199 -6.84 19.17 -30.13
N HIS B 200 -6.05 18.80 -29.12
CA HIS B 200 -5.56 19.76 -28.14
C HIS B 200 -4.10 19.53 -27.75
N PRO B 201 -3.14 20.19 -28.42
CA PRO B 201 -1.73 20.00 -28.06
C PRO B 201 -1.38 20.68 -26.75
N ILE B 202 -0.57 20.02 -25.94
CA ILE B 202 -0.16 20.58 -24.67
C ILE B 202 1.36 20.62 -24.52
N ASP B 203 1.86 21.79 -24.15
CA ASP B 203 3.29 21.99 -23.95
C ASP B 203 3.64 21.43 -22.59
N TYR B 204 4.13 20.21 -22.59
CA TYR B 204 4.53 19.49 -21.40
C TYR B 204 5.50 20.31 -20.53
N HIS B 205 6.40 21.04 -21.19
CA HIS B 205 7.44 21.82 -20.49
C HIS B 205 7.07 23.18 -19.92
N THR B 206 5.97 23.79 -20.36
CA THR B 206 5.61 25.10 -19.84
C THR B 206 4.30 25.17 -19.05
N THR B 207 3.39 24.24 -19.30
CA THR B 207 2.10 24.23 -18.61
C THR B 207 1.81 22.86 -17.99
N ASP B 208 1.05 22.85 -16.89
CA ASP B 208 0.71 21.58 -16.24
C ASP B 208 -0.35 20.92 -17.12
N TYR B 209 -0.01 19.80 -17.75
CA TYR B 209 -0.95 19.11 -18.61
C TYR B 209 -2.21 18.67 -17.88
N VAL B 210 -2.08 18.21 -16.64
CA VAL B 210 -3.25 17.81 -15.86
C VAL B 210 -4.21 18.99 -15.82
N ASP B 211 -3.69 20.16 -15.43
CA ASP B 211 -4.50 21.38 -15.36
C ASP B 211 -5.05 21.79 -16.72
N GLU B 212 -4.21 21.72 -17.74
CA GLU B 212 -4.62 22.11 -19.10
C GLU B 212 -5.77 21.25 -19.65
N ILE B 213 -5.77 19.97 -19.29
CA ILE B 213 -6.80 19.05 -19.74
C ILE B 213 -8.12 19.27 -19.00
N LYS B 214 -8.04 19.45 -17.68
CA LYS B 214 -9.23 19.66 -16.89
C LYS B 214 -9.95 20.97 -17.23
N LYS B 215 -9.25 21.90 -17.86
CA LYS B 215 -9.87 23.16 -18.25
C LYS B 215 -10.89 22.83 -19.31
N ILE B 216 -10.50 21.97 -20.25
CA ILE B 216 -11.36 21.56 -21.36
C ILE B 216 -12.35 20.43 -21.02
N SER B 217 -11.89 19.41 -20.31
CA SER B 217 -12.73 18.28 -19.91
C SER B 217 -12.64 18.07 -18.40
N PRO B 218 -13.53 18.69 -17.63
CA PRO B 218 -13.52 18.57 -16.18
C PRO B 218 -13.50 17.14 -15.62
N LYS B 219 -14.29 16.25 -16.23
CA LYS B 219 -14.36 14.87 -15.76
C LYS B 219 -13.06 14.11 -15.95
N GLY B 220 -12.25 14.54 -16.91
CA GLY B 220 -10.99 13.88 -17.19
C GLY B 220 -11.02 13.25 -18.57
N VAL B 221 -10.36 12.09 -18.74
CA VAL B 221 -10.35 11.41 -20.04
C VAL B 221 -10.67 9.92 -19.92
N ASP B 222 -11.01 9.30 -21.04
CA ASP B 222 -11.36 7.89 -21.05
C ASP B 222 -10.16 6.96 -21.10
N ILE B 223 -9.10 7.39 -21.78
CA ILE B 223 -7.89 6.57 -21.90
C ILE B 223 -6.63 7.42 -21.82
N VAL B 224 -5.70 6.97 -20.99
CA VAL B 224 -4.42 7.67 -20.85
C VAL B 224 -3.32 6.71 -21.31
N MET B 225 -2.56 7.13 -22.33
CA MET B 225 -1.44 6.33 -22.84
C MET B 225 -0.16 6.82 -22.17
N ASP B 226 0.45 5.95 -21.36
CA ASP B 226 1.63 6.31 -20.60
C ASP B 226 2.95 5.63 -20.99
N PRO B 227 3.79 6.30 -21.80
CA PRO B 227 5.08 5.76 -22.24
C PRO B 227 6.19 6.29 -21.31
N LEU B 228 5.81 7.20 -20.42
CA LEU B 228 6.71 7.85 -19.48
C LEU B 228 7.02 7.03 -18.23
N GLY B 229 5.96 6.55 -17.58
CA GLY B 229 6.14 5.76 -16.37
C GLY B 229 6.49 6.66 -15.19
N GLY B 230 7.03 6.08 -14.13
CA GLY B 230 7.38 6.85 -12.96
C GLY B 230 6.24 7.62 -12.33
N SER B 231 6.42 8.93 -12.16
CA SER B 231 5.42 9.78 -11.53
C SER B 231 4.27 10.23 -12.43
N ASP B 232 4.33 9.92 -13.72
CA ASP B 232 3.26 10.32 -14.61
C ASP B 232 2.12 9.30 -14.62
N THR B 233 2.43 8.07 -14.22
CA THR B 233 1.40 7.04 -14.19
C THR B 233 0.31 7.48 -13.23
N ALA B 234 0.73 7.96 -12.05
CA ALA B 234 -0.20 8.42 -11.02
C ALA B 234 -1.06 9.58 -11.51
N LYS B 235 -0.44 10.52 -12.20
CA LYS B 235 -1.15 11.67 -12.73
C LYS B 235 -2.19 11.23 -13.76
N GLY B 236 -1.84 10.21 -14.54
CA GLY B 236 -2.75 9.71 -15.55
C GLY B 236 -3.94 9.03 -14.91
N TYR B 237 -3.64 8.23 -13.90
CA TYR B 237 -4.67 7.53 -13.15
C TYR B 237 -5.75 8.47 -12.66
N ASN B 238 -5.34 9.51 -11.93
CA ASN B 238 -6.28 10.49 -11.37
C ASN B 238 -6.91 11.41 -12.40
N LEU B 239 -6.61 11.17 -13.66
CA LEU B 239 -7.15 11.97 -14.74
C LEU B 239 -8.25 11.17 -15.46
N LEU B 240 -8.47 9.93 -15.04
CA LEU B 240 -9.47 9.04 -15.64
C LEU B 240 -10.94 9.30 -15.26
N LYS B 241 -11.81 9.22 -16.25
CA LYS B 241 -13.25 9.37 -16.04
C LYS B 241 -13.72 7.99 -15.56
N PRO B 242 -15.01 7.87 -15.20
CA PRO B 242 -15.48 6.56 -14.75
C PRO B 242 -15.32 5.56 -15.91
N MET B 243 -14.96 4.32 -15.59
CA MET B 243 -14.75 3.27 -16.59
C MET B 243 -13.46 3.48 -17.40
N GLY B 244 -12.72 4.53 -17.07
CA GLY B 244 -11.50 4.82 -17.79
C GLY B 244 -10.31 3.97 -17.43
N LYS B 245 -9.32 3.92 -18.32
CA LYS B 245 -8.11 3.18 -18.02
C LYS B 245 -6.83 3.87 -18.49
N VAL B 246 -5.79 3.68 -17.69
CA VAL B 246 -4.47 4.20 -17.98
C VAL B 246 -3.62 2.97 -18.34
N VAL B 247 -2.91 3.03 -19.48
CA VAL B 247 -2.10 1.89 -19.93
C VAL B 247 -0.63 2.29 -20.04
N THR B 248 0.21 1.65 -19.23
CA THR B 248 1.65 1.92 -19.22
C THR B 248 2.36 0.94 -20.13
N TYR B 249 3.16 1.45 -21.05
CA TYR B 249 3.90 0.60 -22.00
C TYR B 249 5.35 1.03 -22.18
N GLY B 250 5.83 1.90 -21.31
CA GLY B 250 7.20 2.37 -21.41
C GLY B 250 7.68 3.03 -20.12
N MET B 251 8.99 3.19 -19.98
CA MET B 251 9.57 3.81 -18.80
C MET B 251 10.46 4.99 -19.22
N ALA B 252 10.01 5.73 -20.24
CA ALA B 252 10.73 6.88 -20.81
C ALA B 252 11.27 7.93 -19.84
N ASN B 253 10.76 8.01 -18.62
CA ASN B 253 11.26 8.99 -17.66
C ASN B 253 12.62 8.52 -17.10
N LEU B 254 12.76 7.21 -16.95
CA LEU B 254 13.99 6.60 -16.46
C LEU B 254 15.17 7.00 -17.34
N LEU B 255 14.89 7.62 -18.48
CA LEU B 255 15.92 8.06 -19.41
C LEU B 255 15.44 9.21 -20.29
N GLN B 272 6.66 6.09 -6.67
CA GLN B 272 6.16 5.37 -7.84
C GLN B 272 4.65 5.20 -7.73
N PHE B 273 4.05 4.58 -8.74
CA PHE B 273 2.60 4.39 -8.74
C PHE B 273 2.20 3.05 -8.14
N SER B 274 1.19 3.09 -7.26
CA SER B 274 0.71 1.89 -6.61
C SER B 274 -0.78 2.02 -6.26
N VAL B 275 -1.58 1.03 -6.65
CA VAL B 275 -3.01 1.05 -6.35
C VAL B 275 -3.51 -0.29 -5.81
N THR B 276 -4.59 -0.22 -5.05
CA THR B 276 -5.21 -1.40 -4.47
C THR B 276 -6.49 -1.69 -5.23
N ALA B 277 -6.95 -2.93 -5.15
CA ALA B 277 -8.19 -3.33 -5.82
C ALA B 277 -9.36 -2.53 -5.27
N LEU B 278 -9.31 -2.24 -3.97
CA LEU B 278 -10.38 -1.47 -3.34
C LEU B 278 -10.48 -0.08 -3.91
N GLN B 279 -9.34 0.57 -4.13
CA GLN B 279 -9.31 1.91 -4.68
C GLN B 279 -9.90 1.92 -6.10
N LEU B 280 -9.57 0.90 -6.89
CA LEU B 280 -10.08 0.79 -8.25
C LEU B 280 -11.60 0.61 -8.23
N LEU B 281 -12.06 -0.17 -7.27
CA LEU B 281 -13.48 -0.45 -7.12
C LEU B 281 -14.28 0.81 -6.79
N GLN B 282 -13.75 1.65 -5.92
CA GLN B 282 -14.46 2.87 -5.54
C GLN B 282 -14.36 3.96 -6.59
N ALA B 283 -13.41 3.81 -7.52
CA ALA B 283 -13.23 4.83 -8.55
C ALA B 283 -13.68 4.38 -9.95
N ASN B 284 -14.01 3.10 -10.09
CA ASN B 284 -14.42 2.55 -11.39
C ASN B 284 -13.33 2.83 -12.43
N ARG B 285 -12.09 2.45 -12.10
CA ARG B 285 -10.96 2.65 -13.00
C ARG B 285 -10.15 1.39 -13.22
N ALA B 286 -9.26 1.42 -14.21
CA ALA B 286 -8.40 0.28 -14.50
C ALA B 286 -6.98 0.79 -14.77
N VAL B 287 -6.01 -0.04 -14.43
CA VAL B 287 -4.61 0.27 -14.66
C VAL B 287 -4.10 -0.95 -15.42
N CYS B 288 -3.43 -0.70 -16.54
CA CYS B 288 -2.95 -1.80 -17.38
C CYS B 288 -1.48 -1.63 -17.75
N GLY B 289 -0.84 -2.72 -18.16
CA GLY B 289 0.54 -2.66 -18.55
C GLY B 289 0.72 -3.43 -19.85
N PHE B 290 1.50 -2.88 -20.76
CA PHE B 290 1.74 -3.54 -22.05
C PHE B 290 3.20 -3.42 -22.52
N HIS B 291 3.69 -4.50 -23.13
CA HIS B 291 5.04 -4.53 -23.67
C HIS B 291 5.11 -5.67 -24.68
N LEU B 292 5.26 -5.30 -25.94
CA LEU B 292 5.31 -6.28 -27.02
C LEU B 292 6.45 -7.27 -26.85
N GLY B 293 7.46 -6.89 -26.08
CA GLY B 293 8.59 -7.77 -25.85
C GLY B 293 8.34 -8.89 -24.85
N TYR B 294 7.38 -8.68 -23.94
CA TYR B 294 7.05 -9.69 -22.93
C TYR B 294 5.83 -10.48 -23.33
N LEU B 295 5.35 -10.27 -24.55
CA LEU B 295 4.19 -10.98 -25.06
C LEU B 295 4.73 -12.32 -25.51
N ASP B 296 4.29 -13.40 -24.86
CA ASP B 296 4.78 -14.74 -25.18
C ASP B 296 3.94 -15.63 -26.10
N GLY B 297 4.60 -16.18 -27.12
CA GLY B 297 4.00 -17.07 -28.09
C GLY B 297 2.61 -16.77 -28.61
N GLU B 298 2.19 -15.51 -28.54
CA GLU B 298 0.87 -15.14 -29.02
C GLU B 298 0.87 -14.76 -30.49
N VAL B 299 1.43 -15.62 -31.34
CA VAL B 299 1.50 -15.35 -32.76
C VAL B 299 0.13 -15.12 -33.41
N GLU B 300 -0.89 -15.88 -33.01
CA GLU B 300 -2.23 -15.73 -33.58
C GLU B 300 -2.82 -14.35 -33.25
N LEU B 301 -2.61 -13.94 -32.01
CA LEU B 301 -3.10 -12.67 -31.52
C LEU B 301 -2.53 -11.48 -32.31
N VAL B 302 -1.20 -11.40 -32.34
CA VAL B 302 -0.52 -10.34 -33.06
C VAL B 302 -0.85 -10.36 -34.55
N SER B 303 -0.79 -11.54 -35.15
CA SER B 303 -1.09 -11.69 -36.57
C SER B 303 -2.46 -11.11 -36.88
N GLY B 304 -3.38 -11.23 -35.92
CA GLY B 304 -4.71 -10.70 -36.11
C GLY B 304 -4.67 -9.18 -36.21
N VAL B 305 -3.86 -8.56 -35.36
CA VAL B 305 -3.72 -7.11 -35.34
C VAL B 305 -3.01 -6.57 -36.59
N VAL B 306 -1.99 -7.28 -37.04
CA VAL B 306 -1.27 -6.83 -38.23
C VAL B 306 -2.19 -6.88 -39.44
N ALA B 307 -3.04 -7.91 -39.50
CA ALA B 307 -3.97 -8.04 -40.61
C ALA B 307 -4.88 -6.82 -40.68
N ARG B 308 -5.32 -6.33 -39.51
CA ARG B 308 -6.17 -5.16 -39.47
C ARG B 308 -5.39 -3.89 -39.77
N LEU B 309 -4.12 -3.86 -39.39
CA LEU B 309 -3.29 -2.70 -39.65
C LEU B 309 -3.07 -2.56 -41.15
N LEU B 310 -2.76 -3.68 -41.81
CA LEU B 310 -2.54 -3.63 -43.25
C LEU B 310 -3.80 -3.17 -43.99
N ALA B 311 -4.96 -3.70 -43.61
CA ALA B 311 -6.20 -3.30 -44.26
C ALA B 311 -6.41 -1.79 -44.21
N LEU B 312 -6.10 -1.19 -43.05
CA LEU B 312 -6.25 0.24 -42.85
C LEU B 312 -5.30 1.04 -43.75
N TYR B 313 -4.08 0.51 -43.92
CA TYR B 313 -3.09 1.17 -44.76
C TYR B 313 -3.55 1.18 -46.21
N ASN B 314 -4.10 0.04 -46.64
CA ASN B 314 -4.60 -0.10 -48.00
C ASN B 314 -5.82 0.79 -48.23
N GLN B 315 -6.54 1.06 -47.14
CA GLN B 315 -7.72 1.91 -47.18
C GLN B 315 -7.31 3.38 -47.10
N GLY B 316 -6.05 3.60 -46.69
CA GLY B 316 -5.53 4.96 -46.59
C GLY B 316 -5.76 5.63 -45.24
N HIS B 317 -5.89 4.84 -44.17
CA HIS B 317 -6.12 5.43 -42.85
C HIS B 317 -4.86 5.56 -41.99
N ILE B 318 -3.79 4.87 -42.38
CA ILE B 318 -2.53 4.99 -41.64
C ILE B 318 -1.37 5.21 -42.60
N LYS B 319 -0.38 5.97 -42.15
CA LYS B 319 0.79 6.26 -42.96
C LYS B 319 1.96 6.48 -42.02
N PRO B 320 2.86 5.50 -41.91
CA PRO B 320 4.01 5.63 -41.03
C PRO B 320 4.92 6.77 -41.48
N HIS B 321 5.21 7.70 -40.57
CA HIS B 321 6.08 8.81 -40.92
C HIS B 321 7.52 8.52 -40.47
N ILE B 322 8.47 8.72 -41.38
CA ILE B 322 9.89 8.49 -41.12
C ILE B 322 10.62 9.76 -40.75
N ASP B 323 11.23 9.77 -39.56
CA ASP B 323 11.97 10.92 -39.08
C ASP B 323 13.36 11.07 -39.71
N SER B 324 14.13 9.99 -39.71
CA SER B 324 15.49 10.02 -40.25
C SER B 324 16.01 8.61 -40.46
N VAL B 325 16.97 8.48 -41.35
CA VAL B 325 17.56 7.18 -41.68
C VAL B 325 19.08 7.26 -41.48
N TRP B 326 19.66 6.24 -40.84
CA TRP B 326 21.08 6.21 -40.58
C TRP B 326 21.73 4.87 -40.91
N PRO B 327 22.95 4.91 -41.46
CA PRO B 327 23.65 3.66 -41.80
C PRO B 327 24.14 3.01 -40.48
N PHE B 328 24.46 1.72 -40.50
CA PHE B 328 24.91 1.05 -39.27
C PHE B 328 26.08 1.74 -38.57
N GLU B 329 26.99 2.33 -39.35
CA GLU B 329 28.16 3.02 -38.80
C GLU B 329 27.81 4.15 -37.84
N LYS B 330 26.64 4.74 -38.03
CA LYS B 330 26.24 5.85 -37.18
C LYS B 330 25.11 5.49 -36.23
N VAL B 331 25.07 4.23 -35.83
CA VAL B 331 24.03 3.75 -34.92
C VAL B 331 23.97 4.61 -33.66
N ALA B 332 25.11 5.15 -33.24
CA ALA B 332 25.15 5.99 -32.04
C ALA B 332 24.28 7.22 -32.22
N ASP B 333 24.38 7.84 -33.40
CA ASP B 333 23.64 9.05 -33.71
C ASP B 333 22.14 8.78 -33.79
N ALA B 334 21.81 7.58 -34.25
CA ALA B 334 20.42 7.17 -34.37
C ALA B 334 19.82 7.04 -32.98
N MET B 335 20.53 6.36 -32.08
CA MET B 335 20.05 6.18 -30.72
C MET B 335 19.92 7.53 -30.03
N LYS B 336 20.97 8.34 -30.14
CA LYS B 336 20.98 9.67 -29.56
C LYS B 336 19.79 10.52 -30.04
N GLN B 337 19.49 10.40 -31.34
CA GLN B 337 18.39 11.13 -31.98
C GLN B 337 17.08 10.89 -31.24
N MET B 338 16.88 9.66 -30.79
CA MET B 338 15.67 9.29 -30.09
C MET B 338 15.75 9.52 -28.59
N GLN B 339 16.92 9.32 -28.02
CA GLN B 339 17.11 9.50 -26.59
C GLN B 339 17.01 10.96 -26.17
N GLU B 340 17.19 11.86 -27.12
CA GLU B 340 17.10 13.28 -26.81
C GLU B 340 15.81 13.87 -27.34
N LYS B 341 14.86 13.00 -27.68
CA LYS B 341 13.56 13.39 -28.20
C LYS B 341 13.59 14.40 -29.35
N LYS B 342 14.43 14.16 -30.33
CA LYS B 342 14.52 15.05 -31.47
C LYS B 342 13.70 14.55 -32.65
N ASN B 343 13.30 13.28 -32.60
CA ASN B 343 12.54 12.68 -33.68
C ASN B 343 11.04 12.96 -33.72
N VAL B 344 10.55 13.20 -34.93
CA VAL B 344 9.13 13.42 -35.17
C VAL B 344 8.87 12.32 -36.18
N GLY B 345 8.51 11.15 -35.66
CA GLY B 345 8.26 10.02 -36.52
C GLY B 345 9.23 8.91 -36.13
N LYS B 346 9.43 7.97 -37.05
CA LYS B 346 10.29 6.82 -36.84
C LYS B 346 11.76 7.06 -37.16
N VAL B 347 12.65 6.47 -36.37
CA VAL B 347 14.09 6.55 -36.59
C VAL B 347 14.47 5.18 -37.14
N LEU B 348 15.14 5.13 -38.28
CA LEU B 348 15.50 3.87 -38.92
C LEU B 348 17.01 3.62 -39.11
N LEU B 349 17.34 2.35 -39.32
CA LEU B 349 18.73 1.97 -39.58
C LEU B 349 18.73 1.22 -40.91
N VAL B 350 19.73 1.48 -41.74
CA VAL B 350 19.86 0.77 -43.01
C VAL B 350 21.28 0.20 -43.03
N PRO B 351 21.48 -0.98 -43.64
CA PRO B 351 22.83 -1.55 -43.67
C PRO B 351 23.87 -0.50 -44.07
N GLY B 352 23.49 0.34 -45.03
CA GLY B 352 24.39 1.40 -45.46
C GLY B 352 25.28 1.03 -46.62
N PRO B 353 26.03 2.02 -47.15
CA PRO B 353 26.94 1.77 -48.27
C PRO B 353 28.22 1.08 -47.82
N GLU B 354 28.77 0.23 -48.70
CA GLU B 354 30.00 -0.48 -48.39
C GLU B 354 31.18 0.49 -48.28
N LEU C 11 53.13 2.37 -4.74
CA LEU C 11 51.70 2.42 -5.15
C LEU C 11 50.81 1.79 -4.07
N LEU C 12 49.62 2.36 -3.89
CA LEU C 12 48.65 1.89 -2.89
C LEU C 12 47.67 0.85 -3.41
N ARG C 13 47.11 0.06 -2.51
CA ARG C 13 46.17 -0.99 -2.87
C ARG C 13 44.73 -0.62 -2.54
N CYS C 14 43.79 -1.05 -3.38
CA CYS C 14 42.38 -0.76 -3.19
C CYS C 14 41.46 -1.87 -3.70
N LEU C 15 40.36 -2.12 -2.99
CA LEU C 15 39.40 -3.10 -3.45
C LEU C 15 38.36 -2.25 -4.17
N VAL C 16 37.85 -2.76 -5.30
CA VAL C 16 36.90 -2.00 -6.07
C VAL C 16 35.73 -2.84 -6.56
N LEU C 17 34.52 -2.32 -6.35
CA LEU C 17 33.31 -3.00 -6.82
C LEU C 17 33.12 -2.48 -8.25
N THR C 18 33.26 -3.37 -9.23
CA THR C 18 33.13 -3.00 -10.64
C THR C 18 31.74 -3.21 -11.25
N GLY C 19 30.94 -4.05 -10.59
CA GLY C 19 29.59 -4.32 -11.06
C GLY C 19 28.74 -4.91 -9.96
N PHE C 20 27.48 -5.19 -10.25
CA PHE C 20 26.58 -5.77 -9.27
C PHE C 20 26.38 -7.25 -9.57
N GLY C 21 26.65 -8.09 -8.58
CA GLY C 21 26.50 -9.52 -8.77
C GLY C 21 27.12 -10.35 -7.65
N GLY C 22 27.59 -11.54 -8.00
CA GLY C 22 28.20 -12.44 -7.02
C GLY C 22 29.53 -11.97 -6.47
N TYR C 23 30.19 -12.86 -5.73
CA TYR C 23 31.47 -12.58 -5.09
C TYR C 23 32.56 -12.01 -5.99
N ASP C 24 32.59 -12.45 -7.24
CA ASP C 24 33.62 -12.02 -8.21
C ASP C 24 33.63 -10.54 -8.59
N LYS C 25 32.57 -9.81 -8.26
CA LYS C 25 32.51 -8.39 -8.63
C LYS C 25 33.52 -7.50 -7.94
N VAL C 26 33.93 -7.85 -6.72
CA VAL C 26 34.90 -7.06 -5.99
C VAL C 26 36.30 -7.41 -6.49
N LYS C 27 37.00 -6.42 -7.03
CA LYS C 27 38.35 -6.61 -7.57
C LYS C 27 39.44 -5.90 -6.78
N LEU C 28 40.67 -6.39 -6.93
CA LEU C 28 41.83 -5.79 -6.28
C LEU C 28 42.51 -4.91 -7.31
N GLN C 29 42.64 -3.63 -7.02
CA GLN C 29 43.28 -2.70 -7.94
C GLN C 29 44.40 -1.89 -7.31
N SER C 30 45.01 -1.02 -8.10
CA SER C 30 46.11 -0.20 -7.62
C SER C 30 45.75 1.28 -7.71
N ARG C 31 46.70 2.12 -7.31
CA ARG C 31 46.49 3.56 -7.33
C ARG C 31 47.84 4.21 -7.07
N PRO C 32 48.08 5.40 -7.66
CA PRO C 32 49.35 6.10 -7.46
C PRO C 32 49.56 6.50 -6.01
N ALA C 33 50.73 6.18 -5.47
CA ALA C 33 51.06 6.50 -4.08
C ALA C 33 51.39 7.99 -3.91
N ALA C 34 50.50 8.84 -4.41
CA ALA C 34 50.70 10.29 -4.31
C ALA C 34 50.81 10.75 -2.87
N PRO C 35 51.66 11.75 -2.60
CA PRO C 35 51.87 12.28 -1.25
C PRO C 35 50.58 12.84 -0.62
N PRO C 36 50.43 12.67 0.71
CA PRO C 36 49.26 13.14 1.47
C PRO C 36 49.03 14.65 1.47
N ALA C 37 47.83 15.05 1.06
CA ALA C 37 47.46 16.47 1.03
C ALA C 37 46.02 16.63 1.52
N PRO C 38 45.77 16.32 2.81
CA PRO C 38 44.43 16.45 3.38
C PRO C 38 43.97 17.90 3.41
N GLY C 39 42.72 18.13 3.01
CA GLY C 39 42.19 19.48 3.02
C GLY C 39 41.79 19.91 4.42
N PRO C 40 41.22 21.12 4.58
CA PRO C 40 40.79 21.63 5.89
C PRO C 40 39.76 20.73 6.57
N GLY C 41 39.91 20.56 7.89
CA GLY C 41 38.98 19.73 8.64
C GLY C 41 39.14 18.24 8.35
N GLN C 42 40.08 17.89 7.50
CA GLN C 42 40.29 16.50 7.15
C GLN C 42 41.63 15.92 7.56
N LEU C 43 41.81 14.63 7.31
CA LEU C 43 43.05 13.97 7.65
C LEU C 43 43.21 12.70 6.82
N THR C 44 44.45 12.25 6.68
CA THR C 44 44.73 11.04 5.92
C THR C 44 45.24 9.98 6.88
N LEU C 45 44.90 8.72 6.63
CA LEU C 45 45.35 7.67 7.51
C LEU C 45 45.64 6.37 6.79
N ARG C 46 46.49 5.55 7.38
CA ARG C 46 46.80 4.25 6.81
C ARG C 46 46.08 3.19 7.62
N LEU C 47 45.22 2.43 6.95
CA LEU C 47 44.44 1.40 7.62
C LEU C 47 45.24 0.14 7.90
N ARG C 48 44.94 -0.49 9.02
CA ARG C 48 45.59 -1.73 9.42
C ARG C 48 44.57 -2.86 9.41
N ALA C 49 43.29 -2.49 9.43
CA ALA C 49 42.19 -3.45 9.41
C ALA C 49 40.92 -2.76 8.92
N CYS C 50 40.08 -3.50 8.24
CA CYS C 50 38.84 -2.98 7.69
C CYS C 50 37.72 -3.93 8.07
N GLY C 51 36.53 -3.39 8.31
CA GLY C 51 35.41 -4.23 8.69
C GLY C 51 34.53 -4.66 7.54
N LEU C 52 33.96 -5.85 7.67
CA LEU C 52 33.04 -6.38 6.69
C LEU C 52 31.69 -6.35 7.39
N ASN C 53 30.66 -5.93 6.68
CA ASN C 53 29.32 -5.85 7.25
C ASN C 53 28.36 -6.43 6.24
N PHE C 54 27.21 -6.86 6.70
CA PHE C 54 26.24 -7.45 5.79
C PHE C 54 25.79 -6.45 4.73
N ALA C 55 25.85 -5.16 5.06
CA ALA C 55 25.47 -4.11 4.11
C ALA C 55 26.40 -4.12 2.89
N ASP C 56 27.65 -4.51 3.09
CA ASP C 56 28.60 -4.58 2.00
C ASP C 56 28.12 -5.66 1.03
N LEU C 57 27.62 -6.77 1.57
CA LEU C 57 27.10 -7.86 0.74
C LEU C 57 25.92 -7.33 -0.05
N MET C 58 25.08 -6.55 0.60
CA MET C 58 23.91 -5.95 -0.05
C MET C 58 24.35 -4.99 -1.15
N ALA C 59 25.40 -4.22 -0.90
CA ALA C 59 25.90 -3.26 -1.89
C ALA C 59 26.42 -3.98 -3.12
N ARG C 60 27.11 -5.09 -2.92
CA ARG C 60 27.67 -5.86 -4.01
C ARG C 60 26.58 -6.37 -4.94
N GLN C 61 25.48 -6.85 -4.35
CA GLN C 61 24.35 -7.38 -5.14
C GLN C 61 23.49 -6.25 -5.71
N GLY C 62 23.80 -5.01 -5.32
CA GLY C 62 23.05 -3.87 -5.81
C GLY C 62 21.71 -3.63 -5.12
N LEU C 63 21.72 -3.62 -3.79
CA LEU C 63 20.49 -3.41 -3.04
C LEU C 63 20.63 -2.22 -2.09
N TYR C 64 21.82 -1.62 -2.08
CA TYR C 64 22.11 -0.47 -1.22
C TYR C 64 22.03 0.80 -2.06
N ASP C 65 21.04 1.63 -1.78
CA ASP C 65 20.85 2.85 -2.55
C ASP C 65 21.70 4.05 -2.17
N ARG C 66 22.41 3.99 -1.05
CA ARG C 66 23.25 5.11 -0.64
C ARG C 66 24.64 4.92 -1.25
N LEU C 67 24.80 3.82 -1.99
CA LEU C 67 26.05 3.46 -2.65
C LEU C 67 26.37 4.41 -3.81
N PRO C 68 27.58 5.00 -3.80
CA PRO C 68 27.91 5.90 -4.90
C PRO C 68 27.98 5.12 -6.22
N PRO C 69 27.85 5.80 -7.37
CA PRO C 69 27.88 5.11 -8.66
C PRO C 69 29.17 4.33 -8.93
N LEU C 70 29.03 3.15 -9.53
CA LEU C 70 30.17 2.30 -9.85
C LEU C 70 31.08 2.93 -10.91
N PRO C 71 32.40 2.66 -10.83
CA PRO C 71 33.06 1.81 -9.83
C PRO C 71 33.37 2.56 -8.53
N VAL C 72 33.46 1.83 -7.43
CA VAL C 72 33.76 2.47 -6.14
C VAL C 72 34.34 1.49 -5.14
N THR C 73 35.19 1.99 -4.24
CA THR C 73 35.78 1.17 -3.19
C THR C 73 34.73 1.10 -2.06
N PRO C 74 34.33 -0.11 -1.65
CA PRO C 74 33.33 -0.27 -0.58
C PRO C 74 33.96 -0.30 0.81
N GLY C 75 33.13 -0.54 1.83
CA GLY C 75 33.64 -0.58 3.20
C GLY C 75 33.22 0.66 4.00
N MET C 76 32.67 0.43 5.19
CA MET C 76 32.20 1.52 6.03
C MET C 76 33.04 1.83 7.26
N GLU C 77 33.89 0.91 7.66
CA GLU C 77 34.70 1.12 8.85
C GLU C 77 36.12 0.62 8.72
N GLY C 78 37.03 1.29 9.40
CA GLY C 78 38.43 0.92 9.39
C GLY C 78 39.15 1.47 10.60
N ALA C 79 40.30 0.92 10.91
CA ALA C 79 41.11 1.37 12.04
C ALA C 79 42.53 1.51 11.53
N GLY C 80 43.22 2.55 11.95
CA GLY C 80 44.59 2.71 11.49
C GLY C 80 45.36 3.79 12.20
N VAL C 81 46.30 4.40 11.47
CA VAL C 81 47.12 5.46 12.03
C VAL C 81 47.05 6.72 11.17
N VAL C 82 47.05 7.87 11.83
CA VAL C 82 46.99 9.15 11.15
C VAL C 82 48.37 9.53 10.61
N ILE C 83 48.48 9.72 9.30
CA ILE C 83 49.76 10.08 8.69
C ILE C 83 49.85 11.52 8.20
N ALA C 84 48.77 12.29 8.37
CA ALA C 84 48.72 13.68 7.95
C ALA C 84 47.39 14.32 8.36
N VAL C 85 47.44 15.50 8.95
CA VAL C 85 46.23 16.19 9.38
C VAL C 85 46.01 17.47 8.57
N GLY C 86 44.75 17.70 8.20
CA GLY C 86 44.42 18.89 7.44
C GLY C 86 44.44 20.12 8.31
N GLU C 87 44.11 21.26 7.71
CA GLU C 87 44.11 22.53 8.43
C GLU C 87 42.86 22.67 9.28
N GLY C 88 43.01 23.23 10.48
CA GLY C 88 41.85 23.43 11.33
C GLY C 88 41.67 22.40 12.44
N VAL C 89 41.97 21.13 12.15
CA VAL C 89 41.83 20.09 13.15
C VAL C 89 42.92 20.22 14.23
N SER C 90 42.49 20.32 15.48
CA SER C 90 43.41 20.50 16.61
C SER C 90 43.44 19.38 17.63
N ASP C 91 42.76 18.28 17.35
CA ASP C 91 42.73 17.16 18.29
C ASP C 91 43.23 15.86 17.68
N ARG C 92 43.90 15.97 16.53
CA ARG C 92 44.44 14.82 15.81
C ARG C 92 45.84 15.15 15.29
N LYS C 93 46.76 14.19 15.37
CA LYS C 93 48.11 14.41 14.88
C LYS C 93 48.68 13.13 14.32
N ALA C 94 49.69 13.26 13.46
CA ALA C 94 50.33 12.12 12.84
C ALA C 94 50.73 11.14 13.93
N GLY C 95 50.38 9.87 13.75
CA GLY C 95 50.72 8.85 14.74
C GLY C 95 49.55 8.42 15.61
N ASP C 96 48.51 9.26 15.68
CA ASP C 96 47.33 8.95 16.49
C ASP C 96 46.67 7.70 15.95
N ARG C 97 46.30 6.80 16.86
CA ARG C 97 45.62 5.57 16.48
C ARG C 97 44.11 5.88 16.48
N VAL C 98 43.47 5.75 15.32
CA VAL C 98 42.05 6.04 15.23
C VAL C 98 41.20 5.02 14.49
N MET C 99 39.90 5.07 14.74
CA MET C 99 38.95 4.23 14.04
C MET C 99 38.12 5.24 13.25
N VAL C 100 37.63 4.84 12.09
CA VAL C 100 36.89 5.74 11.23
C VAL C 100 35.62 5.12 10.67
N LEU C 101 34.63 5.97 10.41
CA LEU C 101 33.34 5.55 9.87
C LEU C 101 33.08 6.38 8.62
N ASN C 102 32.50 5.77 7.58
CA ASN C 102 32.21 6.50 6.35
C ASN C 102 31.21 5.74 5.47
N ARG C 103 30.58 6.43 4.55
CA ARG C 103 29.61 5.82 3.65
C ARG C 103 30.24 4.69 2.81
N SER C 104 31.48 4.89 2.39
CA SER C 104 32.19 3.91 1.59
C SER C 104 33.68 4.25 1.52
N GLY C 105 34.43 3.44 0.76
CA GLY C 105 35.84 3.68 0.57
C GLY C 105 36.85 3.19 1.61
N MET C 106 36.40 2.47 2.63
CA MET C 106 37.35 2.01 3.66
C MET C 106 38.12 0.71 3.34
N TRP C 107 37.81 0.08 2.21
CA TRP C 107 38.49 -1.15 1.83
C TRP C 107 39.73 -0.86 0.99
N GLN C 108 40.72 -0.23 1.62
CA GLN C 108 41.97 0.11 0.95
C GLN C 108 43.00 0.59 1.95
N GLU C 109 44.26 0.59 1.51
CA GLU C 109 45.42 0.98 2.32
C GLU C 109 45.41 2.38 2.93
N GLU C 110 45.10 3.37 2.10
CA GLU C 110 45.10 4.76 2.54
C GLU C 110 43.79 5.47 2.21
N VAL C 111 43.30 6.27 3.16
CA VAL C 111 42.06 6.99 2.94
C VAL C 111 42.10 8.37 3.58
N THR C 112 41.39 9.31 2.97
CA THR C 112 41.30 10.68 3.47
C THR C 112 39.83 10.91 3.82
N VAL C 113 39.58 11.28 5.07
CA VAL C 113 38.21 11.49 5.54
C VAL C 113 38.10 12.69 6.47
N PRO C 114 36.86 13.15 6.70
CA PRO C 114 36.65 14.31 7.60
C PRO C 114 37.02 13.86 9.03
N SER C 115 37.79 14.68 9.72
CA SER C 115 38.24 14.36 11.06
C SER C 115 37.15 14.03 12.09
N VAL C 116 35.97 14.64 11.97
CA VAL C 116 34.88 14.38 12.91
C VAL C 116 34.27 13.00 12.71
N GLN C 117 34.78 12.24 11.74
CA GLN C 117 34.29 10.89 11.48
C GLN C 117 35.33 9.87 11.96
N THR C 118 36.24 10.34 12.82
CA THR C 118 37.28 9.48 13.37
C THR C 118 37.21 9.57 14.89
N PHE C 119 37.63 8.51 15.57
CA PHE C 119 37.61 8.48 17.03
C PHE C 119 38.89 7.84 17.56
N LEU C 120 39.42 8.39 18.65
CA LEU C 120 40.64 7.87 19.25
C LEU C 120 40.49 6.49 19.83
N ILE C 121 41.38 5.58 19.43
CA ILE C 121 41.36 4.21 19.93
C ILE C 121 42.04 4.20 21.29
N PRO C 122 41.42 3.57 22.29
CA PRO C 122 42.05 3.53 23.62
C PRO C 122 43.37 2.76 23.58
N GLU C 123 44.29 3.12 24.46
CA GLU C 123 45.60 2.46 24.56
C GLU C 123 45.57 0.94 24.48
N ALA C 124 44.81 0.33 25.38
CA ALA C 124 44.69 -1.12 25.47
C ALA C 124 43.93 -1.82 24.34
N MET C 125 43.35 -1.05 23.43
CA MET C 125 42.58 -1.66 22.34
C MET C 125 43.41 -1.87 21.08
N THR C 126 43.35 -3.08 20.52
CA THR C 126 44.10 -3.41 19.29
C THR C 126 43.35 -2.88 18.08
N PHE C 127 44.03 -2.79 16.94
CA PHE C 127 43.42 -2.30 15.71
C PHE C 127 42.26 -3.19 15.27
N GLU C 128 42.43 -4.50 15.41
CA GLU C 128 41.38 -5.44 15.02
C GLU C 128 40.10 -5.20 15.82
N GLU C 129 40.24 -5.00 17.14
CA GLU C 129 39.07 -4.76 17.99
C GLU C 129 38.44 -3.45 17.59
N ALA C 130 39.27 -2.43 17.43
CA ALA C 130 38.82 -1.12 17.02
C ALA C 130 38.03 -1.20 15.72
N ALA C 131 38.52 -2.01 14.78
CA ALA C 131 37.87 -2.17 13.48
C ALA C 131 36.57 -2.96 13.54
N ALA C 132 36.36 -3.67 14.64
CA ALA C 132 35.15 -4.47 14.80
C ALA C 132 34.13 -3.75 15.67
N LEU C 133 34.50 -2.59 16.20
CA LEU C 133 33.65 -1.84 17.11
C LEU C 133 32.50 -1.02 16.54
N LEU C 134 32.85 0.04 15.82
CA LEU C 134 31.88 0.99 15.26
C LEU C 134 30.55 0.55 14.68
N VAL C 135 30.53 0.04 13.45
CA VAL C 135 29.27 -0.35 12.84
C VAL C 135 28.42 -1.32 13.66
N ASN C 136 29.02 -2.42 14.10
CA ASN C 136 28.28 -3.41 14.87
C ASN C 136 27.70 -2.91 16.20
N TYR C 137 28.54 -2.26 17.01
CA TYR C 137 28.08 -1.77 18.29
C TYR C 137 27.22 -0.51 18.26
N ILE C 138 27.48 0.40 17.33
CA ILE C 138 26.63 1.60 17.22
C ILE C 138 25.24 1.12 16.81
N THR C 139 25.20 0.16 15.88
CA THR C 139 23.93 -0.39 15.40
C THR C 139 23.17 -1.08 16.52
N ALA C 140 23.84 -2.00 17.22
CA ALA C 140 23.20 -2.69 18.34
C ALA C 140 22.69 -1.70 19.40
N TYR C 141 23.51 -0.70 19.70
CA TYR C 141 23.18 0.30 20.69
C TYR C 141 21.94 1.12 20.35
N MET C 142 21.92 1.65 19.14
CA MET C 142 20.79 2.47 18.71
C MET C 142 19.51 1.67 18.52
N VAL C 143 19.64 0.40 18.14
CA VAL C 143 18.48 -0.48 17.96
C VAL C 143 17.88 -0.81 19.32
N LEU C 144 18.71 -1.17 20.29
CA LEU C 144 18.27 -1.53 21.63
C LEU C 144 17.82 -0.37 22.53
N PHE C 145 18.56 0.73 22.49
CA PHE C 145 18.23 1.86 23.34
C PHE C 145 17.42 2.94 22.67
N ASP C 146 18.04 3.66 21.73
CA ASP C 146 17.37 4.73 21.03
C ASP C 146 15.99 4.31 20.54
N PHE C 147 15.88 3.15 19.89
CA PHE C 147 14.59 2.69 19.40
C PHE C 147 13.84 1.76 20.33
N GLY C 148 14.51 0.68 20.75
CA GLY C 148 13.87 -0.30 21.61
C GLY C 148 13.64 0.08 23.07
N ASN C 149 14.32 1.12 23.53
CA ASN C 149 14.18 1.60 24.92
C ASN C 149 14.26 0.48 25.97
N LEU C 150 15.31 -0.35 25.84
CA LEU C 150 15.62 -1.47 26.72
C LEU C 150 15.51 -1.07 28.19
N GLN C 151 14.72 -1.85 28.94
CA GLN C 151 14.48 -1.59 30.36
C GLN C 151 14.78 -2.81 31.23
N PRO C 152 15.09 -2.60 32.52
CA PRO C 152 15.38 -3.75 33.39
C PRO C 152 14.21 -4.75 33.39
N GLY C 153 14.50 -6.04 33.20
CA GLY C 153 13.47 -7.05 33.20
C GLY C 153 12.86 -7.38 31.84
N HIS C 154 13.36 -6.72 30.80
CA HIS C 154 12.84 -6.97 29.45
C HIS C 154 13.37 -8.27 28.86
N SER C 155 12.66 -8.76 27.84
CA SER C 155 13.09 -9.96 27.12
C SER C 155 13.36 -9.49 25.68
N VAL C 156 14.49 -9.91 25.14
CA VAL C 156 14.88 -9.51 23.80
C VAL C 156 15.21 -10.69 22.88
N LEU C 157 14.73 -10.61 21.64
CA LEU C 157 15.03 -11.64 20.66
C LEU C 157 16.10 -11.09 19.74
N VAL C 158 17.27 -11.72 19.74
CA VAL C 158 18.38 -11.31 18.88
C VAL C 158 18.61 -12.33 17.77
N HIS C 159 18.21 -12.01 16.54
CA HIS C 159 18.43 -12.92 15.43
C HIS C 159 19.90 -12.89 15.06
N MET C 160 20.41 -14.01 14.53
CA MET C 160 21.83 -14.12 14.14
C MET C 160 22.73 -13.70 15.29
N ALA C 161 22.38 -14.18 16.48
CA ALA C 161 23.11 -13.86 17.70
C ALA C 161 24.61 -14.16 17.66
N ALA C 162 25.03 -14.97 16.69
CA ALA C 162 26.45 -15.32 16.56
C ALA C 162 27.22 -14.32 15.70
N GLY C 163 26.51 -13.58 14.84
CA GLY C 163 27.15 -12.61 13.99
C GLY C 163 27.70 -11.42 14.77
N GLY C 164 28.27 -10.46 14.04
CA GLY C 164 28.86 -9.29 14.68
C GLY C 164 27.87 -8.42 15.45
N VAL C 165 26.79 -8.00 14.79
CA VAL C 165 25.78 -7.18 15.46
C VAL C 165 25.14 -7.97 16.58
N GLY C 166 24.78 -9.21 16.29
CA GLY C 166 24.16 -10.05 17.31
C GLY C 166 24.99 -10.17 18.56
N MET C 167 26.28 -10.41 18.41
CA MET C 167 27.17 -10.53 19.56
C MET C 167 27.29 -9.24 20.34
N ALA C 168 27.31 -8.11 19.64
CA ALA C 168 27.39 -6.81 20.31
C ALA C 168 26.10 -6.58 21.08
N ALA C 169 24.96 -6.92 20.48
CA ALA C 169 23.66 -6.74 21.10
C ALA C 169 23.54 -7.57 22.38
N VAL C 170 24.03 -8.80 22.35
CA VAL C 170 23.96 -9.66 23.53
C VAL C 170 24.74 -9.07 24.71
N GLN C 171 25.92 -8.51 24.41
CA GLN C 171 26.77 -7.92 25.46
C GLN C 171 26.12 -6.65 26.01
N LEU C 172 25.52 -5.87 25.12
CA LEU C 172 24.86 -4.64 25.53
C LEU C 172 23.65 -4.97 26.42
N CYS C 173 22.91 -6.02 26.06
CA CYS C 173 21.76 -6.42 26.85
C CYS C 173 22.20 -6.70 28.28
N ARG C 174 23.38 -7.29 28.43
CA ARG C 174 23.91 -7.59 29.76
C ARG C 174 24.26 -6.35 30.57
N THR C 175 24.31 -5.18 29.94
CA THR C 175 24.62 -3.97 30.72
C THR C 175 23.38 -3.43 31.42
N VAL C 176 22.22 -4.02 31.14
CA VAL C 176 20.97 -3.61 31.77
C VAL C 176 20.52 -4.78 32.65
N GLU C 177 20.11 -4.47 33.86
CA GLU C 177 19.72 -5.51 34.81
C GLU C 177 18.62 -6.46 34.41
N ASN C 178 18.87 -7.74 34.69
CA ASN C 178 17.90 -8.81 34.47
C ASN C 178 17.18 -8.82 33.11
N VAL C 179 17.95 -8.89 32.04
CA VAL C 179 17.40 -8.93 30.68
C VAL C 179 17.47 -10.36 30.14
N THR C 180 16.33 -10.94 29.78
CA THR C 180 16.30 -12.28 29.24
C THR C 180 16.59 -12.17 27.76
N VAL C 181 17.54 -12.95 27.27
CA VAL C 181 17.92 -12.91 25.86
C VAL C 181 17.68 -14.20 25.08
N PHE C 182 16.88 -14.09 24.02
CA PHE C 182 16.61 -15.21 23.14
C PHE C 182 17.51 -14.93 21.93
N GLY C 183 18.26 -15.94 21.49
CA GLY C 183 19.14 -15.72 20.35
C GLY C 183 19.09 -16.88 19.36
N THR C 184 18.92 -16.57 18.08
CA THR C 184 18.85 -17.63 17.09
C THR C 184 20.19 -17.87 16.38
N ALA C 185 20.50 -19.14 16.18
CA ALA C 185 21.73 -19.58 15.50
C ALA C 185 21.77 -21.12 15.40
N SER C 186 22.63 -21.63 14.52
CA SER C 186 22.79 -23.07 14.33
C SER C 186 23.16 -23.75 15.65
N ALA C 187 22.60 -24.94 15.87
CA ALA C 187 22.85 -25.72 17.09
C ALA C 187 24.35 -25.78 17.42
N SER C 188 25.17 -25.73 16.37
CA SER C 188 26.62 -25.79 16.51
C SER C 188 27.29 -24.54 17.10
N LYS C 189 26.58 -23.43 17.17
CA LYS C 189 27.16 -22.20 17.72
C LYS C 189 26.58 -21.91 19.10
N HIS C 190 25.65 -22.76 19.54
CA HIS C 190 25.03 -22.55 20.83
C HIS C 190 25.97 -22.40 22.01
N GLU C 191 27.12 -23.06 21.97
CA GLU C 191 28.09 -22.98 23.05
C GLU C 191 28.71 -21.58 23.13
N ALA C 192 28.97 -20.98 21.98
CA ALA C 192 29.54 -19.63 21.91
C ALA C 192 28.47 -18.61 22.30
N LEU C 193 27.23 -18.88 21.94
CA LEU C 193 26.14 -17.97 22.30
C LEU C 193 26.07 -17.95 23.83
N LYS C 194 26.16 -19.12 24.45
CA LYS C 194 26.10 -19.24 25.90
C LYS C 194 27.22 -18.51 26.60
N GLU C 195 28.41 -18.54 26.00
CA GLU C 195 29.55 -17.88 26.60
C GLU C 195 29.47 -16.36 26.48
N ASN C 196 28.79 -15.86 25.45
CA ASN C 196 28.67 -14.42 25.25
C ASN C 196 27.54 -13.84 26.10
N GLY C 197 26.65 -14.70 26.61
CA GLY C 197 25.57 -14.24 27.45
C GLY C 197 24.14 -14.50 26.99
N VAL C 198 23.93 -15.45 26.09
CA VAL C 198 22.58 -15.74 25.63
C VAL C 198 21.83 -16.67 26.60
N THR C 199 20.67 -16.21 27.07
CA THR C 199 19.85 -16.99 28.00
C THR C 199 19.22 -18.23 27.36
N HIS C 200 18.60 -18.06 26.20
CA HIS C 200 17.93 -19.16 25.50
C HIS C 200 18.32 -19.30 24.03
N PRO C 201 19.35 -20.10 23.71
CA PRO C 201 19.79 -20.30 22.33
C PRO C 201 18.72 -21.11 21.59
N ILE C 202 18.53 -20.83 20.31
CA ILE C 202 17.51 -21.51 19.50
C ILE C 202 17.97 -21.74 18.06
N ASP C 203 17.88 -22.97 17.57
CA ASP C 203 18.27 -23.27 16.21
C ASP C 203 17.11 -22.95 15.28
N TYR C 204 17.32 -21.91 14.47
CA TYR C 204 16.36 -21.39 13.51
C TYR C 204 16.07 -22.38 12.37
N HIS C 205 17.12 -23.06 11.92
CA HIS C 205 17.06 -24.02 10.79
C HIS C 205 16.32 -25.34 10.99
N THR C 206 16.19 -25.81 12.22
CA THR C 206 15.50 -27.09 12.46
C THR C 206 14.10 -26.92 13.03
N THR C 207 13.97 -26.05 14.02
CA THR C 207 12.69 -25.81 14.68
C THR C 207 12.06 -24.44 14.40
N ASP C 208 10.82 -24.28 14.86
CA ASP C 208 10.08 -23.03 14.68
C ASP C 208 10.35 -22.12 15.87
N TYR C 209 11.23 -21.13 15.67
CA TYR C 209 11.60 -20.23 16.75
C TYR C 209 10.42 -19.55 17.45
N VAL C 210 9.38 -19.22 16.71
CA VAL C 210 8.21 -18.60 17.33
C VAL C 210 7.62 -19.50 18.40
N ASP C 211 7.44 -20.79 18.10
CA ASP C 211 6.88 -21.70 19.09
C ASP C 211 7.83 -21.92 20.25
N GLU C 212 9.12 -22.04 19.94
CA GLU C 212 10.12 -22.26 21.00
C GLU C 212 10.10 -21.11 22.00
N ILE C 213 9.97 -19.89 21.49
CA ILE C 213 9.96 -18.73 22.36
C ILE C 213 8.68 -18.67 23.18
N LYS C 214 7.53 -18.93 22.54
CA LYS C 214 6.27 -18.86 23.25
C LYS C 214 6.10 -19.97 24.30
N LYS C 215 6.88 -21.03 24.21
CA LYS C 215 6.82 -22.10 25.20
C LYS C 215 7.38 -21.52 26.49
N ILE C 216 8.53 -20.85 26.36
CA ILE C 216 9.21 -20.22 27.49
C ILE C 216 8.53 -18.95 27.99
N SER C 217 8.11 -18.10 27.05
CA SER C 217 7.47 -16.83 27.38
C SER C 217 6.21 -16.63 26.53
N PRO C 218 5.06 -17.14 27.03
CA PRO C 218 3.74 -17.08 26.40
C PRO C 218 3.36 -15.77 25.71
N LYS C 219 3.52 -14.66 26.43
CA LYS C 219 3.18 -13.34 25.91
C LYS C 219 4.13 -12.79 24.83
N GLY C 220 5.27 -13.44 24.66
CA GLY C 220 6.21 -12.98 23.65
C GLY C 220 7.41 -12.23 24.23
N VAL C 221 7.93 -11.26 23.47
CA VAL C 221 9.08 -10.49 23.93
C VAL C 221 8.87 -8.98 23.78
N ASP C 222 9.70 -8.19 24.45
CA ASP C 222 9.61 -6.73 24.41
C ASP C 222 10.30 -6.11 23.20
N ILE C 223 11.37 -6.75 22.72
CA ILE C 223 12.11 -6.24 21.58
C ILE C 223 12.55 -7.35 20.65
N VAL C 224 12.28 -7.20 19.37
CA VAL C 224 12.74 -8.16 18.37
C VAL C 224 13.71 -7.41 17.45
N MET C 225 14.95 -7.84 17.40
CA MET C 225 15.93 -7.24 16.52
C MET C 225 15.82 -8.05 15.24
N ASP C 226 15.53 -7.36 14.14
CA ASP C 226 15.31 -8.01 12.85
C ASP C 226 16.31 -7.69 11.74
N PRO C 227 17.34 -8.54 11.58
CA PRO C 227 18.34 -8.32 10.52
C PRO C 227 17.95 -9.12 9.28
N LEU C 228 16.80 -9.79 9.35
CA LEU C 228 16.36 -10.66 8.26
C LEU C 228 15.48 -10.12 7.16
N GLY C 229 14.48 -9.32 7.54
CA GLY C 229 13.56 -8.78 6.55
C GLY C 229 12.66 -9.89 6.05
N GLY C 230 12.01 -9.67 4.91
CA GLY C 230 11.14 -10.70 4.37
C GLY C 230 10.00 -11.12 5.30
N SER C 231 9.75 -12.43 5.36
CA SER C 231 8.67 -12.97 6.19
C SER C 231 8.93 -13.03 7.70
N ASP C 232 10.18 -12.86 8.12
CA ASP C 232 10.49 -12.90 9.55
C ASP C 232 10.10 -11.61 10.28
N THR C 233 9.89 -10.53 9.52
CA THR C 233 9.51 -9.26 10.11
C THR C 233 8.13 -9.42 10.73
N ALA C 234 7.22 -10.06 10.00
CA ALA C 234 5.86 -10.29 10.47
C ALA C 234 5.84 -11.19 11.71
N LYS C 235 6.62 -12.27 11.69
CA LYS C 235 6.68 -13.18 12.83
C LYS C 235 7.25 -12.44 14.05
N GLY C 236 8.15 -11.50 13.79
CA GLY C 236 8.75 -10.72 14.88
C GLY C 236 7.67 -9.81 15.44
N TYR C 237 6.97 -9.14 14.54
CA TYR C 237 5.90 -8.25 14.93
C TYR C 237 4.85 -8.98 15.79
N ASN C 238 4.50 -10.21 15.39
CA ASN C 238 3.50 -10.96 16.14
C ASN C 238 4.03 -11.64 17.39
N LEU C 239 5.32 -11.50 17.62
CA LEU C 239 5.95 -12.08 18.80
C LEU C 239 6.06 -11.03 19.92
N LEU C 240 5.61 -9.81 19.65
CA LEU C 240 5.70 -8.70 20.59
C LEU C 240 4.67 -8.61 21.70
N LYS C 241 5.15 -8.29 22.89
CA LYS C 241 4.29 -8.10 24.06
C LYS C 241 3.75 -6.67 23.96
N PRO C 242 2.77 -6.30 24.79
CA PRO C 242 2.27 -4.92 24.70
C PRO C 242 3.41 -3.91 24.89
N MET C 243 3.42 -2.86 24.09
CA MET C 243 4.45 -1.81 24.16
C MET C 243 5.80 -2.22 23.56
N GLY C 244 5.86 -3.42 23.00
CA GLY C 244 7.12 -3.87 22.41
C GLY C 244 7.40 -3.30 21.03
N LYS C 245 8.66 -3.38 20.60
CA LYS C 245 9.04 -2.91 19.30
C LYS C 245 9.85 -3.91 18.50
N VAL C 246 9.55 -3.99 17.21
CA VAL C 246 10.35 -4.81 16.34
C VAL C 246 11.15 -3.80 15.52
N VAL C 247 12.47 -3.97 15.49
CA VAL C 247 13.34 -3.05 14.76
C VAL C 247 14.05 -3.78 13.62
N THR C 248 13.74 -3.40 12.38
CA THR C 248 14.36 -4.00 11.20
C THR C 248 15.59 -3.18 10.83
N TYR C 249 16.75 -3.84 10.69
CA TYR C 249 17.99 -3.14 10.34
C TYR C 249 18.81 -3.86 9.27
N GLY C 250 18.21 -4.89 8.67
CA GLY C 250 18.87 -5.64 7.61
C GLY C 250 17.82 -6.33 6.76
N MET C 251 18.25 -6.92 5.66
CA MET C 251 17.37 -7.64 4.74
C MET C 251 18.11 -8.90 4.28
N ALA C 252 18.66 -9.64 5.23
CA ALA C 252 19.43 -10.84 4.93
C ALA C 252 18.73 -11.91 4.10
N ASN C 253 17.43 -12.08 4.28
CA ASN C 253 16.70 -13.09 3.51
C ASN C 253 16.64 -12.81 2.01
N LEU C 254 17.12 -11.63 1.59
CA LEU C 254 17.13 -11.30 0.17
C LEU C 254 18.51 -11.61 -0.37
N LEU C 255 19.20 -12.52 0.30
CA LEU C 255 20.54 -12.91 -0.10
C LEU C 255 20.78 -14.39 0.20
N GLN C 272 6.91 -5.79 1.22
CA GLN C 272 6.20 -7.03 1.53
C GLN C 272 5.46 -6.89 2.88
N PHE C 273 6.19 -6.60 3.97
CA PHE C 273 5.53 -6.44 5.27
C PHE C 273 5.13 -4.98 5.47
N SER C 274 3.84 -4.76 5.66
CA SER C 274 3.31 -3.41 5.82
C SER C 274 2.31 -3.34 6.98
N VAL C 275 2.26 -2.20 7.66
CA VAL C 275 1.34 -1.98 8.78
C VAL C 275 0.67 -0.60 8.69
N THR C 276 -0.49 -0.47 9.31
CA THR C 276 -1.22 0.79 9.31
C THR C 276 -1.36 1.28 10.75
N ALA C 277 -1.84 2.51 10.90
CA ALA C 277 -2.03 3.11 12.22
C ALA C 277 -2.95 2.25 13.09
N LEU C 278 -4.13 1.93 12.58
CA LEU C 278 -5.09 1.14 13.36
C LEU C 278 -4.58 -0.20 13.84
N GLN C 279 -3.85 -0.91 12.99
CA GLN C 279 -3.30 -2.20 13.40
C GLN C 279 -2.38 -2.00 14.61
N LEU C 280 -1.52 -0.99 14.56
CA LEU C 280 -0.59 -0.72 15.66
C LEU C 280 -1.32 -0.30 16.93
N LEU C 281 -2.34 0.54 16.77
CA LEU C 281 -3.11 1.05 17.90
C LEU C 281 -3.83 -0.04 18.68
N GLN C 282 -4.44 -0.99 17.98
CA GLN C 282 -5.16 -2.08 18.62
C GLN C 282 -4.22 -3.09 19.26
N ALA C 283 -2.95 -3.04 18.92
CA ALA C 283 -2.00 -4.00 19.46
C ALA C 283 -0.99 -3.40 20.44
N ASN C 284 -0.88 -2.08 20.46
CA ASN C 284 0.09 -1.41 21.33
C ASN C 284 1.48 -1.88 20.94
N ARG C 285 1.80 -1.72 19.66
CA ARG C 285 3.10 -2.12 19.14
C ARG C 285 3.73 -1.01 18.32
N ALA C 286 5.00 -1.18 18.04
CA ALA C 286 5.73 -0.21 17.24
C ALA C 286 6.67 -0.99 16.32
N VAL C 287 6.79 -0.50 15.10
CA VAL C 287 7.70 -1.10 14.13
C VAL C 287 8.68 0.03 13.80
N CYS C 288 9.97 -0.28 13.82
CA CYS C 288 11.01 0.72 13.57
C CYS C 288 12.00 0.24 12.52
N GLY C 289 12.76 1.18 11.96
CA GLY C 289 13.76 0.84 10.98
C GLY C 289 15.05 1.60 11.20
N PHE C 290 16.18 0.92 11.01
CA PHE C 290 17.47 1.54 11.22
C PHE C 290 18.55 1.07 10.28
N HIS C 291 19.44 2.00 9.95
CA HIS C 291 20.57 1.73 9.09
C HIS C 291 21.53 2.87 9.23
N LEU C 292 22.70 2.56 9.79
CA LEU C 292 23.72 3.57 10.03
C LEU C 292 24.11 4.36 8.79
N GLY C 293 23.97 3.76 7.62
CA GLY C 293 24.31 4.45 6.40
C GLY C 293 23.50 5.71 6.17
N TYR C 294 22.17 5.56 6.12
CA TYR C 294 21.27 6.69 5.89
C TYR C 294 21.20 7.68 7.05
N LEU C 295 22.25 7.74 7.85
CA LEU C 295 22.29 8.62 9.02
C LEU C 295 23.58 9.46 9.01
N ASP C 296 24.10 9.77 7.83
CA ASP C 296 25.35 10.53 7.68
C ASP C 296 25.34 12.01 8.08
N GLY C 297 24.17 12.53 8.46
CA GLY C 297 24.10 13.93 8.85
C GLY C 297 24.33 14.24 10.33
N GLU C 298 23.88 13.35 11.21
CA GLU C 298 23.99 13.55 12.65
C GLU C 298 25.30 13.05 13.28
N VAL C 299 26.34 13.86 13.26
CA VAL C 299 27.61 13.45 13.87
C VAL C 299 27.55 13.56 15.39
N GLU C 300 26.75 14.50 15.90
CA GLU C 300 26.62 14.67 17.34
C GLU C 300 25.96 13.42 17.91
N LEU C 301 24.95 12.94 17.21
CA LEU C 301 24.21 11.75 17.62
C LEU C 301 25.12 10.50 17.63
N VAL C 302 25.80 10.25 16.51
CA VAL C 302 26.70 9.09 16.44
C VAL C 302 27.89 9.25 17.41
N SER C 303 28.43 10.45 17.52
CA SER C 303 29.55 10.69 18.43
C SER C 303 29.18 10.41 19.88
N GLY C 304 27.94 10.74 20.26
CA GLY C 304 27.51 10.50 21.63
C GLY C 304 27.47 9.01 21.91
N VAL C 305 27.05 8.24 20.92
CA VAL C 305 26.99 6.79 21.06
C VAL C 305 28.42 6.24 21.15
N VAL C 306 29.31 6.68 20.27
CA VAL C 306 30.68 6.19 20.30
C VAL C 306 31.32 6.42 21.66
N ALA C 307 31.15 7.62 22.21
CA ALA C 307 31.71 7.94 23.52
C ALA C 307 31.14 6.98 24.57
N ARG C 308 29.86 6.65 24.46
CA ARG C 308 29.26 5.72 25.42
C ARG C 308 29.85 4.32 25.29
N LEU C 309 30.08 3.87 24.07
CA LEU C 309 30.64 2.55 23.84
C LEU C 309 32.07 2.46 24.35
N LEU C 310 32.86 3.50 24.12
CA LEU C 310 34.23 3.49 24.61
C LEU C 310 34.27 3.44 26.14
N ALA C 311 33.32 4.11 26.79
CA ALA C 311 33.27 4.10 28.25
C ALA C 311 32.98 2.67 28.70
N LEU C 312 32.07 2.01 27.99
CA LEU C 312 31.72 0.63 28.31
C LEU C 312 32.93 -0.28 28.10
N TYR C 313 33.66 -0.05 27.01
CA TYR C 313 34.84 -0.85 26.70
C TYR C 313 35.89 -0.67 27.79
N ASN C 314 36.16 0.58 28.15
CA ASN C 314 37.16 0.87 29.18
C ASN C 314 36.78 0.33 30.57
N GLN C 315 35.50 -0.01 30.77
CA GLN C 315 35.03 -0.55 32.04
C GLN C 315 34.90 -2.09 31.97
N GLY C 316 35.22 -2.64 30.80
CA GLY C 316 35.17 -4.08 30.62
C GLY C 316 33.81 -4.70 30.36
N HIS C 317 32.86 -3.90 29.89
CA HIS C 317 31.49 -4.40 29.64
C HIS C 317 31.24 -4.95 28.25
N ILE C 318 32.05 -4.51 27.30
CA ILE C 318 31.95 -5.00 25.93
C ILE C 318 33.35 -5.35 25.43
N LYS C 319 33.39 -6.26 24.47
CA LYS C 319 34.65 -6.67 23.84
C LYS C 319 34.33 -7.30 22.50
N PRO C 320 34.69 -6.61 21.40
CA PRO C 320 34.45 -7.08 20.04
C PRO C 320 35.14 -8.42 19.82
N HIS C 321 34.37 -9.43 19.43
CA HIS C 321 34.92 -10.75 19.19
C HIS C 321 35.22 -10.93 17.70
N ILE C 322 36.45 -11.36 17.39
CA ILE C 322 36.86 -11.55 15.99
C ILE C 322 36.70 -12.98 15.49
N ASP C 323 35.99 -13.14 14.39
CA ASP C 323 35.79 -14.45 13.81
C ASP C 323 37.04 -14.83 13.01
N SER C 324 37.46 -13.93 12.10
CA SER C 324 38.62 -14.20 11.27
C SER C 324 39.12 -12.95 10.54
N VAL C 325 40.37 -13.03 10.08
CA VAL C 325 41.02 -11.94 9.35
C VAL C 325 41.44 -12.48 7.99
N TRP C 326 41.22 -11.69 6.93
CA TRP C 326 41.56 -12.09 5.56
C TRP C 326 42.29 -11.00 4.79
N PRO C 327 43.21 -11.40 3.90
CA PRO C 327 43.96 -10.40 3.10
C PRO C 327 43.07 -9.92 1.96
N PHE C 328 43.37 -8.75 1.41
CA PHE C 328 42.57 -8.20 0.31
C PHE C 328 42.42 -9.23 -0.80
N GLU C 329 43.45 -10.04 -1.01
CA GLU C 329 43.44 -11.07 -2.05
C GLU C 329 42.33 -12.11 -1.85
N LYS C 330 41.93 -12.36 -0.61
CA LYS C 330 40.88 -13.34 -0.36
C LYS C 330 39.53 -12.73 0.01
N VAL C 331 39.26 -11.51 -0.45
CA VAL C 331 37.99 -10.87 -0.14
C VAL C 331 36.79 -11.77 -0.45
N ALA C 332 36.92 -12.60 -1.49
CA ALA C 332 35.86 -13.51 -1.88
C ALA C 332 35.54 -14.49 -0.76
N ASP C 333 36.59 -15.01 -0.12
CA ASP C 333 36.40 -15.95 0.99
C ASP C 333 35.81 -15.25 2.22
N ALA C 334 36.27 -14.03 2.47
CA ALA C 334 35.76 -13.25 3.60
C ALA C 334 34.26 -13.04 3.43
N MET C 335 33.82 -12.73 2.21
CA MET C 335 32.40 -12.51 1.96
C MET C 335 31.61 -13.81 2.10
N LYS C 336 32.17 -14.90 1.60
CA LYS C 336 31.49 -16.18 1.73
C LYS C 336 31.35 -16.53 3.22
N GLN C 337 32.39 -16.21 3.98
CA GLN C 337 32.38 -16.46 5.43
C GLN C 337 31.11 -15.88 6.02
N MET C 338 30.82 -14.63 5.66
CA MET C 338 29.62 -13.97 6.16
C MET C 338 28.37 -14.43 5.42
N GLN C 339 28.39 -14.34 4.10
CA GLN C 339 27.22 -14.73 3.32
C GLN C 339 26.72 -16.14 3.59
N GLU C 340 27.62 -17.07 3.89
CA GLU C 340 27.21 -18.45 4.18
C GLU C 340 26.97 -18.75 5.66
N LYS C 341 27.09 -17.71 6.49
CA LYS C 341 26.85 -17.82 7.92
C LYS C 341 27.75 -18.77 8.70
N LYS C 342 29.06 -18.64 8.51
CA LYS C 342 29.99 -19.51 9.20
C LYS C 342 30.81 -18.72 10.24
N ASN C 343 30.54 -17.43 10.32
CA ASN C 343 31.27 -16.60 11.25
C ASN C 343 30.63 -16.52 12.63
N VAL C 344 31.49 -16.47 13.64
CA VAL C 344 31.07 -16.33 15.04
C VAL C 344 31.87 -15.13 15.46
N GLY C 345 31.29 -13.95 15.24
CA GLY C 345 31.98 -12.72 15.57
C GLY C 345 32.24 -11.92 14.30
N LYS C 346 33.21 -11.02 14.38
CA LYS C 346 33.54 -10.14 13.28
C LYS C 346 34.50 -10.68 12.23
N VAL C 347 34.20 -10.40 10.96
CA VAL C 347 35.05 -10.80 9.83
C VAL C 347 35.77 -9.53 9.39
N LEU C 348 37.10 -9.58 9.31
CA LEU C 348 37.88 -8.41 8.92
C LEU C 348 38.77 -8.61 7.70
N LEU C 349 39.25 -7.51 7.15
CA LEU C 349 40.13 -7.50 6.01
C LEU C 349 41.36 -6.70 6.41
N VAL C 350 42.52 -7.08 5.90
CA VAL C 350 43.76 -6.36 6.18
C VAL C 350 44.42 -6.06 4.83
N PRO C 351 45.12 -4.93 4.72
CA PRO C 351 45.77 -4.59 3.45
C PRO C 351 46.86 -5.60 3.05
N LEU D 12 -30.57 4.95 42.86
CA LEU D 12 -29.17 4.91 42.34
C LEU D 12 -29.16 5.17 40.83
N ARG D 13 -28.56 6.29 40.42
CA ARG D 13 -28.51 6.66 39.01
C ARG D 13 -27.33 6.10 38.21
N CYS D 14 -27.50 6.11 36.88
CA CYS D 14 -26.49 5.59 35.97
C CYS D 14 -26.85 5.94 34.53
N LEU D 15 -25.83 6.08 33.68
CA LEU D 15 -26.04 6.40 32.29
C LEU D 15 -25.88 5.09 31.50
N VAL D 16 -26.71 4.92 30.48
CA VAL D 16 -26.66 3.70 29.67
C VAL D 16 -26.66 4.00 28.17
N LEU D 17 -25.88 3.24 27.43
CA LEU D 17 -25.80 3.38 25.98
C LEU D 17 -26.80 2.37 25.42
N THR D 18 -27.89 2.88 24.83
CA THR D 18 -28.96 2.04 24.29
C THR D 18 -28.71 1.56 22.87
N GLY D 19 -28.01 2.40 22.10
CA GLY D 19 -27.71 2.06 20.73
C GLY D 19 -26.52 2.89 20.29
N PHE D 20 -25.98 2.57 19.13
CA PHE D 20 -24.83 3.29 18.58
C PHE D 20 -25.30 4.42 17.68
N GLY D 21 -24.82 5.62 17.93
CA GLY D 21 -25.22 6.75 17.12
C GLY D 21 -24.75 8.05 17.71
N GLY D 22 -25.58 9.08 17.59
CA GLY D 22 -25.23 10.39 18.12
C GLY D 22 -25.42 10.55 19.63
N TYR D 23 -25.28 11.79 20.08
CA TYR D 23 -25.41 12.14 21.49
C TYR D 23 -26.64 11.52 22.16
N ASP D 24 -27.75 11.48 21.42
CA ASP D 24 -29.01 10.95 21.91
C ASP D 24 -29.00 9.48 22.33
N LYS D 25 -27.89 8.78 22.11
CA LYS D 25 -27.82 7.36 22.46
C LYS D 25 -27.50 7.08 23.93
N VAL D 26 -27.06 8.10 24.66
CA VAL D 26 -26.73 7.92 26.08
C VAL D 26 -27.94 8.36 26.90
N LYS D 27 -28.63 7.38 27.49
CA LYS D 27 -29.82 7.66 28.27
C LYS D 27 -29.58 7.56 29.78
N LEU D 28 -30.25 8.43 30.53
CA LEU D 28 -30.14 8.45 31.99
C LEU D 28 -31.17 7.51 32.61
N GLN D 29 -30.70 6.51 33.35
CA GLN D 29 -31.60 5.54 33.97
C GLN D 29 -31.45 5.42 35.49
N SER D 30 -32.20 4.48 36.05
CA SER D 30 -32.18 4.19 37.49
C SER D 30 -31.83 2.73 37.69
N ARG D 31 -31.55 2.36 38.93
CA ARG D 31 -31.20 0.97 39.26
C ARG D 31 -31.52 0.71 40.73
N PRO D 32 -31.49 -0.58 41.14
CA PRO D 32 -31.78 -0.93 42.54
C PRO D 32 -30.81 -0.35 43.55
N ALA D 33 -31.30 0.57 44.37
CA ALA D 33 -30.46 1.18 45.40
C ALA D 33 -30.22 0.17 46.53
N ALA D 34 -29.83 -1.04 46.16
CA ALA D 34 -29.57 -2.12 47.12
C ALA D 34 -28.16 -2.08 47.73
N PRO D 35 -27.99 -2.71 48.91
CA PRO D 35 -26.68 -2.76 49.59
C PRO D 35 -25.65 -3.55 48.80
N PRO D 36 -24.43 -2.99 48.67
CA PRO D 36 -23.34 -3.63 47.93
C PRO D 36 -22.83 -4.92 48.57
N ALA D 37 -22.29 -5.79 47.74
CA ALA D 37 -21.75 -7.07 48.17
C ALA D 37 -20.73 -7.53 47.15
N PRO D 38 -19.62 -6.78 47.01
CA PRO D 38 -18.57 -7.13 46.06
C PRO D 38 -18.01 -8.53 46.31
N GLY D 39 -17.65 -9.21 45.23
CA GLY D 39 -17.10 -10.55 45.36
C GLY D 39 -15.63 -10.56 45.70
N PRO D 40 -14.93 -11.67 45.49
CA PRO D 40 -13.50 -11.75 45.79
C PRO D 40 -12.68 -10.79 44.94
N GLY D 41 -11.63 -10.23 45.53
CA GLY D 41 -10.77 -9.30 44.81
C GLY D 41 -11.47 -8.06 44.30
N GLN D 42 -12.77 -7.95 44.55
CA GLN D 42 -13.54 -6.81 44.10
C GLN D 42 -13.82 -5.84 45.23
N LEU D 43 -14.21 -4.62 44.89
CA LEU D 43 -14.57 -3.62 45.88
C LEU D 43 -15.64 -2.76 45.22
N THR D 44 -16.44 -2.05 46.01
CA THR D 44 -17.51 -1.22 45.48
C THR D 44 -17.28 0.21 45.90
N LEU D 45 -17.55 1.17 45.02
CA LEU D 45 -17.33 2.56 45.37
C LEU D 45 -18.42 3.50 44.90
N ARG D 46 -18.50 4.66 45.54
CA ARG D 46 -19.45 5.68 45.15
C ARG D 46 -18.68 6.80 44.46
N LEU D 47 -19.09 7.13 43.25
CA LEU D 47 -18.41 8.16 42.46
C LEU D 47 -18.72 9.61 42.76
N ARG D 48 -17.66 10.40 42.91
CA ARG D 48 -17.78 11.84 43.16
C ARG D 48 -17.55 12.54 41.83
N ALA D 49 -16.80 11.90 40.95
CA ALA D 49 -16.50 12.46 39.63
C ALA D 49 -16.21 11.39 38.58
N CYS D 50 -16.63 11.68 37.35
CA CYS D 50 -16.45 10.76 36.24
C CYS D 50 -15.67 11.41 35.13
N GLY D 51 -14.82 10.64 34.46
CA GLY D 51 -14.02 11.21 33.39
C GLY D 51 -14.58 10.98 31.99
N LEU D 52 -14.45 12.00 31.15
CA LEU D 52 -14.91 11.92 29.77
C LEU D 52 -13.68 11.87 28.86
N ASN D 53 -13.63 10.85 28.00
CA ASN D 53 -12.51 10.67 27.06
C ASN D 53 -12.98 10.53 25.61
N PHE D 54 -12.09 10.80 24.67
CA PHE D 54 -12.46 10.69 23.27
C PHE D 54 -12.85 9.25 22.91
N ALA D 55 -12.30 8.29 23.65
CA ALA D 55 -12.62 6.89 23.41
C ALA D 55 -14.09 6.60 23.74
N ASP D 56 -14.70 7.42 24.60
CA ASP D 56 -16.09 7.22 24.97
C ASP D 56 -16.95 7.60 23.77
N LEU D 57 -16.54 8.65 23.08
CA LEU D 57 -17.23 9.11 21.88
C LEU D 57 -17.17 7.98 20.86
N MET D 58 -15.96 7.49 20.61
CA MET D 58 -15.75 6.41 19.65
C MET D 58 -16.62 5.20 20.00
N ALA D 59 -16.65 4.85 21.28
CA ALA D 59 -17.46 3.71 21.72
C ALA D 59 -18.92 3.99 21.46
N ARG D 60 -19.31 5.25 21.63
CA ARG D 60 -20.69 5.63 21.42
C ARG D 60 -21.08 5.41 19.96
N GLN D 61 -20.19 5.79 19.05
CA GLN D 61 -20.44 5.62 17.62
C GLN D 61 -20.26 4.16 17.23
N GLY D 62 -20.02 3.31 18.23
CA GLY D 62 -19.83 1.89 17.97
C GLY D 62 -18.49 1.50 17.35
N LEU D 63 -17.43 2.24 17.65
CA LEU D 63 -16.11 1.96 17.09
C LEU D 63 -15.10 1.38 18.08
N TYR D 64 -15.58 0.93 19.24
CA TYR D 64 -14.67 0.36 20.24
C TYR D 64 -14.99 -1.12 20.49
N ASP D 65 -14.01 -1.97 20.18
CA ASP D 65 -14.14 -3.42 20.33
C ASP D 65 -14.50 -3.95 21.71
N ARG D 66 -13.60 -3.75 22.66
CA ARG D 66 -13.78 -4.23 24.03
C ARG D 66 -15.07 -3.81 24.73
N LEU D 67 -15.82 -2.89 24.13
CA LEU D 67 -17.07 -2.44 24.72
C LEU D 67 -18.02 -3.64 24.74
N PRO D 68 -18.53 -4.02 25.94
CA PRO D 68 -19.43 -5.16 26.07
C PRO D 68 -20.76 -5.00 25.32
N PRO D 69 -21.55 -6.07 25.22
CA PRO D 69 -22.84 -6.02 24.52
C PRO D 69 -23.82 -5.02 25.13
N LEU D 70 -24.61 -4.38 24.28
CA LEU D 70 -25.58 -3.39 24.73
C LEU D 70 -26.85 -4.02 25.29
N PRO D 71 -27.55 -3.29 26.19
CA PRO D 71 -27.16 -1.95 26.64
C PRO D 71 -26.06 -2.05 27.70
N VAL D 72 -25.37 -0.93 27.94
CA VAL D 72 -24.30 -0.90 28.94
C VAL D 72 -23.92 0.52 29.32
N THR D 73 -23.42 0.66 30.54
CA THR D 73 -22.99 1.95 31.06
C THR D 73 -21.55 2.17 30.63
N PRO D 74 -21.28 3.27 29.91
CA PRO D 74 -19.93 3.59 29.44
C PRO D 74 -19.11 4.33 30.52
N GLY D 75 -17.90 4.76 30.17
CA GLY D 75 -17.04 5.46 31.11
C GLY D 75 -15.83 4.62 31.48
N MET D 76 -14.63 5.18 31.30
CA MET D 76 -13.38 4.45 31.59
C MET D 76 -12.72 4.79 32.93
N GLU D 77 -12.90 6.01 33.41
CA GLU D 77 -12.29 6.44 34.66
C GLU D 77 -13.25 7.18 35.57
N GLY D 78 -12.93 7.18 36.86
CA GLY D 78 -13.74 7.88 37.84
C GLY D 78 -13.04 7.87 39.17
N ALA D 79 -13.51 8.70 40.10
CA ALA D 79 -12.92 8.76 41.43
C ALA D 79 -14.01 8.85 42.49
N GLY D 80 -13.83 8.14 43.60
CA GLY D 80 -14.83 8.16 44.65
C GLY D 80 -14.36 7.53 45.95
N VAL D 81 -15.32 7.08 46.75
CA VAL D 81 -15.01 6.45 48.05
C VAL D 81 -15.35 4.97 48.09
N VAL D 82 -14.42 4.16 48.59
CA VAL D 82 -14.65 2.73 48.70
C VAL D 82 -15.73 2.48 49.76
N ILE D 83 -16.89 2.00 49.32
CA ILE D 83 -18.01 1.73 50.23
C ILE D 83 -18.01 0.33 50.81
N ALA D 84 -17.26 -0.59 50.22
CA ALA D 84 -17.20 -1.97 50.71
C ALA D 84 -16.22 -2.79 49.91
N VAL D 85 -15.51 -3.68 50.58
CA VAL D 85 -14.52 -4.52 49.93
C VAL D 85 -14.92 -5.98 50.04
N GLY D 86 -14.31 -6.82 49.22
CA GLY D 86 -14.63 -8.24 49.26
C GLY D 86 -13.49 -9.10 49.77
N GLU D 87 -13.78 -10.38 49.96
CA GLU D 87 -12.79 -11.33 50.43
C GLU D 87 -11.56 -11.23 49.53
N GLY D 88 -10.38 -11.15 50.13
CA GLY D 88 -9.17 -11.08 49.33
C GLY D 88 -8.42 -9.76 49.32
N VAL D 89 -9.11 -8.64 49.07
CA VAL D 89 -8.44 -7.34 49.04
C VAL D 89 -7.90 -6.96 50.42
N SER D 90 -6.58 -7.03 50.54
CA SER D 90 -5.86 -6.75 51.78
C SER D 90 -5.31 -5.34 51.90
N ASP D 91 -5.42 -4.54 50.84
CA ASP D 91 -4.87 -3.19 50.87
C ASP D 91 -5.86 -2.08 50.64
N ARG D 92 -7.14 -2.39 50.74
CA ARG D 92 -8.19 -1.40 50.56
C ARG D 92 -9.24 -1.67 51.63
N LYS D 93 -9.97 -0.63 52.02
CA LYS D 93 -11.02 -0.78 53.02
C LYS D 93 -12.01 0.36 52.94
N ALA D 94 -13.20 0.14 53.47
CA ALA D 94 -14.24 1.16 53.45
C ALA D 94 -13.64 2.50 53.87
N GLY D 95 -14.05 3.56 53.20
CA GLY D 95 -13.53 4.88 53.52
C GLY D 95 -12.43 5.38 52.60
N ASP D 96 -11.60 4.47 52.08
CA ASP D 96 -10.51 4.85 51.19
C ASP D 96 -10.93 5.69 49.97
N ARG D 97 -10.12 6.70 49.65
CA ARG D 97 -10.35 7.56 48.49
C ARG D 97 -9.53 6.95 47.36
N VAL D 98 -10.20 6.60 46.27
CA VAL D 98 -9.51 5.98 45.15
C VAL D 98 -9.97 6.51 43.82
N MET D 99 -9.14 6.32 42.80
CA MET D 99 -9.46 6.71 41.43
C MET D 99 -9.44 5.35 40.69
N VAL D 100 -10.42 5.14 39.81
CA VAL D 100 -10.54 3.87 39.13
C VAL D 100 -10.44 3.90 37.61
N LEU D 101 -10.00 2.78 37.05
CA LEU D 101 -9.83 2.63 35.61
C LEU D 101 -10.55 1.36 35.21
N ASN D 102 -11.35 1.41 34.14
CA ASN D 102 -12.09 0.23 33.69
C ASN D 102 -12.55 0.41 32.25
N ARG D 103 -12.94 -0.67 31.59
CA ARG D 103 -13.39 -0.59 30.21
C ARG D 103 -14.76 0.05 30.05
N SER D 104 -15.55 0.04 31.13
CA SER D 104 -16.87 0.65 31.10
C SER D 104 -17.52 0.63 32.48
N GLY D 105 -18.66 1.28 32.61
CA GLY D 105 -19.37 1.30 33.88
C GLY D 105 -19.10 2.43 34.85
N MET D 106 -18.21 3.35 34.50
CA MET D 106 -17.86 4.45 35.40
C MET D 106 -18.84 5.63 35.39
N TRP D 107 -19.71 5.68 34.41
CA TRP D 107 -20.68 6.78 34.31
C TRP D 107 -21.95 6.54 35.13
N GLN D 108 -21.77 6.22 36.41
CA GLN D 108 -22.88 5.98 37.32
C GLN D 108 -22.48 6.26 38.76
N GLU D 109 -23.46 6.47 39.64
CA GLU D 109 -23.19 6.75 41.05
C GLU D 109 -22.41 5.68 41.79
N GLU D 110 -22.75 4.40 41.54
CA GLU D 110 -22.07 3.30 42.21
C GLU D 110 -21.60 2.23 41.22
N VAL D 111 -20.46 1.61 41.53
CA VAL D 111 -19.91 0.57 40.67
C VAL D 111 -19.00 -0.38 41.43
N THR D 112 -19.01 -1.64 41.05
CA THR D 112 -18.19 -2.67 41.66
C THR D 112 -17.10 -3.01 40.65
N VAL D 113 -15.85 -2.89 41.06
CA VAL D 113 -14.73 -3.15 40.16
C VAL D 113 -13.62 -3.95 40.83
N PRO D 114 -12.66 -4.45 40.04
CA PRO D 114 -11.55 -5.21 40.61
C PRO D 114 -10.68 -4.26 41.44
N SER D 115 -10.16 -4.74 42.57
CA SER D 115 -9.36 -3.92 43.45
C SER D 115 -8.03 -3.45 42.87
N VAL D 116 -7.36 -4.30 42.09
CA VAL D 116 -6.09 -3.95 41.48
C VAL D 116 -6.20 -2.93 40.35
N GLN D 117 -7.41 -2.42 40.16
CA GLN D 117 -7.65 -1.42 39.13
C GLN D 117 -7.99 -0.09 39.78
N THR D 118 -7.75 -0.01 41.09
CA THR D 118 -8.01 1.21 41.86
C THR D 118 -6.69 1.67 42.50
N PHE D 119 -6.54 2.99 42.62
CA PHE D 119 -5.32 3.57 43.18
C PHE D 119 -5.70 4.63 44.20
N LEU D 120 -4.88 4.76 45.24
CA LEU D 120 -5.14 5.73 46.29
C LEU D 120 -4.86 7.15 45.80
N ILE D 121 -5.82 8.03 46.03
CA ILE D 121 -5.70 9.44 45.63
C ILE D 121 -4.79 10.17 46.62
N PRO D 122 -3.82 10.96 46.13
CA PRO D 122 -2.95 11.69 47.06
C PRO D 122 -3.75 12.59 48.00
N GLU D 123 -3.30 12.68 49.25
CA GLU D 123 -3.99 13.49 50.26
C GLU D 123 -4.31 14.92 49.86
N ALA D 124 -3.47 15.51 49.02
CA ALA D 124 -3.68 16.88 48.58
C ALA D 124 -4.50 17.01 47.30
N MET D 125 -4.84 15.88 46.70
CA MET D 125 -5.59 15.89 45.44
C MET D 125 -7.10 15.78 45.67
N THR D 126 -7.87 16.55 44.92
CA THR D 126 -9.32 16.50 45.05
C THR D 126 -9.87 15.37 44.20
N PHE D 127 -11.16 15.10 44.36
CA PHE D 127 -11.82 14.06 43.59
C PHE D 127 -11.88 14.44 42.12
N GLU D 128 -12.11 15.73 41.84
CA GLU D 128 -12.16 16.20 40.46
C GLU D 128 -10.81 15.99 39.77
N GLU D 129 -9.74 16.46 40.41
CA GLU D 129 -8.41 16.33 39.86
C GLU D 129 -8.05 14.86 39.68
N ALA D 130 -8.52 14.03 40.60
CA ALA D 130 -8.23 12.60 40.54
C ALA D 130 -8.94 11.95 39.36
N ALA D 131 -10.17 12.39 39.10
CA ALA D 131 -10.95 11.84 38.00
C ALA D 131 -10.33 12.24 36.66
N ALA D 132 -9.51 13.28 36.68
CA ALA D 132 -8.86 13.79 35.48
C ALA D 132 -7.44 13.29 35.29
N LEU D 133 -6.94 12.51 36.23
CA LEU D 133 -5.56 12.03 36.16
C LEU D 133 -5.20 10.79 35.34
N LEU D 134 -5.76 9.65 35.73
CA LEU D 134 -5.44 8.37 35.10
C LEU D 134 -5.33 8.25 33.57
N VAL D 135 -6.44 8.29 32.84
CA VAL D 135 -6.40 8.13 31.38
C VAL D 135 -5.46 9.07 30.64
N ASN D 136 -5.64 10.38 30.84
CA ASN D 136 -4.83 11.40 30.17
C ASN D 136 -3.33 11.36 30.47
N TYR D 137 -2.95 11.21 31.75
CA TYR D 137 -1.54 11.18 32.13
C TYR D 137 -0.85 9.84 31.84
N ILE D 138 -1.55 8.72 32.02
CA ILE D 138 -0.94 7.43 31.71
C ILE D 138 -0.68 7.39 30.19
N THR D 139 -1.65 7.87 29.41
CA THR D 139 -1.51 7.88 27.95
C THR D 139 -0.33 8.73 27.53
N ALA D 140 -0.31 9.95 28.00
CA ALA D 140 0.78 10.87 27.69
C ALA D 140 2.14 10.33 28.13
N TYR D 141 2.17 9.66 29.27
CA TYR D 141 3.42 9.13 29.81
C TYR D 141 3.94 7.95 28.98
N MET D 142 3.07 7.01 28.65
CA MET D 142 3.49 5.86 27.87
C MET D 142 3.80 6.27 26.42
N VAL D 143 3.10 7.28 25.92
CA VAL D 143 3.34 7.75 24.56
C VAL D 143 4.68 8.45 24.44
N LEU D 144 5.00 9.29 25.43
CA LEU D 144 6.25 10.05 25.42
C LEU D 144 7.51 9.31 25.87
N PHE D 145 7.38 8.48 26.91
CA PHE D 145 8.53 7.76 27.41
C PHE D 145 8.63 6.32 26.88
N ASP D 146 7.68 5.45 27.22
CA ASP D 146 7.73 4.06 26.78
C ASP D 146 7.96 3.92 25.28
N PHE D 147 7.19 4.65 24.47
CA PHE D 147 7.35 4.59 23.02
C PHE D 147 8.24 5.69 22.51
N GLY D 148 7.96 6.92 22.92
CA GLY D 148 8.74 8.04 22.45
C GLY D 148 10.18 8.11 22.94
N ASN D 149 10.43 7.55 24.13
CA ASN D 149 11.77 7.60 24.71
C ASN D 149 12.31 9.05 24.75
N LEU D 150 11.47 9.97 25.21
CA LEU D 150 11.82 11.40 25.31
C LEU D 150 13.18 11.64 25.99
N GLN D 151 14.01 12.43 25.34
CA GLN D 151 15.35 12.72 25.86
C GLN D 151 15.57 14.24 25.91
N PRO D 152 16.54 14.70 26.74
CA PRO D 152 16.85 16.13 26.86
C PRO D 152 17.27 16.67 25.50
N GLY D 153 16.74 17.84 25.14
CA GLY D 153 17.10 18.42 23.85
C GLY D 153 16.16 18.11 22.71
N HIS D 154 15.23 17.19 22.94
CA HIS D 154 14.26 16.78 21.91
C HIS D 154 13.16 17.81 21.64
N SER D 155 12.52 17.67 20.48
CA SER D 155 11.41 18.54 20.10
C SER D 155 10.19 17.62 19.92
N VAL D 156 9.02 18.08 20.36
CA VAL D 156 7.79 17.30 20.29
C VAL D 156 6.60 18.06 19.72
N LEU D 157 5.80 17.38 18.90
CA LEU D 157 4.60 17.99 18.34
C LEU D 157 3.45 17.37 19.08
N VAL D 158 2.70 18.21 19.79
CA VAL D 158 1.56 17.74 20.55
C VAL D 158 0.29 18.27 19.91
N HIS D 159 -0.50 17.38 19.32
CA HIS D 159 -1.76 17.78 18.68
C HIS D 159 -2.85 17.94 19.75
N MET D 160 -3.77 18.87 19.52
CA MET D 160 -4.85 19.11 20.49
C MET D 160 -4.21 19.44 21.86
N ALA D 161 -3.17 20.26 21.81
CA ALA D 161 -2.42 20.65 23.01
C ALA D 161 -3.23 21.26 24.17
N ALA D 162 -4.46 21.69 23.90
CA ALA D 162 -5.27 22.28 24.95
C ALA D 162 -6.23 21.27 25.56
N GLY D 163 -6.30 20.09 24.96
CA GLY D 163 -7.18 19.05 25.47
C GLY D 163 -6.62 18.34 26.69
N GLY D 164 -7.26 17.24 27.08
CA GLY D 164 -6.81 16.51 28.26
C GLY D 164 -5.43 15.87 28.13
N VAL D 165 -5.29 14.98 27.15
CA VAL D 165 -4.04 14.28 26.91
C VAL D 165 -2.98 15.30 26.55
N GLY D 166 -3.38 16.27 25.72
CA GLY D 166 -2.47 17.31 25.27
C GLY D 166 -1.84 18.10 26.40
N MET D 167 -2.67 18.54 27.35
CA MET D 167 -2.19 19.31 28.50
C MET D 167 -1.29 18.47 29.38
N ALA D 168 -1.67 17.21 29.57
CA ALA D 168 -0.88 16.29 30.37
C ALA D 168 0.51 16.10 29.74
N ALA D 169 0.54 15.96 28.42
CA ALA D 169 1.81 15.77 27.69
C ALA D 169 2.72 16.98 27.82
N VAL D 170 2.16 18.17 27.74
CA VAL D 170 2.96 19.39 27.86
C VAL D 170 3.63 19.45 29.25
N GLN D 171 2.88 19.11 30.28
CA GLN D 171 3.42 19.12 31.63
C GLN D 171 4.49 18.03 31.77
N LEU D 172 4.28 16.89 31.12
CA LEU D 172 5.25 15.81 31.21
C LEU D 172 6.57 16.19 30.51
N CYS D 173 6.46 16.92 29.41
CA CYS D 173 7.66 17.35 28.69
C CYS D 173 8.58 18.22 29.54
N ARG D 174 8.01 18.96 30.48
CA ARG D 174 8.80 19.84 31.35
C ARG D 174 9.56 19.07 32.43
N THR D 175 9.24 17.79 32.61
CA THR D 175 9.96 17.01 33.60
C THR D 175 11.29 16.55 32.97
N VAL D 176 11.49 16.89 31.70
CA VAL D 176 12.71 16.54 31.00
C VAL D 176 13.38 17.82 30.54
N GLU D 177 14.70 17.90 30.73
CA GLU D 177 15.48 19.08 30.40
C GLU D 177 15.52 19.53 28.94
N ASN D 178 15.34 20.83 28.75
CA ASN D 178 15.38 21.48 27.44
C ASN D 178 14.57 20.83 26.31
N VAL D 179 13.28 20.66 26.54
CA VAL D 179 12.43 20.06 25.50
C VAL D 179 11.55 21.11 24.82
N THR D 180 11.68 21.21 23.50
CA THR D 180 10.92 22.15 22.71
C THR D 180 9.58 21.53 22.37
N VAL D 181 8.50 22.28 22.59
CA VAL D 181 7.15 21.79 22.33
C VAL D 181 6.35 22.59 21.31
N PHE D 182 5.85 21.89 20.29
CA PHE D 182 5.01 22.51 19.29
C PHE D 182 3.63 21.97 19.63
N GLY D 183 2.62 22.85 19.69
CA GLY D 183 1.28 22.41 20.03
C GLY D 183 0.21 23.04 19.15
N THR D 184 -0.68 22.20 18.62
CA THR D 184 -1.75 22.70 17.77
C THR D 184 -3.05 22.89 18.57
N ALA D 185 -3.76 23.98 18.26
CA ALA D 185 -5.04 24.32 18.90
C ALA D 185 -5.51 25.67 18.36
N SER D 186 -6.80 25.95 18.48
CA SER D 186 -7.38 27.21 18.02
C SER D 186 -6.61 28.41 18.59
N ALA D 187 -6.64 29.53 17.88
CA ALA D 187 -5.94 30.73 18.32
C ALA D 187 -6.51 31.22 19.64
N SER D 188 -7.80 30.97 19.86
CA SER D 188 -8.45 31.38 21.09
C SER D 188 -7.91 30.61 22.30
N LYS D 189 -6.89 29.79 22.08
CA LYS D 189 -6.31 29.01 23.16
C LYS D 189 -4.82 29.17 23.33
N HIS D 190 -4.19 29.92 22.44
CA HIS D 190 -2.73 30.10 22.50
C HIS D 190 -2.18 30.70 23.78
N GLU D 191 -3.01 31.41 24.54
CA GLU D 191 -2.52 31.99 25.78
C GLU D 191 -2.44 30.89 26.84
N ALA D 192 -3.49 30.06 26.91
CA ALA D 192 -3.55 28.95 27.85
C ALA D 192 -2.44 27.93 27.56
N LEU D 193 -2.10 27.81 26.27
CA LEU D 193 -1.06 26.89 25.83
C LEU D 193 0.30 27.33 26.37
N LYS D 194 0.72 28.53 25.99
CA LYS D 194 2.01 29.08 26.42
C LYS D 194 2.17 29.14 27.93
N GLU D 195 1.06 29.11 28.66
CA GLU D 195 1.10 29.16 30.10
C GLU D 195 1.36 27.79 30.68
N ASN D 196 0.79 26.77 30.05
CA ASN D 196 0.99 25.39 30.51
C ASN D 196 2.40 24.93 30.15
N GLY D 197 3.04 25.63 29.21
CA GLY D 197 4.39 25.28 28.81
C GLY D 197 4.68 25.08 27.33
N VAL D 198 3.69 25.34 26.46
CA VAL D 198 3.89 25.16 25.01
C VAL D 198 4.85 26.21 24.48
N THR D 199 5.93 25.75 23.83
CA THR D 199 6.92 26.67 23.29
C THR D 199 6.46 27.36 22.01
N HIS D 200 5.75 26.64 21.16
CA HIS D 200 5.27 27.20 19.90
C HIS D 200 3.83 26.86 19.54
N PRO D 201 2.88 27.75 19.88
CA PRO D 201 1.48 27.47 19.56
C PRO D 201 1.28 27.58 18.06
N ILE D 202 0.33 26.82 17.54
CA ILE D 202 0.03 26.81 16.12
C ILE D 202 -1.44 26.54 15.92
N ASP D 203 -2.09 27.37 15.11
CA ASP D 203 -3.50 27.21 14.81
C ASP D 203 -3.57 26.43 13.51
N TYR D 204 -3.93 25.15 13.58
CA TYR D 204 -3.99 24.34 12.38
C TYR D 204 -5.24 24.54 11.53
N HIS D 205 -5.94 25.64 11.80
CA HIS D 205 -7.15 25.99 11.07
C HIS D 205 -6.88 27.22 10.21
N THR D 206 -5.90 28.02 10.62
CA THR D 206 -5.56 29.24 9.89
C THR D 206 -4.21 29.17 9.19
N THR D 207 -3.54 28.01 9.31
CA THR D 207 -2.23 27.79 8.69
C THR D 207 -1.96 26.30 8.54
N ASP D 208 -0.87 25.97 7.86
CA ASP D 208 -0.48 24.58 7.69
C ASP D 208 0.55 24.31 8.78
N TYR D 209 0.20 23.48 9.76
CA TYR D 209 1.13 23.20 10.84
C TYR D 209 2.45 22.57 10.39
N VAL D 210 2.43 21.85 9.28
CA VAL D 210 3.66 21.22 8.78
C VAL D 210 4.67 22.29 8.36
N ASP D 211 4.19 23.33 7.68
CA ASP D 211 5.07 24.43 7.25
C ASP D 211 5.49 25.26 8.43
N GLU D 212 4.55 25.54 9.32
CA GLU D 212 4.84 26.34 10.49
C GLU D 212 5.98 25.75 11.29
N ILE D 213 5.94 24.44 11.52
CA ILE D 213 7.00 23.77 12.27
C ILE D 213 8.32 23.84 11.52
N LYS D 214 8.30 23.57 10.22
CA LYS D 214 9.55 23.59 9.46
C LYS D 214 10.21 24.96 9.29
N LYS D 215 9.46 26.03 9.52
CA LYS D 215 10.05 27.37 9.43
C LYS D 215 10.93 27.55 10.65
N ILE D 216 10.56 26.90 11.74
CA ILE D 216 11.29 26.99 12.99
C ILE D 216 12.33 25.88 13.17
N SER D 217 11.95 24.65 12.84
CA SER D 217 12.85 23.49 12.96
C SER D 217 12.78 22.71 11.66
N PRO D 218 13.60 23.10 10.68
CA PRO D 218 13.69 22.50 9.35
C PRO D 218 13.72 20.97 9.24
N LYS D 219 14.47 20.30 10.11
CA LYS D 219 14.53 18.83 10.04
C LYS D 219 13.26 18.15 10.57
N GLY D 220 12.42 18.90 11.28
CA GLY D 220 11.20 18.32 11.82
C GLY D 220 11.33 18.10 13.32
N VAL D 221 10.59 17.12 13.84
CA VAL D 221 10.62 16.85 15.28
C VAL D 221 11.02 15.42 15.62
N ASP D 222 11.36 15.19 16.88
CA ASP D 222 11.75 13.88 17.37
C ASP D 222 10.57 12.97 17.67
N ILE D 223 9.50 13.55 18.19
CA ILE D 223 8.29 12.80 18.51
C ILE D 223 7.02 13.53 18.09
N VAL D 224 6.10 12.78 17.47
CA VAL D 224 4.82 13.31 17.05
C VAL D 224 3.72 12.52 17.77
N MET D 225 2.89 13.22 18.54
CA MET D 225 1.78 12.59 19.24
C MET D 225 0.55 12.76 18.31
N ASP D 226 -0.03 11.65 17.88
CA ASP D 226 -1.16 11.68 16.97
C ASP D 226 -2.51 11.13 17.46
N PRO D 227 -3.41 12.01 17.91
CA PRO D 227 -4.73 11.59 18.38
C PRO D 227 -5.76 11.75 17.25
N LEU D 228 -5.27 12.26 16.11
CA LEU D 228 -6.08 12.54 14.92
C LEU D 228 -6.30 11.39 13.95
N GLY D 229 -5.22 10.78 13.49
CA GLY D 229 -5.35 9.69 12.54
C GLY D 229 -5.59 10.25 11.14
N GLY D 230 -6.13 9.43 10.26
CA GLY D 230 -6.40 9.86 8.90
C GLY D 230 -5.16 10.39 8.19
N SER D 231 -5.30 11.53 7.52
CA SER D 231 -4.20 12.14 6.77
C SER D 231 -3.10 12.73 7.66
N ASP D 232 -3.42 13.04 8.91
CA ASP D 232 -2.46 13.62 9.82
C ASP D 232 -1.34 12.67 10.30
N THR D 233 -1.57 11.36 10.19
CA THR D 233 -0.55 10.38 10.60
C THR D 233 0.61 10.45 9.62
N ALA D 234 0.28 10.51 8.33
CA ALA D 234 1.30 10.59 7.28
C ALA D 234 2.06 11.91 7.38
N LYS D 235 1.37 12.99 7.70
CA LYS D 235 2.05 14.27 7.85
C LYS D 235 2.94 14.19 9.10
N GLY D 236 2.48 13.41 10.08
CA GLY D 236 3.26 13.26 11.30
C GLY D 236 4.52 12.47 10.99
N TYR D 237 4.35 11.35 10.31
CA TYR D 237 5.46 10.49 9.92
C TYR D 237 6.51 11.27 9.13
N ASN D 238 6.06 12.10 8.19
CA ASN D 238 6.98 12.88 7.36
C ASN D 238 7.59 14.11 8.02
N LEU D 239 7.19 14.38 9.25
CA LEU D 239 7.71 15.52 9.98
C LEU D 239 8.82 15.01 10.92
N LEU D 240 9.03 13.70 10.93
CA LEU D 240 10.03 13.08 11.80
C LEU D 240 11.50 13.22 11.41
N LYS D 241 12.32 13.50 12.41
CA LYS D 241 13.77 13.60 12.24
C LYS D 241 14.31 12.17 12.35
N PRO D 242 15.58 11.96 11.98
CA PRO D 242 16.11 10.60 12.08
C PRO D 242 15.95 10.11 13.51
N MET D 243 15.59 8.84 13.67
CA MET D 243 15.40 8.21 14.98
C MET D 243 14.09 8.67 15.64
N GLY D 244 13.29 9.46 14.93
CA GLY D 244 12.05 9.93 15.51
C GLY D 244 10.89 8.96 15.43
N LYS D 245 9.85 9.22 16.22
CA LYS D 245 8.67 8.36 16.17
C LYS D 245 7.33 9.09 16.20
N VAL D 246 6.37 8.50 15.52
CA VAL D 246 5.02 9.03 15.50
C VAL D 246 4.17 8.01 16.25
N VAL D 247 3.44 8.48 17.26
CA VAL D 247 2.61 7.59 18.06
C VAL D 247 1.16 7.96 17.89
N THR D 248 0.40 7.06 17.26
CA THR D 248 -1.01 7.28 17.07
C THR D 248 -1.75 6.62 18.23
N TYR D 249 -2.58 7.38 18.91
CA TYR D 249 -3.32 6.85 20.03
C TYR D 249 -4.79 7.26 20.00
N GLY D 250 -5.24 7.65 18.81
CA GLY D 250 -6.64 8.06 18.66
C GLY D 250 -6.97 8.34 17.20
N MET D 251 -8.25 8.31 16.88
CA MET D 251 -8.75 8.56 15.52
C MET D 251 -9.78 9.69 15.54
N ALA D 252 -9.42 10.83 16.13
CA ALA D 252 -10.33 11.97 16.21
C ALA D 252 -10.94 12.38 14.87
N ASN D 253 -10.14 12.35 13.81
CA ASN D 253 -10.63 12.76 12.49
C ASN D 253 -11.84 11.99 11.96
N LEU D 254 -12.13 10.82 12.52
CA LEU D 254 -13.27 10.05 12.07
C LEU D 254 -14.60 10.73 12.42
N LEU D 255 -14.53 11.85 13.12
CA LEU D 255 -15.73 12.57 13.50
C LEU D 255 -15.67 14.02 13.03
N THR D 256 -15.04 14.24 11.88
CA THR D 256 -14.91 15.58 11.33
C THR D 256 -15.54 15.66 9.95
N ALA D 264 -17.03 2.22 8.61
CA ALA D 264 -15.89 2.09 7.70
C ALA D 264 -15.99 3.09 6.55
N LEU D 265 -15.54 4.31 6.83
CA LEU D 265 -15.56 5.39 5.86
C LEU D 265 -14.36 5.27 4.91
N ALA D 266 -14.31 6.13 3.87
CA ALA D 266 -13.21 6.11 2.89
C ALA D 266 -11.86 6.48 3.50
N ARG D 267 -11.88 7.33 4.52
CA ARG D 267 -10.66 7.74 5.21
C ARG D 267 -10.18 6.58 6.07
N THR D 268 -11.10 5.65 6.32
CA THR D 268 -10.80 4.46 7.12
C THR D 268 -10.24 3.39 6.20
N TRP D 269 -10.68 3.43 4.95
CA TRP D 269 -10.25 2.47 3.95
C TRP D 269 -8.86 2.73 3.37
N TRP D 270 -8.81 3.53 2.30
CA TRP D 270 -7.55 3.85 1.61
C TRP D 270 -6.72 4.95 2.26
N ASN D 271 -7.40 5.91 2.89
CA ASN D 271 -6.69 7.00 3.56
C ASN D 271 -5.87 6.43 4.70
N GLN D 272 -6.27 5.24 5.15
CA GLN D 272 -5.57 4.56 6.23
C GLN D 272 -4.15 4.33 5.73
N PHE D 273 -3.27 5.30 6.01
CA PHE D 273 -1.88 5.27 5.58
C PHE D 273 -1.13 4.04 6.08
N SER D 274 -0.09 3.67 5.35
CA SER D 274 0.72 2.50 5.70
C SER D 274 2.20 2.70 5.36
N VAL D 275 3.04 1.90 6.00
CA VAL D 275 4.48 1.96 5.76
C VAL D 275 5.03 0.54 5.75
N THR D 276 6.12 0.35 5.00
CA THR D 276 6.76 -0.95 4.92
C THR D 276 8.04 -0.88 5.76
N ALA D 277 8.59 -2.05 6.09
CA ALA D 277 9.80 -2.12 6.86
C ALA D 277 10.96 -1.45 6.10
N LEU D 278 11.00 -1.60 4.78
CA LEU D 278 12.08 -1.00 4.00
C LEU D 278 12.07 0.52 4.05
N GLN D 279 10.88 1.11 4.00
CA GLN D 279 10.76 2.56 4.06
C GLN D 279 11.28 3.02 5.41
N LEU D 280 10.87 2.32 6.45
CA LEU D 280 11.29 2.68 7.80
C LEU D 280 12.79 2.62 7.92
N LEU D 281 13.39 1.55 7.41
CA LEU D 281 14.83 1.36 7.47
C LEU D 281 15.60 2.48 6.76
N GLN D 282 15.18 2.82 5.55
CA GLN D 282 15.87 3.87 4.81
C GLN D 282 15.66 5.28 5.38
N ALA D 283 14.67 5.43 6.25
CA ALA D 283 14.39 6.74 6.87
C ALA D 283 14.77 6.82 8.35
N ASN D 284 15.08 5.69 8.97
CA ASN D 284 15.43 5.67 10.40
C ASN D 284 14.27 6.25 11.22
N ARG D 285 13.08 5.73 10.98
CA ARG D 285 11.89 6.17 11.69
C ARG D 285 11.18 5.01 12.34
N ALA D 286 10.15 5.35 13.11
CA ALA D 286 9.34 4.36 13.80
C ALA D 286 7.87 4.82 13.87
N VAL D 287 6.94 3.87 13.71
CA VAL D 287 5.51 4.16 13.80
C VAL D 287 5.02 3.31 14.96
N CYS D 288 4.28 3.94 15.86
CA CYS D 288 3.79 3.26 17.04
C CYS D 288 2.28 3.46 17.21
N GLY D 289 1.65 2.57 17.97
CA GLY D 289 0.23 2.67 18.22
C GLY D 289 -0.03 2.40 19.70
N PHE D 290 -0.90 3.21 20.31
CA PHE D 290 -1.21 3.03 21.72
C PHE D 290 -2.67 3.28 22.09
N HIS D 291 -3.24 2.38 22.88
CA HIS D 291 -4.61 2.55 23.35
C HIS D 291 -4.80 1.85 24.68
N LEU D 292 -5.02 2.66 25.72
CA LEU D 292 -5.18 2.15 27.07
C LEU D 292 -6.31 1.14 27.21
N GLY D 293 -7.36 1.31 26.42
CA GLY D 293 -8.48 0.38 26.47
C GLY D 293 -8.13 -1.00 25.93
N TYR D 294 -7.09 -1.09 25.12
CA TYR D 294 -6.68 -2.37 24.54
C TYR D 294 -5.52 -3.00 25.29
N LEU D 295 -5.18 -2.44 26.44
CA LEU D 295 -4.09 -2.95 27.24
C LEU D 295 -4.64 -4.04 28.16
N ASP D 296 -4.86 -5.21 27.57
CA ASP D 296 -5.40 -6.39 28.24
C ASP D 296 -4.74 -6.78 29.57
N GLY D 297 -5.47 -6.55 30.66
CA GLY D 297 -4.99 -6.88 31.99
C GLY D 297 -3.49 -6.80 32.25
N GLU D 298 -2.84 -5.76 31.76
CA GLU D 298 -1.42 -5.56 31.99
C GLU D 298 -1.31 -4.70 33.24
N VAL D 299 -1.82 -5.22 34.36
CA VAL D 299 -1.84 -4.50 35.63
C VAL D 299 -0.49 -4.00 36.16
N GLU D 300 0.51 -4.86 36.16
CA GLU D 300 1.83 -4.47 36.65
C GLU D 300 2.38 -3.31 35.84
N LEU D 301 2.22 -3.40 34.52
CA LEU D 301 2.69 -2.36 33.59
C LEU D 301 2.04 -1.00 33.90
N VAL D 302 0.71 -0.95 33.98
CA VAL D 302 0.01 0.30 34.27
C VAL D 302 0.24 0.79 35.71
N SER D 303 0.34 -0.12 36.67
CA SER D 303 0.58 0.28 38.07
C SER D 303 1.93 0.98 38.20
N GLY D 304 2.90 0.51 37.40
CA GLY D 304 4.24 1.10 37.42
C GLY D 304 4.18 2.54 36.96
N VAL D 305 3.35 2.81 35.96
CA VAL D 305 3.19 4.15 35.44
C VAL D 305 2.44 5.05 36.46
N VAL D 306 1.39 4.54 37.09
CA VAL D 306 0.66 5.35 38.06
C VAL D 306 1.57 5.70 39.24
N ALA D 307 2.38 4.74 39.69
CA ALA D 307 3.30 5.02 40.80
C ALA D 307 4.29 6.12 40.42
N ARG D 308 4.64 6.19 39.13
CA ARG D 308 5.58 7.21 38.68
C ARG D 308 4.89 8.56 38.60
N LEU D 309 3.62 8.59 38.22
CA LEU D 309 2.90 9.85 38.11
C LEU D 309 2.67 10.44 39.50
N LEU D 310 2.39 9.59 40.48
CA LEU D 310 2.18 10.08 41.84
C LEU D 310 3.45 10.72 42.42
N ALA D 311 4.61 10.18 42.06
CA ALA D 311 5.88 10.74 42.55
C ALA D 311 6.15 12.10 41.89
N LEU D 312 5.74 12.23 40.63
CA LEU D 312 5.94 13.49 39.91
C LEU D 312 4.93 14.50 40.45
N TYR D 313 3.79 14.00 40.93
CA TYR D 313 2.78 14.87 41.51
C TYR D 313 3.40 15.52 42.75
N ASN D 314 4.09 14.71 43.56
CA ASN D 314 4.73 15.23 44.76
C ASN D 314 5.78 16.29 44.45
N GLN D 315 6.57 16.01 43.40
CA GLN D 315 7.63 16.90 42.95
C GLN D 315 7.07 18.21 42.44
N GLY D 316 5.77 18.22 42.18
CA GLY D 316 5.11 19.42 41.71
C GLY D 316 4.99 19.60 40.21
N HIS D 317 5.15 18.52 39.44
CA HIS D 317 5.05 18.59 37.98
C HIS D 317 3.68 18.24 37.38
N ILE D 318 2.87 17.49 38.11
CA ILE D 318 1.56 17.09 37.62
C ILE D 318 0.39 17.90 38.21
N LYS D 319 -0.26 18.70 37.36
CA LYS D 319 -1.40 19.51 37.81
C LYS D 319 -2.62 19.41 36.87
N PRO D 320 -3.48 18.41 37.08
CA PRO D 320 -4.68 18.17 36.27
C PRO D 320 -5.58 19.41 36.17
N HIS D 321 -5.86 19.83 34.95
CA HIS D 321 -6.70 21.01 34.73
C HIS D 321 -8.12 20.63 34.30
N ILE D 322 -9.11 21.17 35.04
CA ILE D 322 -10.51 20.90 34.78
C ILE D 322 -11.15 21.99 33.91
N ASP D 323 -11.77 21.57 32.82
CA ASP D 323 -12.43 22.50 31.90
C ASP D 323 -13.87 22.78 32.34
N SER D 324 -14.60 21.73 32.74
CA SER D 324 -15.98 21.89 33.14
C SER D 324 -16.53 20.63 33.75
N VAL D 325 -17.55 20.77 34.59
CA VAL D 325 -18.19 19.63 35.25
C VAL D 325 -19.68 19.68 34.93
N TRP D 326 -20.24 18.52 34.61
CA TRP D 326 -21.65 18.43 34.25
C TRP D 326 -22.37 17.32 35.00
N PRO D 327 -23.67 17.51 35.24
CA PRO D 327 -24.47 16.49 35.94
C PRO D 327 -24.93 15.51 34.87
N PHE D 328 -25.16 14.26 35.26
CA PHE D 328 -25.61 13.26 34.30
C PHE D 328 -26.70 13.83 33.37
N GLU D 329 -27.55 14.68 33.94
CA GLU D 329 -28.65 15.30 33.19
C GLU D 329 -28.20 16.01 31.91
N LYS D 330 -26.99 16.56 31.89
CA LYS D 330 -26.50 17.26 30.70
C LYS D 330 -25.33 16.57 30.00
N VAL D 331 -25.25 15.25 30.12
CA VAL D 331 -24.17 14.49 29.50
C VAL D 331 -24.03 14.85 28.02
N ALA D 332 -25.14 15.19 27.39
CA ALA D 332 -25.13 15.55 25.97
C ALA D 332 -24.29 16.79 25.66
N ASP D 333 -24.34 17.79 26.53
CA ASP D 333 -23.56 19.00 26.31
C ASP D 333 -22.11 18.77 26.70
N ALA D 334 -21.89 17.76 27.55
CA ALA D 334 -20.55 17.39 27.98
C ALA D 334 -19.80 16.74 26.82
N MET D 335 -20.42 15.71 26.23
CA MET D 335 -19.81 15.01 25.09
C MET D 335 -19.64 16.02 23.97
N LYS D 336 -20.60 16.95 23.90
CA LYS D 336 -20.57 17.98 22.88
C LYS D 336 -19.40 18.93 23.17
N GLN D 337 -19.16 19.18 24.44
CA GLN D 337 -18.07 20.06 24.87
C GLN D 337 -16.72 19.60 24.28
N MET D 338 -16.47 18.31 24.38
CA MET D 338 -15.21 17.75 23.89
C MET D 338 -15.23 17.44 22.39
N GLN D 339 -16.32 16.82 21.91
CA GLN D 339 -16.43 16.45 20.50
C GLN D 339 -16.35 17.65 19.56
N GLU D 340 -16.79 18.81 20.02
CA GLU D 340 -16.74 20.00 19.20
C GLU D 340 -15.45 20.75 19.50
N LYS D 341 -14.53 20.06 20.18
CA LYS D 341 -13.22 20.59 20.54
C LYS D 341 -13.19 21.99 21.13
N LYS D 342 -14.00 22.24 22.16
CA LYS D 342 -14.00 23.56 22.75
C LYS D 342 -13.44 23.56 24.17
N ASN D 343 -13.19 22.37 24.70
CA ASN D 343 -12.67 22.23 26.06
C ASN D 343 -11.19 22.55 26.16
N VAL D 344 -10.84 23.21 27.27
CA VAL D 344 -9.46 23.55 27.57
C VAL D 344 -9.19 22.79 28.87
N GLY D 345 -8.89 21.50 28.73
CA GLY D 345 -8.63 20.68 29.90
C GLY D 345 -9.65 19.57 29.99
N LYS D 346 -9.71 18.92 31.15
CA LYS D 346 -10.62 17.79 31.36
C LYS D 346 -12.10 18.14 31.54
N VAL D 347 -12.96 17.30 30.95
CA VAL D 347 -14.41 17.45 31.05
C VAL D 347 -14.88 16.34 31.98
N LEU D 348 -15.64 16.70 33.01
CA LEU D 348 -16.12 15.72 33.99
C LEU D 348 -17.62 15.61 34.16
N LEU D 349 -18.03 14.46 34.71
CA LEU D 349 -19.44 14.18 34.99
C LEU D 349 -19.57 13.86 36.48
N VAL D 350 -20.54 14.50 37.15
CA VAL D 350 -20.78 14.26 38.56
C VAL D 350 -22.22 13.76 38.76
N PRO D 351 -22.42 12.81 39.69
CA PRO D 351 -23.77 12.29 39.94
C PRO D 351 -24.71 13.34 40.51
N NO3 E . -21.84 -20.85 -3.49
O1 NO3 E . -20.82 -20.18 -3.67
O2 NO3 E . -21.90 -21.98 -3.90
O3 NO3 E . -22.79 -20.36 -2.90
N NO3 F . -27.29 -11.11 -6.45
O1 NO3 F . -27.82 -10.03 -6.28
O2 NO3 F . -26.13 -11.18 -6.83
O3 NO3 F . -27.94 -12.14 -6.26
N NO3 G . 8.55 15.89 -26.63
O1 NO3 G . 8.91 16.27 -27.73
O2 NO3 G . 8.54 14.70 -26.36
O3 NO3 G . 8.20 16.71 -25.79
N NO3 H . 9.29 5.33 -31.84
O1 NO3 H . 9.72 6.34 -32.38
O2 NO3 H . 9.70 4.24 -32.19
O3 NO3 H . 8.45 5.41 -30.97
N NO3 I . 28.68 -8.47 11.28
O1 NO3 I . 29.29 -7.55 10.75
O2 NO3 I . 29.26 -9.52 11.53
O3 NO3 I . 27.50 -8.35 11.57
N NO3 J . 23.35 -19.39 12.04
O1 NO3 J . 24.47 -19.64 12.42
O2 NO3 J . 22.59 -20.29 11.73
O3 NO3 J . 22.98 -18.23 11.96
N NO3 K . -9.42 14.56 27.28
O1 NO3 K . -8.50 14.44 26.48
O2 NO3 K . -9.94 13.56 27.75
O3 NO3 K . -9.81 15.66 27.60
N NO3 L . -9.70 7.94 20.34
O1 NO3 L . -9.74 9.08 19.88
O2 NO3 L . -9.92 6.99 19.61
O3 NO3 L . -9.44 7.76 21.51
#